data_4FEU
#
_entry.id   4FEU
#
_cell.length_a   57.752
_cell.length_b   94.161
_cell.length_c   96.766
_cell.angle_alpha   61.21
_cell.angle_beta   73.11
_cell.angle_gamma   87.36
#
_symmetry.space_group_name_H-M   'P 1'
#
loop_
_entity.id
_entity.type
_entity.pdbx_description
1 polymer "Aminoglycoside 3'-phosphotransferase AphA1-IAB"
2 non-polymer 'KANAMYCIN A'
3 non-polymer 2,6-DIHYDROANTHRA/1,9-CD/PYRAZOL-6-ONE
4 non-polymer 'ACETATE ION'
5 water water
#
_entity_poly.entity_id   1
_entity_poly.type   'polypeptide(L)'
_entity_poly.pdbx_seq_one_letter_code
;G(MSE)SHIQRETSCSRPRLNSNLDADLYGYRWARDNVGQSGATIYRLYGKPNAPELFLKHGKGSVANDVTDE(MSE)VR
LNWLTAF(MSE)PLPTIKHFIRTPDDAWLLTTAIPGKTAFQVLEEYPDSGENIVDALAVFLRRLHSIPVCNCPFNSDRVF
RLAQAQSR(MSE)NNGLVDASDFDDERNGWPVEQVWKE(MSE)HKLLPFSPDSVVTHGDFSLDNLIFDEGKLIGCIDVGR
VGIADRYQDLAILWNCLGEFSPSLQKRLFQKYGIDNPD(MSE)NKLQFHL(MSE)LDEFF
;
_entity_poly.pdbx_strand_id   A,B,C,D,E,F
#
loop_
_chem_comp.id
_chem_comp.type
_chem_comp.name
_chem_comp.formula
537 non-polymer 2,6-DIHYDROANTHRA/1,9-CD/PYRAZOL-6-ONE 'C14 H8 N2 O'
ACT non-polymer 'ACETATE ION' 'C2 H3 O2 -1'
KAN non-polymer 'KANAMYCIN A' 'C18 H36 N4 O11'
#
# COMPACT_ATOMS: atom_id res chain seq x y z
N LEU A 20 -11.66 18.07 -26.72
CA LEU A 20 -10.31 17.92 -26.19
C LEU A 20 -10.31 17.51 -24.72
N ASP A 21 -9.49 16.50 -24.36
CA ASP A 21 -9.34 15.95 -23.01
C ASP A 21 -8.75 16.92 -21.95
N ALA A 22 -8.38 18.18 -22.32
CA ALA A 22 -7.83 19.22 -21.43
C ALA A 22 -8.67 19.52 -20.18
N ASP A 23 -9.93 19.01 -20.12
CA ASP A 23 -10.87 19.09 -18.99
C ASP A 23 -10.47 18.09 -17.85
N LEU A 24 -9.16 17.81 -17.76
CA LEU A 24 -8.53 16.92 -16.80
C LEU A 24 -7.52 17.65 -15.90
N TYR A 25 -7.25 18.95 -16.18
CA TYR A 25 -6.31 19.72 -15.37
C TYR A 25 -6.79 19.95 -13.93
N GLY A 26 -5.87 19.95 -12.99
CA GLY A 26 -6.13 20.15 -11.58
C GLY A 26 -6.35 18.87 -10.82
N TYR A 27 -6.51 17.75 -11.55
CA TYR A 27 -6.74 16.44 -10.98
C TYR A 27 -5.48 15.73 -10.60
N ARG A 28 -5.59 14.96 -9.53
CA ARG A 28 -4.58 14.05 -9.02
C ARG A 28 -4.94 12.72 -9.66
N TRP A 29 -3.94 11.87 -9.93
CA TRP A 29 -4.12 10.59 -10.58
C TRP A 29 -3.76 9.41 -9.72
N ALA A 30 -4.54 8.33 -9.86
CA ALA A 30 -4.29 7.06 -9.21
C ALA A 30 -4.71 5.97 -10.16
N ARG A 31 -4.01 4.85 -10.15
CA ARG A 31 -4.29 3.71 -11.00
C ARG A 31 -4.96 2.62 -10.13
N ASP A 32 -6.19 2.21 -10.47
CA ASP A 32 -6.98 1.24 -9.71
C ASP A 32 -7.02 -0.16 -10.28
N ASN A 33 -6.58 -1.12 -9.46
CA ASN A 33 -6.67 -2.53 -9.79
C ASN A 33 -7.88 -3.07 -9.03
N VAL A 34 -9.03 -3.16 -9.73
CA VAL A 34 -10.27 -3.67 -9.15
C VAL A 34 -10.54 -5.11 -9.66
N GLY A 35 -9.45 -5.79 -10.02
CA GLY A 35 -9.43 -7.16 -10.54
C GLY A 35 -10.16 -7.33 -11.86
N GLN A 36 -10.13 -6.26 -12.70
CA GLN A 36 -10.78 -6.22 -14.02
C GLN A 36 -9.99 -6.97 -15.08
N SER A 37 -10.58 -7.13 -16.27
CA SER A 37 -9.95 -7.82 -17.38
C SER A 37 -9.64 -6.86 -18.55
N GLY A 38 -8.39 -6.48 -18.61
CA GLY A 38 -7.83 -5.67 -19.67
C GLY A 38 -7.61 -4.21 -19.41
N ALA A 39 -8.70 -3.48 -19.25
CA ALA A 39 -8.72 -2.01 -19.17
C ALA A 39 -7.96 -1.35 -18.05
N THR A 40 -7.27 -0.25 -18.39
CA THR A 40 -6.59 0.54 -17.37
C THR A 40 -7.63 1.52 -16.84
N ILE A 41 -7.81 1.52 -15.52
CA ILE A 41 -8.73 2.42 -14.83
C ILE A 41 -7.91 3.42 -14.03
N TYR A 42 -8.13 4.70 -14.31
CA TYR A 42 -7.52 5.80 -13.57
C TYR A 42 -8.61 6.49 -12.76
N ARG A 43 -8.32 6.81 -11.48
CA ARG A 43 -9.21 7.56 -10.60
C ARG A 43 -8.65 8.99 -10.59
N LEU A 44 -9.54 9.98 -10.80
CA LEU A 44 -9.17 11.39 -10.86
C LEU A 44 -9.82 12.08 -9.71
N TYR A 45 -8.98 12.57 -8.80
CA TYR A 45 -9.41 13.14 -7.54
C TYR A 45 -8.59 14.39 -7.19
N GLY A 46 -8.86 14.96 -6.02
CA GLY A 46 -8.12 16.09 -5.47
C GLY A 46 -8.24 17.42 -6.17
N LYS A 47 -9.22 17.57 -7.09
CA LYS A 47 -9.46 18.83 -7.79
C LYS A 47 -10.42 19.72 -7.01
N PRO A 48 -9.99 20.97 -6.69
CA PRO A 48 -10.88 21.89 -5.93
C PRO A 48 -12.26 22.12 -6.56
N ASN A 49 -13.29 21.73 -5.80
CA ASN A 49 -14.72 21.83 -6.13
C ASN A 49 -15.14 21.14 -7.44
N ALA A 50 -14.38 20.10 -7.83
CA ALA A 50 -14.64 19.33 -9.01
C ALA A 50 -14.94 17.90 -8.59
N PRO A 51 -15.80 17.14 -9.31
CA PRO A 51 -16.15 15.79 -8.83
C PRO A 51 -15.06 14.78 -9.16
N GLU A 52 -15.15 13.63 -8.52
CA GLU A 52 -14.24 12.52 -8.79
C GLU A 52 -14.60 12.04 -10.19
N LEU A 53 -13.59 11.67 -11.00
CA LEU A 53 -13.82 11.12 -12.32
C LEU A 53 -13.07 9.82 -12.47
N PHE A 54 -13.51 8.97 -13.42
CA PHE A 54 -12.82 7.74 -13.78
C PHE A 54 -12.51 7.78 -15.25
N LEU A 55 -11.32 7.34 -15.62
CA LEU A 55 -10.87 7.24 -17.02
C LEU A 55 -10.46 5.80 -17.26
N LYS A 56 -11.18 5.13 -18.15
CA LYS A 56 -10.91 3.77 -18.59
C LYS A 56 -10.14 3.85 -19.93
N HIS A 57 -9.05 3.09 -20.07
CA HIS A 57 -8.27 3.06 -21.31
C HIS A 57 -8.13 1.62 -21.76
N GLY A 58 -8.50 1.38 -23.00
CA GLY A 58 -8.41 0.07 -23.63
C GLY A 58 -7.51 0.13 -24.85
N LYS A 59 -6.52 -0.75 -24.90
CA LYS A 59 -5.54 -0.89 -25.97
C LYS A 59 -5.88 -2.19 -26.74
N GLY A 60 -5.72 -2.17 -28.06
CA GLY A 60 -5.97 -3.32 -28.92
C GLY A 60 -7.40 -3.81 -28.84
N SER A 61 -7.61 -5.10 -28.48
CA SER A 61 -8.93 -5.71 -28.38
C SER A 61 -9.73 -5.14 -27.22
N VAL A 62 -9.02 -4.62 -26.21
CA VAL A 62 -9.62 -4.01 -25.02
C VAL A 62 -10.28 -2.66 -25.39
N ALA A 63 -9.84 -2.05 -26.50
CA ALA A 63 -10.48 -0.84 -27.02
C ALA A 63 -11.96 -1.15 -27.35
N ASN A 64 -12.25 -2.37 -27.85
CA ASN A 64 -13.61 -2.84 -28.15
C ASN A 64 -14.45 -2.99 -26.86
N ASP A 65 -13.88 -3.57 -25.79
CA ASP A 65 -14.56 -3.70 -24.48
C ASP A 65 -14.96 -2.32 -23.88
N VAL A 66 -14.04 -1.32 -23.95
CA VAL A 66 -14.26 0.06 -23.48
C VAL A 66 -15.32 0.70 -24.40
N THR A 67 -15.28 0.41 -25.72
CA THR A 67 -16.29 0.91 -26.67
C THR A 67 -17.67 0.32 -26.31
N ASP A 68 -17.73 -1.00 -26.04
CA ASP A 68 -18.95 -1.71 -25.64
C ASP A 68 -19.59 -1.10 -24.38
N GLU A 69 -18.76 -0.73 -23.37
CA GLU A 69 -19.27 -0.10 -22.14
C GLU A 69 -19.87 1.26 -22.40
N MSE A 70 -19.16 2.10 -23.19
CA MSE A 70 -19.60 3.44 -23.57
C MSE A 70 -20.99 3.46 -24.19
O MSE A 70 -21.80 4.29 -23.78
CB MSE A 70 -18.56 4.10 -24.51
CG MSE A 70 -18.86 5.56 -24.83
SE MSE A 70 -20.14 5.81 -26.29
CE MSE A 70 -19.18 4.94 -27.74
N VAL A 71 -21.29 2.53 -25.13
CA VAL A 71 -22.61 2.52 -25.78
C VAL A 71 -23.70 2.14 -24.79
N ARG A 72 -23.38 1.21 -23.91
CA ARG A 72 -24.29 0.67 -22.92
C ARG A 72 -24.60 1.69 -21.83
N LEU A 73 -23.57 2.49 -21.40
CA LEU A 73 -23.73 3.57 -20.45
C LEU A 73 -24.65 4.60 -21.12
N ASN A 74 -24.30 4.99 -22.37
CA ASN A 74 -25.08 5.95 -23.15
C ASN A 74 -26.56 5.55 -23.28
N TRP A 75 -26.82 4.28 -23.61
CA TRP A 75 -28.18 3.79 -23.73
C TRP A 75 -28.89 3.63 -22.36
N LEU A 76 -28.27 2.92 -21.42
CA LEU A 76 -28.87 2.61 -20.12
C LEU A 76 -29.16 3.82 -19.19
N THR A 77 -28.45 4.94 -19.40
CA THR A 77 -28.63 6.15 -18.61
C THR A 77 -30.05 6.77 -18.70
N ALA A 78 -30.78 6.50 -19.79
CA ALA A 78 -32.17 6.94 -19.92
C ALA A 78 -33.10 6.12 -19.02
N PHE A 79 -32.59 5.03 -18.43
CA PHE A 79 -33.39 4.15 -17.60
C PHE A 79 -32.97 3.96 -16.12
N MSE A 80 -31.66 3.88 -15.84
CA MSE A 80 -31.07 3.55 -14.50
C MSE A 80 -30.05 4.56 -14.04
O MSE A 80 -29.54 5.32 -14.88
CB MSE A 80 -30.38 2.14 -14.55
CG MSE A 80 -31.34 0.97 -14.80
SE MSE A 80 -32.79 0.86 -13.54
CE MSE A 80 -31.91 -0.24 -12.20
N PRO A 81 -29.67 4.59 -12.73
CA PRO A 81 -28.63 5.54 -12.29
C PRO A 81 -27.24 5.01 -12.60
N LEU A 82 -26.53 5.68 -13.51
CA LEU A 82 -25.19 5.23 -13.92
C LEU A 82 -24.18 6.40 -13.97
N PRO A 83 -22.86 6.10 -14.10
CA PRO A 83 -21.89 7.21 -14.30
C PRO A 83 -22.18 7.90 -15.64
N THR A 84 -22.02 9.23 -15.69
N THR A 84 -22.10 9.23 -15.70
CA THR A 84 -22.24 10.10 -16.85
CA THR A 84 -22.33 9.95 -16.96
C THR A 84 -21.00 10.09 -17.78
C THR A 84 -21.06 10.04 -17.80
N ILE A 85 -21.20 10.02 -19.13
CA ILE A 85 -20.09 10.09 -20.10
C ILE A 85 -19.69 11.56 -20.32
N LYS A 86 -18.51 11.94 -19.84
CA LYS A 86 -17.95 13.27 -20.01
C LYS A 86 -17.25 13.37 -21.37
N HIS A 87 -16.45 12.37 -21.72
CA HIS A 87 -15.69 12.35 -22.96
C HIS A 87 -15.37 10.90 -23.34
N PHE A 88 -15.44 10.61 -24.62
CA PHE A 88 -15.06 9.30 -25.17
C PHE A 88 -14.30 9.51 -26.48
N ILE A 89 -13.12 8.86 -26.61
CA ILE A 89 -12.27 8.92 -27.82
C ILE A 89 -11.98 7.48 -28.32
N ARG A 90 -12.13 7.29 -29.63
CA ARG A 90 -11.80 6.03 -30.29
C ARG A 90 -10.90 6.32 -31.50
N THR A 91 -9.76 5.63 -31.56
CA THR A 91 -8.76 5.65 -32.65
C THR A 91 -8.59 4.16 -33.00
N PRO A 92 -7.96 3.74 -34.12
CA PRO A 92 -7.91 2.28 -34.42
C PRO A 92 -7.48 1.29 -33.32
N ASP A 93 -6.55 1.67 -32.42
CA ASP A 93 -6.12 0.78 -31.34
C ASP A 93 -6.50 1.23 -29.93
N ASP A 94 -7.01 2.45 -29.76
CA ASP A 94 -7.29 2.95 -28.42
C ASP A 94 -8.67 3.50 -28.20
N ALA A 95 -9.19 3.24 -27.00
CA ALA A 95 -10.49 3.75 -26.57
C ALA A 95 -10.27 4.35 -25.20
N TRP A 96 -10.73 5.58 -25.02
CA TRP A 96 -10.59 6.32 -23.79
C TRP A 96 -11.97 6.70 -23.34
N LEU A 97 -12.35 6.29 -22.12
CA LEU A 97 -13.68 6.56 -21.53
C LEU A 97 -13.61 7.33 -20.22
N LEU A 98 -13.97 8.60 -20.28
CA LEU A 98 -13.99 9.51 -19.14
C LEU A 98 -15.41 9.66 -18.61
N THR A 99 -15.63 9.30 -17.34
CA THR A 99 -16.95 9.34 -16.72
C THR A 99 -16.91 9.95 -15.35
N THR A 100 -18.06 10.34 -14.79
CA THR A 100 -18.11 10.82 -13.43
C THR A 100 -18.18 9.58 -12.50
N ALA A 101 -17.78 9.73 -11.23
CA ALA A 101 -17.88 8.63 -10.28
C ALA A 101 -19.25 8.62 -9.60
N ILE A 102 -19.68 7.45 -9.15
CA ILE A 102 -20.90 7.30 -8.36
C ILE A 102 -20.39 7.36 -6.92
N PRO A 103 -20.81 8.38 -6.14
CA PRO A 103 -20.28 8.50 -4.75
C PRO A 103 -20.67 7.35 -3.82
N GLY A 104 -19.83 7.03 -2.87
CA GLY A 104 -20.13 5.94 -1.94
C GLY A 104 -19.23 4.73 -2.03
N LYS A 105 -19.71 3.59 -1.52
CA LYS A 105 -18.93 2.37 -1.42
C LYS A 105 -19.62 1.24 -2.16
N THR A 106 -18.86 0.19 -2.54
CA THR A 106 -19.42 -0.99 -3.18
C THR A 106 -20.29 -1.69 -2.13
N ALA A 107 -21.30 -2.42 -2.60
CA ALA A 107 -22.20 -3.25 -1.79
C ALA A 107 -21.36 -4.18 -0.90
N PHE A 108 -20.30 -4.81 -1.46
CA PHE A 108 -19.36 -5.67 -0.75
C PHE A 108 -18.78 -4.94 0.44
N GLN A 109 -18.12 -3.78 0.22
CA GLN A 109 -17.48 -2.98 1.28
C GLN A 109 -18.46 -2.60 2.39
N VAL A 110 -19.71 -2.29 2.01
CA VAL A 110 -20.80 -1.93 2.93
C VAL A 110 -21.15 -3.16 3.76
N LEU A 111 -21.41 -4.31 3.09
CA LEU A 111 -21.72 -5.61 3.73
C LEU A 111 -20.66 -6.06 4.74
N GLU A 112 -19.38 -5.84 4.40
CA GLU A 112 -18.25 -6.18 5.26
C GLU A 112 -18.16 -5.28 6.50
N GLU A 113 -18.35 -3.95 6.32
CA GLU A 113 -18.29 -2.99 7.41
C GLU A 113 -19.49 -3.07 8.35
N TYR A 114 -20.70 -3.32 7.82
CA TYR A 114 -21.90 -3.39 8.64
C TYR A 114 -22.63 -4.71 8.45
N PRO A 115 -22.18 -5.81 9.11
CA PRO A 115 -22.86 -7.11 8.92
C PRO A 115 -24.36 -7.14 9.27
N ASP A 116 -24.79 -6.29 10.22
CA ASP A 116 -26.17 -6.15 10.66
C ASP A 116 -27.09 -5.48 9.60
N SER A 117 -26.50 -4.86 8.57
CA SER A 117 -27.25 -4.23 7.48
C SER A 117 -27.51 -5.18 6.31
N GLY A 118 -27.00 -6.42 6.42
CA GLY A 118 -27.14 -7.47 5.41
C GLY A 118 -28.49 -7.53 4.74
N GLU A 119 -29.53 -7.70 5.54
CA GLU A 119 -30.93 -7.83 5.12
C GLU A 119 -31.46 -6.61 4.33
N ASN A 120 -31.10 -5.39 4.77
CA ASN A 120 -31.48 -4.17 4.09
C ASN A 120 -30.75 -4.02 2.76
N ILE A 121 -29.48 -4.43 2.72
CA ILE A 121 -28.64 -4.38 1.52
C ILE A 121 -29.19 -5.34 0.46
N VAL A 122 -29.43 -6.60 0.82
CA VAL A 122 -29.98 -7.64 -0.05
C VAL A 122 -31.32 -7.24 -0.60
N ASP A 123 -32.19 -6.63 0.23
CA ASP A 123 -33.50 -6.12 -0.20
C ASP A 123 -33.35 -5.03 -1.20
N ALA A 124 -32.41 -4.06 -0.97
CA ALA A 124 -32.11 -2.95 -1.88
C ALA A 124 -31.58 -3.48 -3.22
N LEU A 125 -30.71 -4.48 -3.17
CA LEU A 125 -30.17 -5.13 -4.36
C LEU A 125 -31.25 -5.85 -5.19
N ALA A 126 -32.23 -6.46 -4.53
CA ALA A 126 -33.28 -7.21 -5.24
C ALA A 126 -34.28 -6.25 -5.89
N VAL A 127 -34.66 -5.18 -5.16
CA VAL A 127 -35.54 -4.14 -5.64
C VAL A 127 -34.89 -3.49 -6.87
N PHE A 128 -33.59 -3.13 -6.80
CA PHE A 128 -32.82 -2.53 -7.89
C PHE A 128 -32.72 -3.45 -9.07
N LEU A 129 -32.48 -4.74 -8.83
CA LEU A 129 -32.38 -5.70 -9.92
C LEU A 129 -33.72 -5.87 -10.61
N ARG A 130 -34.84 -5.80 -9.86
CA ARG A 130 -36.19 -5.86 -10.44
C ARG A 130 -36.46 -4.69 -11.36
N ARG A 131 -35.97 -3.47 -11.00
CA ARG A 131 -36.10 -2.21 -11.76
C ARG A 131 -35.41 -2.38 -13.13
N LEU A 132 -34.18 -2.87 -13.13
CA LEU A 132 -33.40 -3.14 -14.34
C LEU A 132 -34.11 -4.19 -15.20
N HIS A 133 -34.54 -5.30 -14.57
CA HIS A 133 -35.23 -6.39 -15.29
C HIS A 133 -36.59 -5.98 -15.86
N SER A 134 -37.18 -4.92 -15.31
CA SER A 134 -38.49 -4.39 -15.72
C SER A 134 -38.43 -3.47 -16.97
N ILE A 135 -37.24 -2.95 -17.32
CA ILE A 135 -37.08 -2.12 -18.52
C ILE A 135 -37.60 -2.98 -19.69
N PRO A 136 -38.65 -2.53 -20.42
CA PRO A 136 -39.17 -3.34 -21.53
C PRO A 136 -38.08 -3.64 -22.56
N VAL A 137 -37.99 -4.90 -22.97
CA VAL A 137 -36.97 -5.42 -23.92
C VAL A 137 -37.00 -4.72 -25.28
N CYS A 138 -38.18 -4.16 -25.63
CA CYS A 138 -38.39 -3.47 -26.92
C CYS A 138 -37.52 -2.21 -27.05
N ASN A 139 -36.91 -1.78 -25.94
CA ASN A 139 -36.04 -0.61 -25.85
C ASN A 139 -34.57 -0.99 -25.97
N CYS A 140 -34.24 -2.30 -25.75
CA CYS A 140 -32.86 -2.76 -25.74
C CYS A 140 -32.19 -3.12 -27.10
N PRO A 141 -31.15 -2.37 -27.54
CA PRO A 141 -30.53 -2.69 -28.85
C PRO A 141 -29.37 -3.71 -28.74
N PHE A 142 -29.15 -4.27 -27.53
CA PHE A 142 -28.04 -5.17 -27.30
C PHE A 142 -28.48 -6.56 -27.03
N ASN A 143 -27.77 -7.50 -27.65
CA ASN A 143 -27.92 -8.93 -27.45
C ASN A 143 -26.77 -9.44 -26.54
N SER A 144 -27.11 -10.03 -25.38
CA SER A 144 -26.10 -10.60 -24.47
C SER A 144 -26.54 -12.01 -24.08
N ASP A 145 -27.21 -12.71 -25.01
CA ASP A 145 -27.76 -14.04 -24.71
C ASP A 145 -26.79 -15.19 -24.58
N ARG A 146 -27.31 -16.37 -24.14
CA ARG A 146 -26.46 -17.53 -23.86
C ARG A 146 -25.62 -18.01 -25.00
N VAL A 147 -26.19 -18.00 -26.21
CA VAL A 147 -25.56 -18.41 -27.45
C VAL A 147 -24.36 -17.49 -27.77
N PHE A 148 -24.56 -16.18 -27.62
CA PHE A 148 -23.57 -15.13 -27.82
C PHE A 148 -22.41 -15.27 -26.83
N ARG A 149 -22.75 -15.39 -25.53
CA ARG A 149 -21.80 -15.56 -24.42
C ARG A 149 -21.05 -16.90 -24.47
N LEU A 150 -21.69 -18.00 -24.94
CA LEU A 150 -21.04 -19.31 -25.05
C LEU A 150 -19.92 -19.31 -26.11
N ALA A 151 -20.12 -18.49 -27.17
CA ALA A 151 -19.14 -18.28 -28.24
C ALA A 151 -17.90 -17.57 -27.66
N GLN A 152 -18.12 -16.49 -26.87
CA GLN A 152 -17.06 -15.74 -26.21
C GLN A 152 -16.31 -16.65 -25.25
N ALA A 153 -17.07 -17.45 -24.45
CA ALA A 153 -16.52 -18.45 -23.53
C ALA A 153 -15.63 -19.44 -24.27
N GLN A 154 -16.06 -19.84 -25.47
CA GLN A 154 -15.31 -20.78 -26.28
C GLN A 154 -14.02 -20.18 -26.83
N SER A 155 -14.05 -18.92 -27.27
CA SER A 155 -12.84 -18.24 -27.79
C SER A 155 -11.81 -18.00 -26.68
N ARG A 156 -12.29 -17.70 -25.46
CA ARG A 156 -11.45 -17.47 -24.29
C ARG A 156 -10.79 -18.79 -23.82
N MSE A 157 -11.53 -19.93 -23.93
CA MSE A 157 -11.03 -21.27 -23.56
C MSE A 157 -9.99 -21.69 -24.58
O MSE A 157 -8.90 -22.15 -24.20
CB MSE A 157 -12.17 -22.31 -23.50
CG MSE A 157 -11.70 -23.73 -23.19
SE MSE A 157 -13.11 -25.08 -23.11
CE MSE A 157 -13.88 -24.84 -24.90
N ASN A 158 -10.30 -21.50 -25.87
CA ASN A 158 -9.42 -21.87 -26.97
C ASN A 158 -8.19 -20.97 -27.19
N ASN A 159 -8.18 -19.76 -26.57
CA ASN A 159 -7.05 -18.82 -26.57
C ASN A 159 -6.24 -18.96 -25.26
N GLY A 160 -6.79 -19.71 -24.29
CA GLY A 160 -6.19 -19.91 -22.98
C GLY A 160 -6.25 -18.69 -22.08
N LEU A 161 -7.32 -17.89 -22.21
CA LEU A 161 -7.52 -16.67 -21.43
C LEU A 161 -8.31 -16.88 -20.12
N VAL A 162 -8.98 -18.03 -20.01
CA VAL A 162 -9.78 -18.44 -18.85
C VAL A 162 -8.82 -18.76 -17.72
N ASP A 163 -9.04 -18.16 -16.55
CA ASP A 163 -8.17 -18.54 -15.43
C ASP A 163 -8.82 -19.56 -14.50
N ALA A 164 -8.33 -20.81 -14.59
CA ALA A 164 -8.74 -21.97 -13.78
C ALA A 164 -8.40 -21.80 -12.28
N SER A 165 -7.77 -20.65 -11.92
CA SER A 165 -7.39 -20.30 -10.56
C SER A 165 -8.55 -19.64 -9.82
N ASP A 166 -9.31 -18.77 -10.53
CA ASP A 166 -10.43 -17.99 -9.99
C ASP A 166 -11.79 -18.73 -10.06
N PHE A 167 -11.78 -20.07 -10.26
CA PHE A 167 -13.00 -20.87 -10.31
C PHE A 167 -13.66 -20.94 -8.93
N ASP A 168 -14.98 -21.21 -8.89
CA ASP A 168 -15.72 -21.41 -7.65
C ASP A 168 -15.22 -22.72 -7.01
N ASP A 169 -15.31 -22.81 -5.66
CA ASP A 169 -14.82 -23.97 -4.90
C ASP A 169 -15.21 -25.35 -5.45
N GLU A 170 -16.50 -25.54 -5.83
CA GLU A 170 -17.01 -26.81 -6.38
C GLU A 170 -16.36 -27.25 -7.69
N ARG A 171 -15.67 -26.32 -8.36
CA ARG A 171 -14.99 -26.51 -9.63
C ARG A 171 -13.48 -26.24 -9.58
N ASN A 172 -12.92 -25.97 -8.39
CA ASN A 172 -11.48 -25.68 -8.28
C ASN A 172 -10.63 -26.93 -8.46
N GLY A 173 -9.64 -26.82 -9.34
CA GLY A 173 -8.75 -27.92 -9.70
C GLY A 173 -9.20 -28.60 -10.98
N TRP A 174 -10.42 -28.24 -11.44
CA TRP A 174 -11.01 -28.79 -12.65
C TRP A 174 -10.34 -28.15 -13.87
N PRO A 175 -10.01 -28.92 -14.93
CA PRO A 175 -9.48 -28.29 -16.14
C PRO A 175 -10.63 -27.56 -16.86
N VAL A 176 -10.32 -26.43 -17.52
CA VAL A 176 -11.26 -25.59 -18.24
C VAL A 176 -12.30 -26.40 -19.07
N GLU A 177 -11.83 -27.45 -19.78
CA GLU A 177 -12.66 -28.33 -20.61
C GLU A 177 -13.68 -29.19 -19.83
N GLN A 178 -13.42 -29.48 -18.54
CA GLN A 178 -14.36 -30.23 -17.69
C GLN A 178 -15.60 -29.37 -17.43
N VAL A 179 -15.37 -28.07 -17.10
CA VAL A 179 -16.41 -27.07 -16.85
C VAL A 179 -17.23 -26.89 -18.13
N TRP A 180 -16.53 -26.78 -19.29
CA TRP A 180 -17.11 -26.66 -20.64
C TRP A 180 -18.03 -27.85 -21.00
N LYS A 181 -17.58 -29.09 -20.77
CA LYS A 181 -18.38 -30.27 -21.06
C LYS A 181 -19.56 -30.45 -20.07
N GLU A 182 -19.31 -30.27 -18.76
CA GLU A 182 -20.31 -30.41 -17.70
C GLU A 182 -21.42 -29.35 -17.78
N MSE A 183 -21.04 -28.11 -18.15
CA MSE A 183 -21.96 -26.99 -18.34
C MSE A 183 -22.95 -27.31 -19.47
O MSE A 183 -24.12 -26.92 -19.37
CB MSE A 183 -21.16 -25.71 -18.65
CG MSE A 183 -22.03 -24.48 -18.96
SE MSE A 183 -20.98 -22.89 -19.26
CE MSE A 183 -19.97 -23.49 -20.74
N HIS A 184 -22.50 -28.05 -20.50
CA HIS A 184 -23.34 -28.41 -21.63
C HIS A 184 -24.44 -29.43 -21.34
N LYS A 185 -24.28 -30.21 -20.26
CA LYS A 185 -25.28 -31.19 -19.76
C LYS A 185 -26.51 -30.47 -19.12
N LEU A 186 -26.36 -29.20 -18.73
CA LEU A 186 -27.44 -28.42 -18.11
C LEU A 186 -28.39 -27.80 -19.17
N LEU A 187 -28.07 -27.96 -20.46
CA LEU A 187 -28.87 -27.44 -21.57
C LEU A 187 -29.67 -28.60 -22.19
N PRO A 188 -30.89 -28.39 -22.76
CA PRO A 188 -31.62 -27.11 -22.89
C PRO A 188 -32.28 -26.59 -21.62
N PHE A 189 -32.64 -25.32 -21.62
CA PHE A 189 -33.36 -24.67 -20.53
C PHE A 189 -34.38 -23.66 -21.03
N SER A 190 -35.46 -23.50 -20.26
CA SER A 190 -36.58 -22.62 -20.56
C SER A 190 -36.24 -21.16 -21.05
N PRO A 191 -36.84 -20.73 -22.19
CA PRO A 191 -36.53 -19.38 -22.72
C PRO A 191 -37.01 -18.22 -21.82
N ASP A 192 -36.06 -17.35 -21.44
CA ASP A 192 -36.31 -16.16 -20.63
C ASP A 192 -35.44 -14.98 -21.12
N SER A 193 -36.03 -13.80 -21.29
CA SER A 193 -35.31 -12.66 -21.79
C SER A 193 -35.75 -11.39 -21.11
N VAL A 194 -34.80 -10.73 -20.45
CA VAL A 194 -34.98 -9.44 -19.77
C VAL A 194 -33.70 -8.63 -20.08
N VAL A 195 -33.67 -7.35 -19.74
CA VAL A 195 -32.47 -6.49 -19.85
C VAL A 195 -31.64 -6.85 -18.62
N THR A 196 -30.37 -7.21 -18.86
CA THR A 196 -29.48 -7.65 -17.81
C THR A 196 -28.29 -6.77 -17.67
N HIS A 197 -27.67 -6.79 -16.49
CA HIS A 197 -26.43 -6.08 -16.23
C HIS A 197 -25.23 -6.80 -16.91
N GLY A 198 -25.11 -8.11 -16.65
CA GLY A 198 -24.03 -8.95 -17.17
C GLY A 198 -22.98 -9.36 -16.16
N ASP A 199 -22.79 -8.53 -15.12
CA ASP A 199 -21.82 -8.69 -14.05
C ASP A 199 -22.43 -8.04 -12.78
N PHE A 200 -23.59 -8.56 -12.37
CA PHE A 200 -24.30 -8.05 -11.20
C PHE A 200 -23.67 -8.59 -9.91
N SER A 201 -22.44 -8.14 -9.65
CA SER A 201 -21.67 -8.54 -8.49
C SER A 201 -21.71 -7.47 -7.39
N LEU A 202 -21.26 -7.81 -6.18
CA LEU A 202 -21.22 -6.89 -5.04
C LEU A 202 -20.25 -5.70 -5.25
N ASP A 203 -19.31 -5.82 -6.22
CA ASP A 203 -18.35 -4.74 -6.51
C ASP A 203 -18.92 -3.72 -7.49
N ASN A 204 -20.00 -4.10 -8.18
CA ASN A 204 -20.62 -3.27 -9.21
C ASN A 204 -21.83 -2.47 -8.78
N LEU A 205 -22.28 -2.63 -7.51
CA LEU A 205 -23.41 -1.87 -7.01
C LEU A 205 -22.99 -0.95 -5.90
N ILE A 206 -23.26 0.34 -6.09
CA ILE A 206 -22.81 1.44 -5.27
C ILE A 206 -23.82 1.95 -4.26
N PHE A 207 -23.41 2.00 -2.99
CA PHE A 207 -24.24 2.45 -1.89
C PHE A 207 -23.78 3.77 -1.32
N ASP A 208 -24.74 4.60 -0.92
CA ASP A 208 -24.49 5.86 -0.27
C ASP A 208 -25.60 6.16 0.69
N GLU A 209 -25.23 6.27 1.99
CA GLU A 209 -26.09 6.56 3.15
C GLU A 209 -27.27 5.57 3.22
N GLY A 210 -26.92 4.28 3.25
CA GLY A 210 -27.89 3.19 3.31
C GLY A 210 -28.56 2.81 2.00
N LYS A 211 -28.71 3.78 1.08
CA LYS A 211 -29.37 3.60 -0.22
C LYS A 211 -28.42 3.18 -1.35
N LEU A 212 -28.91 2.31 -2.23
CA LEU A 212 -28.21 1.82 -3.41
C LEU A 212 -28.41 2.90 -4.48
N ILE A 213 -27.34 3.65 -4.78
CA ILE A 213 -27.45 4.79 -5.69
C ILE A 213 -27.12 4.58 -7.18
N GLY A 214 -26.56 3.43 -7.54
CA GLY A 214 -26.24 3.16 -8.94
C GLY A 214 -25.39 1.93 -9.18
N CYS A 215 -25.12 1.65 -10.46
CA CYS A 215 -24.28 0.52 -10.85
C CYS A 215 -23.28 0.96 -11.87
N ILE A 216 -22.16 0.21 -11.90
CA ILE A 216 -21.02 0.43 -12.77
C ILE A 216 -20.73 -0.87 -13.50
N ASP A 217 -19.75 -0.85 -14.44
CA ASP A 217 -19.26 -2.00 -15.21
C ASP A 217 -20.34 -2.60 -16.08
N VAL A 218 -20.88 -1.75 -16.96
CA VAL A 218 -22.01 -2.08 -17.84
C VAL A 218 -21.67 -2.65 -19.22
N GLY A 219 -20.40 -3.02 -19.44
CA GLY A 219 -19.92 -3.56 -20.71
C GLY A 219 -20.65 -4.76 -21.28
N ARG A 220 -21.33 -5.55 -20.42
CA ARG A 220 -22.06 -6.78 -20.81
C ARG A 220 -23.57 -6.62 -20.87
N VAL A 221 -24.07 -5.36 -20.65
CA VAL A 221 -25.51 -5.07 -20.65
C VAL A 221 -26.10 -5.50 -21.97
N GLY A 222 -27.30 -6.08 -21.91
CA GLY A 222 -28.04 -6.57 -23.06
C GLY A 222 -29.12 -7.56 -22.67
N ILE A 223 -29.89 -8.03 -23.65
CA ILE A 223 -30.96 -8.98 -23.39
C ILE A 223 -30.34 -10.37 -23.13
N ALA A 224 -30.71 -10.98 -21.99
CA ALA A 224 -30.35 -12.35 -21.62
C ALA A 224 -31.38 -12.86 -20.58
N ASP A 225 -31.17 -14.07 -20.07
CA ASP A 225 -31.98 -14.68 -19.02
C ASP A 225 -31.66 -13.96 -17.69
N ARG A 226 -32.67 -13.66 -16.86
CA ARG A 226 -32.50 -12.99 -15.55
C ARG A 226 -31.49 -13.66 -14.60
N TYR A 227 -31.26 -15.00 -14.76
CA TYR A 227 -30.30 -15.74 -13.97
C TYR A 227 -28.89 -15.32 -14.26
N GLN A 228 -28.67 -14.61 -15.37
CA GLN A 228 -27.36 -14.03 -15.64
C GLN A 228 -27.00 -13.11 -14.47
N ASP A 229 -27.95 -12.27 -14.02
CA ASP A 229 -27.69 -11.37 -12.91
C ASP A 229 -27.93 -12.07 -11.58
N LEU A 230 -29.02 -12.85 -11.48
CA LEU A 230 -29.34 -13.58 -10.24
C LEU A 230 -28.22 -14.51 -9.81
N ALA A 231 -27.64 -15.28 -10.73
CA ALA A 231 -26.56 -16.21 -10.38
C ALA A 231 -25.30 -15.55 -9.84
N ILE A 232 -24.82 -14.46 -10.50
CA ILE A 232 -23.62 -13.77 -10.05
C ILE A 232 -23.78 -13.18 -8.66
N LEU A 233 -24.91 -12.50 -8.37
CA LEU A 233 -25.16 -11.92 -7.06
C LEU A 233 -25.31 -13.00 -5.99
N TRP A 234 -26.13 -14.04 -6.29
CA TRP A 234 -26.37 -15.17 -5.39
C TRP A 234 -25.04 -15.79 -4.93
N ASN A 235 -24.10 -15.98 -5.86
CA ASN A 235 -22.78 -16.53 -5.60
C ASN A 235 -21.97 -15.60 -4.70
N CYS A 236 -21.95 -14.29 -5.02
CA CYS A 236 -21.28 -13.28 -4.19
C CYS A 236 -21.80 -13.37 -2.75
N LEU A 237 -23.12 -13.43 -2.56
CA LEU A 237 -23.75 -13.57 -1.23
C LEU A 237 -23.40 -14.86 -0.48
N GLY A 238 -22.93 -15.87 -1.22
CA GLY A 238 -22.48 -17.15 -0.67
C GLY A 238 -21.32 -17.01 0.29
N GLU A 239 -20.55 -15.91 0.14
CA GLU A 239 -19.43 -15.67 1.03
C GLU A 239 -19.80 -14.90 2.31
N PHE A 240 -21.10 -14.65 2.50
CA PHE A 240 -21.61 -14.00 3.69
C PHE A 240 -22.55 -14.91 4.47
N SER A 241 -23.64 -15.39 3.84
CA SER A 241 -24.65 -16.22 4.52
C SER A 241 -25.57 -16.91 3.52
N PRO A 242 -26.02 -18.17 3.82
CA PRO A 242 -27.01 -18.83 2.93
C PRO A 242 -28.39 -18.20 3.08
N SER A 243 -28.68 -17.63 4.28
CA SER A 243 -29.97 -16.97 4.51
C SER A 243 -30.10 -15.72 3.67
N LEU A 244 -28.97 -15.00 3.41
CA LEU A 244 -28.93 -13.80 2.58
C LEU A 244 -29.14 -14.16 1.11
N GLN A 245 -28.54 -15.27 0.65
CA GLN A 245 -28.69 -15.81 -0.71
C GLN A 245 -30.15 -16.19 -0.96
N LYS A 246 -30.80 -16.78 0.08
CA LYS A 246 -32.19 -17.20 0.10
C LYS A 246 -33.12 -15.96 -0.02
N ARG A 247 -32.80 -14.85 0.70
CA ARG A 247 -33.55 -13.59 0.74
C ARG A 247 -33.52 -12.84 -0.62
N LEU A 248 -32.45 -13.03 -1.39
CA LEU A 248 -32.31 -12.43 -2.70
C LEU A 248 -33.46 -12.94 -3.57
N PHE A 249 -33.65 -14.28 -3.64
CA PHE A 249 -34.73 -14.86 -4.41
C PHE A 249 -36.12 -14.53 -3.85
N GLN A 250 -36.23 -14.46 -2.50
CA GLN A 250 -37.48 -14.15 -1.82
C GLN A 250 -37.95 -12.71 -2.08
N LYS A 251 -37.03 -11.71 -1.95
CA LYS A 251 -37.35 -10.31 -2.24
C LYS A 251 -37.60 -10.09 -3.74
N TYR A 252 -36.76 -10.70 -4.61
CA TYR A 252 -36.91 -10.62 -6.06
C TYR A 252 -38.27 -11.17 -6.45
N GLY A 253 -38.74 -12.21 -5.74
CA GLY A 253 -40.05 -12.77 -5.99
C GLY A 253 -40.12 -14.17 -6.58
N ILE A 254 -38.98 -14.90 -6.67
CA ILE A 254 -38.96 -16.28 -7.18
C ILE A 254 -39.15 -17.27 -6.03
N ASP A 255 -40.18 -18.13 -6.13
CA ASP A 255 -40.55 -19.14 -5.13
C ASP A 255 -39.50 -20.22 -5.01
N ASN A 256 -39.18 -20.88 -6.12
CA ASN A 256 -38.22 -21.97 -6.14
C ASN A 256 -37.13 -21.63 -7.14
N PRO A 257 -35.95 -21.17 -6.69
CA PRO A 257 -34.89 -20.86 -7.68
C PRO A 257 -34.51 -22.04 -8.56
N ASP A 258 -34.39 -21.79 -9.86
CA ASP A 258 -34.00 -22.81 -10.84
C ASP A 258 -32.49 -23.05 -10.68
N MSE A 259 -32.14 -24.12 -9.93
CA MSE A 259 -30.75 -24.50 -9.61
C MSE A 259 -29.93 -24.88 -10.86
O MSE A 259 -28.73 -24.62 -10.92
CB MSE A 259 -30.71 -25.57 -8.50
CG MSE A 259 -31.29 -25.08 -7.17
SE MSE A 259 -30.47 -23.40 -6.55
CE MSE A 259 -28.62 -24.11 -6.18
N ASN A 260 -30.60 -25.44 -11.88
CA ASN A 260 -30.00 -25.78 -13.17
C ASN A 260 -29.54 -24.50 -13.88
N LYS A 261 -30.43 -23.49 -13.94
CA LYS A 261 -30.19 -22.17 -14.51
C LYS A 261 -29.15 -21.41 -13.67
N LEU A 262 -29.22 -21.56 -12.34
CA LEU A 262 -28.29 -20.93 -11.40
C LEU A 262 -26.88 -21.48 -11.67
N GLN A 263 -26.73 -22.83 -11.69
CA GLN A 263 -25.44 -23.47 -11.95
C GLN A 263 -24.87 -23.17 -13.34
N PHE A 264 -25.72 -23.19 -14.37
CA PHE A 264 -25.31 -22.89 -15.72
C PHE A 264 -24.64 -21.50 -15.78
N HIS A 265 -25.30 -20.47 -15.23
CA HIS A 265 -24.78 -19.10 -15.27
C HIS A 265 -23.52 -18.86 -14.45
N LEU A 266 -23.36 -19.62 -13.37
CA LEU A 266 -22.18 -19.62 -12.50
C LEU A 266 -21.02 -20.27 -13.25
N MSE A 267 -21.29 -21.34 -13.99
CA MSE A 267 -20.27 -22.03 -14.78
C MSE A 267 -19.86 -21.20 -16.00
O MSE A 267 -18.68 -21.12 -16.32
CB MSE A 267 -20.74 -23.44 -15.18
CG MSE A 267 -20.83 -24.39 -14.00
SE MSE A 267 -21.59 -26.11 -14.47
CE MSE A 267 -19.91 -26.98 -14.96
N LEU A 268 -20.84 -20.52 -16.67
CA LEU A 268 -20.53 -19.66 -17.80
C LEU A 268 -19.62 -18.47 -17.36
N ASP A 269 -19.83 -17.90 -16.14
CA ASP A 269 -19.02 -16.81 -15.60
C ASP A 269 -17.56 -17.19 -15.32
N GLU A 270 -17.23 -18.50 -15.32
CA GLU A 270 -15.86 -18.99 -15.10
C GLU A 270 -14.91 -18.64 -16.24
N PHE A 271 -15.48 -18.49 -17.43
CA PHE A 271 -14.74 -18.25 -18.66
C PHE A 271 -14.47 -16.76 -18.90
N PHE A 272 -14.92 -15.89 -17.98
CA PHE A 272 -14.78 -14.43 -18.10
C PHE A 272 -13.97 -13.74 -16.99
N SER B 3 -12.79 -12.96 -4.08
CA SER B 3 -11.78 -12.10 -4.69
C SER B 3 -12.31 -10.69 -5.03
N HIS B 4 -12.21 -9.76 -4.05
CA HIS B 4 -12.71 -8.39 -4.17
C HIS B 4 -11.57 -7.39 -4.02
N ILE B 5 -10.65 -7.43 -5.00
CA ILE B 5 -9.41 -6.66 -5.14
C ILE B 5 -9.63 -5.13 -5.07
N GLN B 6 -8.91 -4.48 -4.13
CA GLN B 6 -8.95 -3.02 -3.93
C GLN B 6 -7.51 -2.48 -3.85
N ARG B 7 -6.77 -2.56 -4.97
CA ARG B 7 -5.38 -2.10 -5.05
C ARG B 7 -5.28 -0.77 -5.77
N GLU B 8 -4.78 0.23 -5.06
CA GLU B 8 -4.58 1.56 -5.63
C GLU B 8 -3.12 2.00 -5.51
N THR B 9 -2.51 2.29 -6.66
CA THR B 9 -1.15 2.82 -6.75
C THR B 9 -1.20 4.25 -7.29
N SER B 10 -0.31 5.09 -6.81
CA SER B 10 -0.17 6.45 -7.33
C SER B 10 0.48 6.34 -8.75
N CYS B 11 0.13 7.26 -9.67
CA CYS B 11 0.71 7.27 -11.03
C CYS B 11 0.86 8.70 -11.57
N SER B 12 1.69 8.87 -12.60
CA SER B 12 1.83 10.16 -13.29
C SER B 12 0.75 10.17 -14.39
N ARG B 13 0.37 11.36 -14.88
CA ARG B 13 -0.63 11.54 -15.95
C ARG B 13 -0.23 10.74 -17.19
N PRO B 14 -1.10 9.82 -17.68
CA PRO B 14 -0.76 9.04 -18.88
C PRO B 14 -0.75 9.88 -20.14
N ARG B 15 -0.05 9.41 -21.20
CA ARG B 15 0.02 10.12 -22.49
C ARG B 15 -1.34 10.05 -23.20
N LEU B 16 -1.85 11.22 -23.66
CA LEU B 16 -3.14 11.41 -24.35
C LEU B 16 -4.32 11.04 -23.47
N ALA B 22 -5.06 15.19 -30.61
CA ALA B 22 -5.61 14.26 -31.59
C ALA B 22 -6.28 15.03 -32.76
N ASP B 23 -5.45 15.61 -33.66
CA ASP B 23 -5.89 16.41 -34.82
C ASP B 23 -5.38 15.87 -36.17
N LEU B 24 -6.32 15.60 -37.08
CA LEU B 24 -6.07 15.08 -38.43
C LEU B 24 -6.52 16.12 -39.46
N TYR B 25 -5.56 16.96 -39.93
CA TYR B 25 -5.78 18.04 -40.89
C TYR B 25 -4.91 17.92 -42.16
N GLY B 26 -5.27 18.67 -43.19
CA GLY B 26 -4.58 18.70 -44.48
C GLY B 26 -5.48 18.42 -45.67
N TYR B 27 -6.81 18.35 -45.43
CA TYR B 27 -7.83 18.09 -46.44
C TYR B 27 -8.67 19.34 -46.70
N ARG B 28 -9.21 19.47 -47.94
CA ARG B 28 -10.07 20.59 -48.32
C ARG B 28 -11.50 20.35 -47.82
N TRP B 29 -12.03 21.28 -46.99
CA TRP B 29 -13.38 21.20 -46.41
C TRP B 29 -14.48 21.44 -47.44
N ALA B 30 -15.54 20.61 -47.41
CA ALA B 30 -16.70 20.70 -48.29
C ALA B 30 -17.95 20.11 -47.64
N ARG B 31 -19.08 20.84 -47.74
CA ARG B 31 -20.37 20.44 -47.15
C ARG B 31 -21.13 19.41 -47.98
N ASP B 32 -21.99 18.62 -47.30
CA ASP B 32 -22.84 17.57 -47.88
C ASP B 32 -24.13 17.44 -47.03
N ASN B 33 -25.34 17.38 -47.64
CA ASN B 33 -25.69 17.48 -49.06
C ASN B 33 -26.94 18.34 -49.21
N VAL B 34 -27.80 18.30 -48.16
CA VAL B 34 -29.07 19.01 -48.04
C VAL B 34 -28.88 20.17 -47.04
N SER B 37 -31.64 13.67 -42.53
CA SER B 37 -30.47 13.02 -41.96
C SER B 37 -30.06 13.62 -40.60
N GLY B 38 -30.15 14.94 -40.51
CA GLY B 38 -29.81 15.70 -39.31
C GLY B 38 -28.31 15.94 -39.13
N ALA B 39 -27.51 14.85 -39.26
CA ALA B 39 -26.04 14.87 -39.09
C ALA B 39 -25.32 15.64 -40.18
N THR B 40 -24.42 16.55 -39.77
CA THR B 40 -23.61 17.36 -40.67
C THR B 40 -22.46 16.52 -41.19
N ILE B 41 -22.35 16.40 -42.54
CA ILE B 41 -21.32 15.60 -43.21
C ILE B 41 -20.27 16.49 -43.93
N TYR B 42 -18.99 16.11 -43.81
CA TYR B 42 -17.85 16.81 -44.40
C TYR B 42 -17.02 15.90 -45.30
N ARG B 43 -16.80 16.35 -46.54
CA ARG B 43 -15.99 15.64 -47.53
C ARG B 43 -14.55 16.11 -47.32
N LEU B 44 -13.64 15.15 -47.13
CA LEU B 44 -12.22 15.42 -46.93
C LEU B 44 -11.45 14.86 -48.11
N TYR B 45 -10.93 15.75 -48.97
CA TYR B 45 -10.20 15.44 -50.20
C TYR B 45 -9.01 16.38 -50.42
N GLY B 46 -8.30 16.20 -51.54
CA GLY B 46 -7.19 17.05 -51.96
C GLY B 46 -5.81 16.71 -51.41
N LYS B 47 -5.73 16.08 -50.22
CA LYS B 47 -4.47 15.71 -49.58
C LYS B 47 -3.65 14.76 -50.46
N PRO B 48 -2.34 15.06 -50.72
CA PRO B 48 -1.54 14.17 -51.59
C PRO B 48 -1.41 12.74 -51.06
N ASN B 49 -1.61 11.75 -51.96
CA ASN B 49 -1.55 10.30 -51.70
C ASN B 49 -2.37 9.77 -50.49
N ALA B 50 -3.32 10.59 -50.00
CA ALA B 50 -4.20 10.26 -48.88
C ALA B 50 -5.64 10.03 -49.39
N PRO B 51 -6.34 8.95 -48.95
CA PRO B 51 -7.71 8.70 -49.46
C PRO B 51 -8.77 9.67 -48.93
N GLU B 52 -9.93 9.72 -49.62
CA GLU B 52 -11.10 10.54 -49.26
C GLU B 52 -11.73 10.06 -47.95
N LEU B 53 -12.07 11.00 -47.06
CA LEU B 53 -12.66 10.74 -45.73
C LEU B 53 -14.02 11.43 -45.56
N PHE B 54 -14.81 10.95 -44.59
CA PHE B 54 -16.12 11.51 -44.25
C PHE B 54 -16.15 11.86 -42.75
N LEU B 55 -16.45 13.14 -42.43
CA LEU B 55 -16.57 13.58 -41.04
C LEU B 55 -18.04 13.88 -40.75
N LYS B 56 -18.69 12.98 -39.98
CA LYS B 56 -20.10 13.05 -39.59
C LYS B 56 -20.20 13.62 -38.18
N HIS B 57 -21.07 14.62 -38.00
CA HIS B 57 -21.28 15.26 -36.72
C HIS B 57 -22.74 15.20 -36.27
N GLY B 58 -22.98 14.51 -35.18
CA GLY B 58 -24.31 14.35 -34.58
C GLY B 58 -24.48 15.17 -33.33
N LYS B 59 -25.55 15.99 -33.29
CA LYS B 59 -25.89 16.85 -32.15
C LYS B 59 -27.22 16.39 -31.55
N GLY B 60 -27.31 16.41 -30.22
CA GLY B 60 -28.49 15.96 -29.49
C GLY B 60 -28.79 14.50 -29.69
N SER B 61 -30.01 14.18 -30.10
CA SER B 61 -30.49 12.82 -30.38
C SER B 61 -29.69 12.18 -31.51
N VAL B 62 -29.24 12.99 -32.48
CA VAL B 62 -28.46 12.59 -33.66
C VAL B 62 -27.04 12.12 -33.24
N ALA B 63 -26.56 12.51 -32.02
CA ALA B 63 -25.27 12.05 -31.50
C ALA B 63 -25.35 10.55 -31.21
N ASN B 64 -26.51 10.08 -30.70
CA ASN B 64 -26.78 8.68 -30.43
C ASN B 64 -26.79 7.90 -31.74
N ASP B 65 -27.41 8.47 -32.80
CA ASP B 65 -27.51 7.84 -34.12
C ASP B 65 -26.12 7.54 -34.70
N VAL B 66 -25.22 8.53 -34.65
CA VAL B 66 -23.82 8.49 -35.05
C VAL B 66 -23.05 7.48 -34.18
N THR B 67 -23.29 7.49 -32.84
CA THR B 67 -22.68 6.54 -31.89
C THR B 67 -23.10 5.08 -32.25
N ASP B 68 -24.41 4.85 -32.54
CA ASP B 68 -24.94 3.53 -32.98
C ASP B 68 -24.32 3.06 -34.29
N GLU B 69 -24.11 4.01 -35.19
CA GLU B 69 -23.53 3.78 -36.51
C GLU B 69 -22.05 3.35 -36.35
N MSE B 70 -21.23 4.15 -35.60
CA MSE B 70 -19.81 3.84 -35.28
C MSE B 70 -19.66 2.42 -34.71
O MSE B 70 -18.81 1.64 -35.16
CB MSE B 70 -19.24 4.87 -34.26
CG MSE B 70 -17.76 4.65 -33.92
SE MSE B 70 -17.52 3.54 -32.32
CE MSE B 70 -15.92 2.73 -32.76
N VAL B 71 -20.48 2.11 -33.71
CA VAL B 71 -20.42 0.84 -33.03
C VAL B 71 -20.76 -0.37 -33.91
N ARG B 72 -21.59 -0.20 -34.94
CA ARG B 72 -21.93 -1.29 -35.86
C ARG B 72 -20.87 -1.34 -36.98
N LEU B 73 -20.32 -0.17 -37.33
CA LEU B 73 -19.19 -0.10 -38.24
C LEU B 73 -18.02 -0.88 -37.62
N ASN B 74 -17.69 -0.61 -36.35
CA ASN B 74 -16.60 -1.25 -35.61
C ASN B 74 -16.77 -2.77 -35.54
N TRP B 75 -17.98 -3.23 -35.17
CA TRP B 75 -18.26 -4.66 -35.08
C TRP B 75 -18.25 -5.37 -36.43
N LEU B 76 -19.11 -4.91 -37.36
CA LEU B 76 -19.33 -5.54 -38.66
C LEU B 76 -18.13 -5.61 -39.62
N THR B 77 -17.14 -4.72 -39.50
CA THR B 77 -15.96 -4.72 -40.39
C THR B 77 -15.14 -6.03 -40.34
N ALA B 78 -15.22 -6.77 -39.22
CA ALA B 78 -14.56 -8.06 -39.04
C ALA B 78 -15.10 -9.14 -40.02
N PHE B 79 -16.30 -8.95 -40.59
CA PHE B 79 -16.93 -9.91 -41.49
C PHE B 79 -17.26 -9.38 -42.89
N MSE B 80 -17.50 -8.05 -43.01
CA MSE B 80 -17.94 -7.41 -44.25
C MSE B 80 -17.07 -6.22 -44.70
O MSE B 80 -16.49 -5.55 -43.86
CB MSE B 80 -19.39 -6.91 -44.05
CG MSE B 80 -20.42 -8.04 -43.86
SE MSE B 80 -20.58 -9.21 -45.41
CE MSE B 80 -21.70 -8.20 -46.41
N PRO B 81 -16.98 -5.91 -46.02
CA PRO B 81 -16.17 -4.73 -46.42
C PRO B 81 -16.95 -3.44 -46.14
N LEU B 82 -16.51 -2.67 -45.12
CA LEU B 82 -17.19 -1.44 -44.69
C LEU B 82 -16.19 -0.31 -44.58
N PRO B 83 -16.66 0.97 -44.52
CA PRO B 83 -15.71 2.09 -44.28
C PRO B 83 -14.99 1.94 -42.92
N THR B 84 -13.72 2.41 -42.85
CA THR B 84 -12.87 2.29 -41.64
C THR B 84 -13.01 3.50 -40.73
N ILE B 85 -13.12 3.25 -39.42
CA ILE B 85 -13.18 4.33 -38.42
C ILE B 85 -11.73 4.75 -38.13
N LYS B 86 -11.39 6.01 -38.42
CA LYS B 86 -10.06 6.53 -38.13
C LYS B 86 -10.11 7.24 -36.79
N HIS B 87 -11.21 7.91 -36.51
CA HIS B 87 -11.41 8.62 -35.26
C HIS B 87 -12.89 8.74 -34.94
N PHE B 88 -13.22 8.69 -33.64
CA PHE B 88 -14.57 8.92 -33.14
C PHE B 88 -14.49 9.66 -31.79
N ILE B 89 -15.32 10.71 -31.61
CA ILE B 89 -15.39 11.48 -30.37
C ILE B 89 -16.83 11.57 -29.87
N ARG B 90 -17.04 11.32 -28.57
CA ARG B 90 -18.33 11.47 -27.92
C ARG B 90 -18.18 12.39 -26.69
N THR B 91 -18.92 13.50 -26.66
CA THR B 91 -19.06 14.44 -25.53
C THR B 91 -20.55 14.36 -25.16
N PRO B 92 -21.07 15.03 -24.09
CA PRO B 92 -22.50 14.82 -23.72
C PRO B 92 -23.58 15.00 -24.81
N ASP B 93 -23.49 16.05 -25.64
CA ASP B 93 -24.50 16.31 -26.67
C ASP B 93 -23.95 16.26 -28.10
N ASP B 94 -22.70 15.81 -28.25
CA ASP B 94 -22.05 15.73 -29.56
C ASP B 94 -21.29 14.44 -29.79
N ALA B 95 -21.35 13.97 -31.05
CA ALA B 95 -20.62 12.82 -31.56
C ALA B 95 -20.00 13.17 -32.93
N TRP B 96 -18.70 12.87 -33.09
CA TRP B 96 -17.95 13.12 -34.32
C TRP B 96 -17.42 11.79 -34.83
N LEU B 97 -17.77 11.40 -36.06
CA LEU B 97 -17.34 10.14 -36.67
C LEU B 97 -16.53 10.39 -37.93
N LEU B 98 -15.24 9.98 -37.90
CA LEU B 98 -14.31 10.11 -39.01
C LEU B 98 -14.06 8.71 -39.59
N THR B 99 -14.48 8.52 -40.84
CA THR B 99 -14.43 7.26 -41.58
C THR B 99 -13.82 7.45 -42.96
N THR B 100 -13.29 6.36 -43.55
CA THR B 100 -12.72 6.35 -44.90
C THR B 100 -13.87 6.20 -45.89
N ALA B 101 -13.76 6.82 -47.06
CA ALA B 101 -14.75 6.71 -48.11
C ALA B 101 -14.44 5.46 -48.92
N ILE B 102 -15.49 4.81 -49.44
CA ILE B 102 -15.32 3.63 -50.26
C ILE B 102 -15.44 4.03 -51.73
N PRO B 103 -14.32 3.92 -52.52
CA PRO B 103 -14.40 4.24 -53.94
C PRO B 103 -15.37 3.31 -54.69
N GLY B 104 -16.01 3.83 -55.72
CA GLY B 104 -16.95 3.06 -56.52
C GLY B 104 -18.28 3.73 -56.79
N LYS B 105 -19.24 2.92 -57.29
CA LYS B 105 -20.57 3.39 -57.65
C LYS B 105 -21.57 2.52 -56.94
N THR B 106 -22.79 3.04 -56.72
CA THR B 106 -23.87 2.28 -56.08
C THR B 106 -24.38 1.22 -57.04
N ALA B 107 -25.05 0.20 -56.53
CA ALA B 107 -25.66 -0.85 -57.32
C ALA B 107 -26.78 -0.25 -58.20
N PHE B 108 -27.46 0.82 -57.72
CA PHE B 108 -28.47 1.52 -58.53
C PHE B 108 -27.78 2.11 -59.77
N GLN B 109 -26.65 2.81 -59.57
CA GLN B 109 -25.87 3.43 -60.64
C GLN B 109 -25.34 2.43 -61.64
N VAL B 110 -24.83 1.27 -61.15
CA VAL B 110 -24.30 0.17 -61.99
C VAL B 110 -25.42 -0.49 -62.80
N LEU B 111 -26.59 -0.65 -62.18
CA LEU B 111 -27.80 -1.22 -62.78
C LEU B 111 -28.22 -0.34 -63.95
N GLU B 112 -28.16 0.99 -63.77
CA GLU B 112 -28.49 1.97 -64.82
C GLU B 112 -27.49 1.99 -65.95
N GLU B 113 -26.20 1.84 -65.62
CA GLU B 113 -25.13 1.85 -66.61
C GLU B 113 -25.08 0.59 -67.46
N TYR B 114 -25.35 -0.57 -66.85
CA TYR B 114 -25.30 -1.86 -67.49
C TYR B 114 -26.67 -2.56 -67.43
N PRO B 115 -27.72 -2.04 -68.14
CA PRO B 115 -29.06 -2.67 -68.06
C PRO B 115 -29.09 -4.11 -68.53
N ASP B 116 -28.25 -4.41 -69.53
CA ASP B 116 -28.15 -5.74 -70.14
C ASP B 116 -27.38 -6.73 -69.26
N SER B 117 -26.93 -6.27 -68.08
CA SER B 117 -26.21 -7.05 -67.07
C SER B 117 -27.03 -7.16 -65.80
N GLY B 118 -28.33 -6.83 -65.91
CA GLY B 118 -29.28 -6.82 -64.83
C GLY B 118 -29.34 -8.09 -64.01
N GLU B 119 -29.47 -9.23 -64.70
CA GLU B 119 -29.55 -10.53 -64.04
C GLU B 119 -28.24 -10.90 -63.32
N ASN B 120 -27.08 -10.52 -63.90
CA ASN B 120 -25.76 -10.76 -63.34
C ASN B 120 -25.54 -9.90 -62.10
N ILE B 121 -26.02 -8.64 -62.10
CA ILE B 121 -25.92 -7.70 -60.95
C ILE B 121 -26.73 -8.25 -59.78
N VAL B 122 -27.95 -8.74 -60.05
CA VAL B 122 -28.82 -9.33 -59.03
C VAL B 122 -28.17 -10.62 -58.46
N ASP B 123 -27.53 -11.42 -59.33
CA ASP B 123 -26.77 -12.61 -58.89
C ASP B 123 -25.69 -12.17 -57.87
N ALA B 124 -24.94 -11.09 -58.17
CA ALA B 124 -23.91 -10.55 -57.27
C ALA B 124 -24.51 -10.00 -55.97
N LEU B 125 -25.72 -9.37 -56.03
CA LEU B 125 -26.40 -8.86 -54.83
C LEU B 125 -26.87 -10.02 -53.91
N ALA B 126 -27.41 -11.09 -54.53
CA ALA B 126 -27.83 -12.30 -53.82
C ALA B 126 -26.67 -12.95 -53.05
N VAL B 127 -25.51 -13.11 -53.71
CA VAL B 127 -24.27 -13.70 -53.15
C VAL B 127 -23.81 -12.86 -51.97
N PHE B 128 -23.76 -11.52 -52.15
CA PHE B 128 -23.35 -10.58 -51.10
C PHE B 128 -24.31 -10.67 -49.92
N LEU B 129 -25.64 -10.61 -50.19
CA LEU B 129 -26.65 -10.78 -49.12
C LEU B 129 -26.50 -12.14 -48.42
N ARG B 130 -26.16 -13.21 -49.18
N ARG B 130 -26.19 -13.22 -49.16
CA ARG B 130 -25.90 -14.55 -48.65
CA ARG B 130 -25.94 -14.52 -48.51
C ARG B 130 -24.68 -14.54 -47.68
C ARG B 130 -24.70 -14.50 -47.60
N ARG B 131 -23.66 -13.69 -47.95
CA ARG B 131 -22.45 -13.53 -47.10
C ARG B 131 -22.78 -12.92 -45.72
N LEU B 132 -23.58 -11.82 -45.71
CA LEU B 132 -24.06 -11.13 -44.52
C LEU B 132 -24.93 -12.06 -43.65
N HIS B 133 -25.84 -12.81 -44.27
CA HIS B 133 -26.74 -13.75 -43.61
C HIS B 133 -26.07 -15.08 -43.15
N SER B 134 -24.78 -15.28 -43.51
N SER B 134 -24.79 -15.28 -43.51
CA SER B 134 -23.99 -16.46 -43.14
CA SER B 134 -24.02 -16.47 -43.12
C SER B 134 -23.18 -16.24 -41.85
C SER B 134 -23.17 -16.24 -41.86
N ILE B 135 -23.09 -14.98 -41.37
CA ILE B 135 -22.38 -14.62 -40.13
C ILE B 135 -23.17 -15.26 -38.99
N PRO B 136 -22.57 -16.17 -38.21
CA PRO B 136 -23.33 -16.83 -37.13
C PRO B 136 -23.83 -15.82 -36.12
N VAL B 137 -25.13 -15.89 -35.75
CA VAL B 137 -25.78 -14.93 -34.84
C VAL B 137 -25.06 -14.79 -33.50
N CYS B 138 -24.35 -15.85 -33.07
CA CYS B 138 -23.57 -15.87 -31.83
C CYS B 138 -22.44 -14.82 -31.82
N ASN B 139 -22.14 -14.21 -32.98
CA ASN B 139 -21.12 -13.15 -33.07
C ASN B 139 -21.75 -11.76 -32.95
N CYS B 140 -23.07 -11.64 -33.15
CA CYS B 140 -23.74 -10.34 -33.16
C CYS B 140 -24.23 -9.82 -31.78
N PRO B 141 -23.66 -8.68 -31.30
CA PRO B 141 -24.08 -8.15 -29.98
C PRO B 141 -25.25 -7.17 -30.08
N PHE B 142 -25.87 -7.08 -31.25
CA PHE B 142 -26.97 -6.18 -31.49
C PHE B 142 -28.28 -6.88 -31.76
N ASN B 143 -29.35 -6.27 -31.22
CA ASN B 143 -30.71 -6.70 -31.41
C ASN B 143 -31.41 -5.66 -32.34
N SER B 144 -31.92 -6.15 -33.49
CA SER B 144 -32.73 -5.33 -34.41
C SER B 144 -34.06 -6.07 -34.72
N ASP B 145 -34.56 -6.91 -33.79
CA ASP B 145 -35.78 -7.70 -34.00
C ASP B 145 -37.09 -6.86 -34.22
N ARG B 146 -38.19 -7.52 -34.58
CA ARG B 146 -39.43 -6.79 -34.87
C ARG B 146 -40.00 -6.03 -33.70
N VAL B 147 -39.89 -6.61 -32.51
CA VAL B 147 -40.36 -5.99 -31.26
C VAL B 147 -39.60 -4.68 -31.00
N PHE B 148 -38.27 -4.67 -31.25
CA PHE B 148 -37.45 -3.48 -31.12
C PHE B 148 -37.81 -2.43 -32.16
N ARG B 149 -38.06 -2.87 -33.40
CA ARG B 149 -38.36 -2.05 -34.56
C ARG B 149 -39.77 -1.49 -34.51
N LEU B 150 -40.76 -2.30 -34.12
CA LEU B 150 -42.14 -1.84 -34.02
C LEU B 150 -42.32 -0.70 -33.02
N ALA B 151 -41.60 -0.74 -31.87
CA ALA B 151 -41.64 0.30 -30.83
C ALA B 151 -41.09 1.64 -31.37
N GLN B 152 -40.04 1.57 -32.22
CA GLN B 152 -39.39 2.73 -32.86
C GLN B 152 -40.38 3.31 -33.87
N ALA B 153 -41.02 2.42 -34.67
CA ALA B 153 -42.07 2.76 -35.66
C ALA B 153 -43.23 3.49 -34.96
N GLN B 154 -43.69 2.97 -33.82
CA GLN B 154 -44.78 3.56 -33.04
C GLN B 154 -44.41 4.94 -32.49
N SER B 155 -43.17 5.09 -32.02
CA SER B 155 -42.64 6.35 -31.49
C SER B 155 -42.58 7.37 -32.62
N ARG B 156 -42.14 6.92 -33.82
CA ARG B 156 -42.07 7.76 -35.02
C ARG B 156 -43.48 8.23 -35.49
N MSE B 157 -44.49 7.33 -35.45
CA MSE B 157 -45.87 7.70 -35.82
C MSE B 157 -46.49 8.70 -34.82
O MSE B 157 -47.05 9.71 -35.22
CB MSE B 157 -46.75 6.45 -35.98
CG MSE B 157 -48.23 6.71 -35.95
SE MSE B 157 -49.17 5.05 -36.12
CE MSE B 157 -48.98 4.42 -34.30
N ASN B 158 -46.34 8.42 -33.52
CA ASN B 158 -46.87 9.28 -32.47
C ASN B 158 -46.18 10.63 -32.40
N ASN B 159 -44.97 10.77 -32.95
CA ASN B 159 -44.25 12.05 -32.94
C ASN B 159 -44.33 12.84 -34.27
N GLY B 160 -45.09 12.33 -35.23
CA GLY B 160 -45.31 12.97 -36.53
C GLY B 160 -44.11 12.97 -37.47
N LEU B 161 -43.24 11.96 -37.33
CA LEU B 161 -41.99 11.82 -38.09
C LEU B 161 -42.08 10.90 -39.31
N VAL B 162 -43.17 10.11 -39.46
CA VAL B 162 -43.37 9.25 -40.62
C VAL B 162 -43.59 10.08 -41.91
N ASP B 163 -42.83 9.79 -42.96
CA ASP B 163 -42.94 10.49 -44.23
C ASP B 163 -44.07 9.84 -45.05
N ALA B 164 -45.31 10.35 -44.87
CA ALA B 164 -46.50 9.78 -45.51
C ALA B 164 -46.53 9.92 -47.05
N SER B 165 -45.68 10.81 -47.60
CA SER B 165 -45.51 11.08 -49.01
C SER B 165 -44.59 10.08 -49.72
N ASP B 166 -43.93 9.21 -48.95
CA ASP B 166 -42.95 8.29 -49.47
C ASP B 166 -43.33 6.81 -49.32
N PHE B 167 -44.61 6.54 -49.14
CA PHE B 167 -45.13 5.17 -49.06
C PHE B 167 -45.03 4.47 -50.42
N ASP B 168 -45.03 3.12 -50.42
CA ASP B 168 -44.97 2.34 -51.66
C ASP B 168 -46.28 2.56 -52.35
N ASP B 169 -46.32 2.33 -53.67
CA ASP B 169 -47.51 2.57 -54.48
C ASP B 169 -48.81 2.00 -53.92
N GLU B 170 -48.78 0.78 -53.37
CA GLU B 170 -49.95 0.11 -52.82
C GLU B 170 -50.46 0.75 -51.51
N ARG B 171 -49.66 1.64 -50.90
CA ARG B 171 -50.03 2.35 -49.68
C ARG B 171 -50.11 3.88 -49.87
N ASN B 172 -50.03 4.33 -51.13
CA ASN B 172 -50.07 5.74 -51.47
C ASN B 172 -51.38 6.42 -51.05
N GLY B 173 -51.26 7.53 -50.35
CA GLY B 173 -52.38 8.32 -49.86
C GLY B 173 -52.98 7.84 -48.55
N TRP B 174 -52.54 6.65 -48.06
CA TRP B 174 -53.02 6.05 -46.83
C TRP B 174 -52.55 6.83 -45.62
N PRO B 175 -53.44 7.00 -44.61
CA PRO B 175 -52.98 7.62 -43.35
C PRO B 175 -51.98 6.67 -42.68
N VAL B 176 -50.96 7.24 -42.01
CA VAL B 176 -49.93 6.50 -41.26
C VAL B 176 -50.60 5.40 -40.40
N GLU B 177 -51.70 5.78 -39.69
CA GLU B 177 -52.50 4.93 -38.81
C GLU B 177 -53.12 3.71 -39.51
N GLN B 178 -53.47 3.83 -40.81
CA GLN B 178 -53.99 2.71 -41.60
C GLN B 178 -52.86 1.69 -41.86
N VAL B 179 -51.63 2.18 -42.18
CA VAL B 179 -50.47 1.32 -42.43
C VAL B 179 -50.17 0.48 -41.18
N TRP B 180 -50.23 1.17 -40.02
CA TRP B 180 -50.00 0.62 -38.68
C TRP B 180 -50.99 -0.50 -38.32
N LYS B 181 -52.31 -0.26 -38.49
CA LYS B 181 -53.34 -1.24 -38.17
C LYS B 181 -53.30 -2.51 -39.06
N GLU B 182 -53.19 -2.31 -40.37
CA GLU B 182 -53.13 -3.38 -41.37
C GLU B 182 -51.86 -4.26 -41.24
N MSE B 183 -50.71 -3.65 -40.91
CA MSE B 183 -49.44 -4.33 -40.70
C MSE B 183 -49.53 -5.36 -39.55
O MSE B 183 -48.89 -6.43 -39.60
CB MSE B 183 -48.36 -3.30 -40.38
CG MSE B 183 -46.95 -3.89 -40.29
SE MSE B 183 -45.56 -2.63 -39.86
CE MSE B 183 -46.40 -1.64 -38.51
N HIS B 184 -50.29 -5.03 -38.50
CA HIS B 184 -50.49 -5.84 -37.30
C HIS B 184 -51.38 -7.07 -37.56
N LYS B 185 -52.18 -7.04 -38.63
CA LYS B 185 -53.04 -8.16 -39.04
C LYS B 185 -52.19 -9.33 -39.58
N LEU B 186 -50.96 -9.04 -40.01
CA LEU B 186 -50.00 -10.00 -40.55
C LEU B 186 -49.26 -10.73 -39.41
N LEU B 187 -49.17 -10.07 -38.26
CA LEU B 187 -48.58 -10.63 -37.06
C LEU B 187 -49.52 -11.69 -36.45
N PRO B 188 -49.00 -12.79 -35.88
CA PRO B 188 -47.58 -13.14 -35.71
C PRO B 188 -47.02 -14.08 -36.79
N PHE B 189 -45.69 -14.20 -36.82
CA PHE B 189 -44.97 -15.12 -37.69
C PHE B 189 -43.75 -15.59 -36.92
N SER B 190 -43.20 -16.76 -37.26
CA SER B 190 -42.02 -17.25 -36.55
C SER B 190 -40.79 -16.61 -37.17
N PRO B 191 -39.86 -16.09 -36.36
CA PRO B 191 -38.67 -15.46 -36.96
C PRO B 191 -37.67 -16.47 -37.52
N ASP B 192 -36.91 -16.05 -38.52
CA ASP B 192 -35.83 -16.75 -39.20
C ASP B 192 -34.68 -15.76 -39.08
N SER B 193 -34.10 -15.71 -37.85
CA SER B 193 -33.09 -14.73 -37.44
C SER B 193 -31.69 -14.96 -38.00
N VAL B 194 -31.11 -13.86 -38.51
CA VAL B 194 -29.77 -13.74 -39.11
C VAL B 194 -29.24 -12.34 -38.74
N VAL B 195 -27.97 -12.08 -39.02
CA VAL B 195 -27.37 -10.76 -38.85
C VAL B 195 -27.86 -9.96 -40.08
N THR B 196 -28.68 -8.96 -39.86
CA THR B 196 -29.22 -8.11 -40.92
C THR B 196 -28.51 -6.74 -40.98
N HIS B 197 -28.63 -6.06 -42.14
CA HIS B 197 -28.10 -4.73 -42.39
C HIS B 197 -29.06 -3.65 -41.86
N GLY B 198 -30.36 -3.81 -42.13
CA GLY B 198 -31.37 -2.85 -41.70
C GLY B 198 -31.88 -1.92 -42.78
N ASP B 199 -31.04 -1.69 -43.83
CA ASP B 199 -31.36 -0.83 -44.98
C ASP B 199 -30.57 -1.33 -46.19
N PHE B 200 -30.76 -2.60 -46.54
CA PHE B 200 -30.09 -3.25 -47.65
C PHE B 200 -30.71 -2.81 -49.00
N SER B 201 -30.46 -1.55 -49.39
CA SER B 201 -30.98 -0.96 -50.61
C SER B 201 -29.90 -0.81 -51.66
N LEU B 202 -30.28 -0.44 -52.90
CA LEU B 202 -29.36 -0.23 -54.00
C LEU B 202 -28.41 0.96 -53.79
N ASP B 203 -28.81 1.98 -53.02
CA ASP B 203 -27.92 3.13 -52.75
C ASP B 203 -26.84 2.80 -51.71
N ASN B 204 -27.06 1.72 -50.93
CA ASN B 204 -26.16 1.35 -49.85
C ASN B 204 -25.16 0.25 -50.18
N LEU B 205 -25.15 -0.23 -51.44
CA LEU B 205 -24.25 -1.28 -51.94
C LEU B 205 -23.30 -0.72 -53.02
N ILE B 206 -21.99 -0.83 -52.77
CA ILE B 206 -20.94 -0.25 -53.61
C ILE B 206 -20.19 -1.29 -54.44
N PHE B 207 -20.03 -1.01 -55.73
CA PHE B 207 -19.36 -1.79 -56.75
C PHE B 207 -18.09 -1.07 -57.18
N ASP B 208 -16.96 -1.77 -57.25
CA ASP B 208 -15.73 -1.19 -57.80
C ASP B 208 -15.01 -2.25 -58.62
N GLU B 209 -14.73 -1.93 -59.89
CA GLU B 209 -14.10 -2.83 -60.87
C GLU B 209 -14.94 -4.11 -61.04
N GLY B 210 -16.24 -3.90 -61.26
CA GLY B 210 -17.25 -4.94 -61.47
C GLY B 210 -17.58 -5.85 -60.29
N LYS B 211 -17.08 -5.54 -59.08
CA LYS B 211 -17.34 -6.38 -57.90
C LYS B 211 -17.98 -5.62 -56.75
N LEU B 212 -18.82 -6.32 -55.96
CA LEU B 212 -19.46 -5.75 -54.78
C LEU B 212 -18.34 -5.66 -53.75
N ILE B 213 -17.93 -4.45 -53.43
CA ILE B 213 -16.81 -4.23 -52.52
C ILE B 213 -17.17 -3.49 -51.23
N GLY B 214 -18.45 -3.42 -50.92
CA GLY B 214 -18.87 -2.77 -49.68
C GLY B 214 -20.31 -2.35 -49.54
N CYS B 215 -20.68 -2.12 -48.28
CA CYS B 215 -21.99 -1.60 -47.90
C CYS B 215 -21.82 -0.51 -46.86
N ILE B 216 -22.70 0.48 -46.92
CA ILE B 216 -22.66 1.66 -46.06
C ILE B 216 -24.00 1.76 -45.36
N ASP B 217 -24.20 2.84 -44.56
CA ASP B 217 -25.46 3.15 -43.83
C ASP B 217 -25.84 1.98 -42.91
N VAL B 218 -24.96 1.70 -41.98
CA VAL B 218 -25.00 0.54 -41.10
C VAL B 218 -25.66 0.68 -39.68
N GLY B 219 -26.27 1.86 -39.42
CA GLY B 219 -26.93 2.21 -38.15
C GLY B 219 -27.95 1.24 -37.59
N ARG B 220 -28.59 0.44 -38.45
CA ARG B 220 -29.60 -0.52 -37.96
C ARG B 220 -29.19 -2.01 -38.02
N VAL B 221 -27.86 -2.26 -38.09
CA VAL B 221 -27.30 -3.61 -38.10
C VAL B 221 -27.69 -4.34 -36.79
N GLY B 222 -28.00 -5.61 -36.92
CA GLY B 222 -28.37 -6.46 -35.79
C GLY B 222 -29.16 -7.66 -36.20
N ILE B 223 -29.49 -8.50 -35.22
CA ILE B 223 -30.25 -9.72 -35.46
C ILE B 223 -31.70 -9.36 -35.67
N ALA B 224 -32.26 -9.82 -36.79
CA ALA B 224 -33.63 -9.65 -37.22
C ALA B 224 -33.91 -10.80 -38.20
N ASP B 225 -35.16 -10.86 -38.73
CA ASP B 225 -35.56 -11.84 -39.75
C ASP B 225 -34.87 -11.51 -41.09
N ARG B 226 -34.44 -12.53 -41.82
CA ARG B 226 -33.77 -12.36 -43.12
C ARG B 226 -34.55 -11.42 -44.07
N TYR B 227 -35.89 -11.45 -43.97
CA TYR B 227 -36.80 -10.62 -44.78
C TYR B 227 -36.68 -9.12 -44.57
N GLN B 228 -36.02 -8.69 -43.47
CA GLN B 228 -35.78 -7.28 -43.24
C GLN B 228 -34.91 -6.75 -44.38
N ASP B 229 -33.88 -7.51 -44.80
CA ASP B 229 -32.97 -7.16 -45.89
C ASP B 229 -33.50 -7.52 -47.29
N LEU B 230 -34.14 -8.71 -47.46
CA LEU B 230 -34.68 -9.15 -48.75
C LEU B 230 -35.81 -8.24 -49.23
N ALA B 231 -36.66 -7.78 -48.29
CA ALA B 231 -37.79 -6.87 -48.55
C ALA B 231 -37.34 -5.56 -49.17
N ILE B 232 -36.42 -4.84 -48.49
CA ILE B 232 -35.90 -3.56 -48.96
C ILE B 232 -35.22 -3.70 -50.32
N LEU B 233 -34.36 -4.73 -50.48
CA LEU B 233 -33.72 -4.97 -51.75
C LEU B 233 -34.74 -5.28 -52.87
N TRP B 234 -35.73 -6.15 -52.60
CA TRP B 234 -36.80 -6.57 -53.51
C TRP B 234 -37.61 -5.35 -53.98
N ASN B 235 -37.88 -4.42 -53.05
CA ASN B 235 -38.60 -3.16 -53.24
C ASN B 235 -37.81 -2.28 -54.24
N CYS B 236 -36.50 -2.10 -54.01
CA CYS B 236 -35.60 -1.37 -54.93
C CYS B 236 -35.53 -1.96 -56.32
N LEU B 237 -35.55 -3.29 -56.43
CA LEU B 237 -35.54 -3.97 -57.74
C LEU B 237 -36.84 -3.79 -58.52
N GLY B 238 -37.90 -3.29 -57.85
CA GLY B 238 -39.19 -2.98 -58.47
C GLY B 238 -39.12 -1.88 -59.53
N GLU B 239 -38.13 -0.96 -59.40
CA GLU B 239 -37.89 0.09 -60.40
C GLU B 239 -37.19 -0.46 -61.64
N PHE B 240 -36.84 -1.75 -61.64
CA PHE B 240 -36.16 -2.35 -62.75
C PHE B 240 -37.08 -3.30 -63.47
N SER B 241 -37.49 -4.41 -62.85
CA SER B 241 -38.45 -5.37 -63.43
C SER B 241 -38.96 -6.37 -62.39
N PRO B 242 -40.18 -6.93 -62.52
CA PRO B 242 -40.61 -7.98 -61.57
C PRO B 242 -39.76 -9.27 -61.63
N SER B 243 -39.17 -9.56 -62.79
CA SER B 243 -38.34 -10.74 -63.01
C SER B 243 -37.05 -10.68 -62.19
N LEU B 244 -36.45 -9.47 -62.07
CA LEU B 244 -35.24 -9.20 -61.29
C LEU B 244 -35.54 -9.37 -59.78
N GLN B 245 -36.72 -8.91 -59.35
CA GLN B 245 -37.26 -9.03 -57.99
C GLN B 245 -37.35 -10.52 -57.59
N LYS B 246 -37.98 -11.33 -58.47
CA LYS B 246 -38.15 -12.77 -58.30
C LYS B 246 -36.80 -13.49 -58.32
N ARG B 247 -35.85 -13.04 -59.16
CA ARG B 247 -34.50 -13.61 -59.28
C ARG B 247 -33.66 -13.40 -58.01
N LEU B 248 -33.92 -12.31 -57.27
CA LEU B 248 -33.20 -12.06 -56.03
C LEU B 248 -33.48 -13.22 -55.05
N PHE B 249 -34.77 -13.62 -54.92
CA PHE B 249 -35.19 -14.73 -54.07
C PHE B 249 -34.63 -16.05 -54.54
N GLN B 250 -34.66 -16.27 -55.86
CA GLN B 250 -34.18 -17.48 -56.53
C GLN B 250 -32.71 -17.74 -56.23
N LYS B 251 -31.85 -16.75 -56.52
CA LYS B 251 -30.40 -16.84 -56.33
C LYS B 251 -29.98 -16.82 -54.87
N TYR B 252 -30.76 -16.14 -54.00
CA TYR B 252 -30.53 -16.07 -52.56
C TYR B 252 -30.70 -17.46 -51.95
N GLY B 253 -31.68 -18.21 -52.45
CA GLY B 253 -31.97 -19.55 -51.98
C GLY B 253 -33.43 -19.84 -51.69
N ILE B 254 -34.33 -18.86 -51.90
CA ILE B 254 -35.77 -19.03 -51.63
C ILE B 254 -36.56 -19.20 -52.93
N ASP B 255 -37.14 -20.38 -53.15
CA ASP B 255 -37.94 -20.63 -54.35
C ASP B 255 -39.40 -20.18 -54.19
N ASN B 256 -39.96 -20.31 -52.97
CA ASN B 256 -41.33 -19.90 -52.66
C ASN B 256 -41.29 -18.78 -51.60
N PRO B 257 -41.16 -17.50 -52.03
CA PRO B 257 -41.06 -16.41 -51.04
C PRO B 257 -42.27 -16.27 -50.12
N ASP B 258 -42.00 -16.00 -48.83
CA ASP B 258 -43.03 -15.85 -47.82
C ASP B 258 -43.60 -14.43 -47.94
N MSE B 259 -44.74 -14.36 -48.63
CA MSE B 259 -45.46 -13.12 -48.95
C MSE B 259 -45.89 -12.32 -47.72
O MSE B 259 -45.88 -11.10 -47.78
CB MSE B 259 -46.70 -13.43 -49.83
CG MSE B 259 -46.36 -13.95 -51.23
SE MSE B 259 -45.03 -13.01 -52.27
CE MSE B 259 -45.65 -11.17 -51.98
N ASN B 260 -46.28 -13.02 -46.64
CA ASN B 260 -46.68 -12.39 -45.38
C ASN B 260 -45.45 -11.69 -44.76
N LYS B 261 -44.30 -12.40 -44.68
CA LYS B 261 -43.04 -11.85 -44.14
C LYS B 261 -42.57 -10.67 -45.04
N LEU B 262 -42.66 -10.86 -46.37
CA LEU B 262 -42.30 -9.83 -47.33
C LEU B 262 -43.11 -8.53 -47.08
N GLN B 263 -44.46 -8.63 -47.07
CA GLN B 263 -45.41 -7.53 -46.83
C GLN B 263 -45.17 -6.84 -45.49
N PHE B 264 -44.98 -7.62 -44.41
CA PHE B 264 -44.70 -7.07 -43.06
C PHE B 264 -43.48 -6.13 -43.08
N HIS B 265 -42.36 -6.62 -43.64
CA HIS B 265 -41.11 -5.89 -43.72
C HIS B 265 -41.15 -4.67 -44.60
N LEU B 266 -41.89 -4.74 -45.72
CA LEU B 266 -42.10 -3.60 -46.63
C LEU B 266 -42.95 -2.58 -45.89
N MSE B 267 -44.03 -3.03 -45.17
CA MSE B 267 -44.86 -2.07 -44.39
C MSE B 267 -44.10 -1.44 -43.23
O MSE B 267 -44.31 -0.26 -42.94
CB MSE B 267 -46.18 -2.70 -43.88
CG MSE B 267 -47.07 -3.16 -45.05
SE MSE B 267 -48.67 -4.04 -44.50
CE MSE B 267 -49.66 -2.52 -44.20
N LEU B 268 -43.17 -2.21 -42.61
CA LEU B 268 -42.38 -1.73 -41.49
C LEU B 268 -41.45 -0.58 -41.90
N ASP B 269 -40.85 -0.67 -43.09
CA ASP B 269 -39.94 0.36 -43.59
C ASP B 269 -40.62 1.70 -43.97
N GLU B 270 -41.98 1.72 -43.94
CA GLU B 270 -42.79 2.90 -44.25
C GLU B 270 -42.62 3.90 -43.17
N PHE B 271 -42.38 3.40 -41.95
CA PHE B 271 -42.22 4.20 -40.74
C PHE B 271 -40.84 4.81 -40.58
N PHE B 272 -39.85 4.41 -41.40
CA PHE B 272 -38.49 4.92 -41.23
C PHE B 272 -38.05 5.83 -42.39
N GLN C 6 18.47 21.83 8.69
CA GLN C 6 17.90 22.86 9.57
C GLN C 6 18.11 24.25 8.98
N ARG C 7 17.06 25.10 9.08
CA ARG C 7 17.11 26.48 8.57
C ARG C 7 17.32 27.50 9.69
N GLU C 8 18.41 28.29 9.58
CA GLU C 8 18.79 29.35 10.52
C GLU C 8 19.28 30.58 9.75
N THR C 9 18.80 31.78 10.12
CA THR C 9 19.15 33.05 9.47
C THR C 9 19.21 34.24 10.46
N SER C 10 20.12 35.20 10.21
CA SER C 10 20.31 36.41 11.04
C SER C 10 19.10 37.35 10.98
N CYS C 11 18.82 38.07 12.10
CA CYS C 11 17.69 39.00 12.23
C CYS C 11 17.92 40.12 13.27
N SER C 12 16.92 41.03 13.41
CA SER C 12 16.92 42.16 14.34
C SER C 12 15.86 41.99 15.46
N ARG C 13 15.93 42.84 16.51
CA ARG C 13 15.03 42.83 17.67
C ARG C 13 13.61 43.28 17.31
N PRO C 14 12.54 42.64 17.86
CA PRO C 14 11.17 43.07 17.54
C PRO C 14 10.65 44.17 18.46
N LEU C 20 9.81 45.52 26.33
CA LEU C 20 9.50 45.38 27.76
C LEU C 20 10.70 44.84 28.56
N ASP C 21 11.46 43.89 27.96
CA ASP C 21 12.60 43.20 28.56
C ASP C 21 13.96 43.92 28.46
N ALA C 22 14.81 43.70 29.47
CA ALA C 22 16.18 44.18 29.60
C ALA C 22 17.14 42.98 29.56
N ASP C 23 16.58 41.76 29.75
CA ASP C 23 17.25 40.45 29.76
C ASP C 23 18.08 40.13 28.52
N LEU C 24 17.72 40.71 27.36
CA LEU C 24 18.41 40.45 26.09
C LEU C 24 19.47 41.52 25.75
N TYR C 25 20.13 42.03 26.81
CA TYR C 25 21.17 43.06 26.88
C TYR C 25 22.10 43.19 25.67
N GLY C 26 22.77 42.11 25.30
CA GLY C 26 23.72 42.09 24.19
C GLY C 26 23.89 40.75 23.52
N TYR C 27 22.77 40.19 23.05
CA TYR C 27 22.72 38.89 22.37
C TYR C 27 22.68 39.05 20.87
N ARG C 28 23.01 37.97 20.14
CA ARG C 28 22.92 37.89 18.67
C ARG C 28 21.66 37.11 18.31
N TRP C 29 20.77 37.76 17.54
CA TRP C 29 19.47 37.24 17.09
C TRP C 29 19.60 36.41 15.82
N ALA C 30 18.89 35.27 15.78
CA ALA C 30 18.83 34.35 14.65
C ALA C 30 17.47 33.63 14.60
N ARG C 31 16.65 33.93 13.56
CA ARG C 31 15.32 33.35 13.35
C ARG C 31 15.45 31.84 13.09
N ASP C 32 15.04 31.04 14.07
CA ASP C 32 15.19 29.57 14.05
C ASP C 32 14.01 28.80 13.49
N ASN C 33 14.30 27.62 12.90
CA ASN C 33 13.32 26.70 12.29
C ASN C 33 12.47 27.39 11.22
N VAL C 34 13.15 28.11 10.29
CA VAL C 34 12.54 28.85 9.17
C VAL C 34 11.80 27.87 8.24
N GLY C 35 10.49 28.05 8.13
CA GLY C 35 9.61 27.22 7.32
C GLY C 35 8.82 26.22 8.14
N GLN C 36 8.43 26.63 9.37
CA GLN C 36 7.68 25.79 10.31
C GLN C 36 6.62 26.57 11.08
N SER C 37 5.52 25.88 11.46
CA SER C 37 4.43 26.40 12.28
C SER C 37 4.78 26.15 13.77
N GLY C 38 4.29 26.96 14.72
CA GLY C 38 3.47 28.15 14.53
C GLY C 38 4.18 29.35 15.11
N ALA C 39 4.71 29.19 16.33
CA ALA C 39 5.43 30.24 17.04
C ALA C 39 6.82 30.50 16.46
N THR C 40 7.22 31.76 16.43
CA THR C 40 8.54 32.20 15.99
C THR C 40 9.52 31.82 17.11
N ILE C 41 10.52 30.99 16.80
CA ILE C 41 11.57 30.59 17.74
C ILE C 41 12.86 31.37 17.37
N TYR C 42 13.46 32.06 18.36
CA TYR C 42 14.69 32.82 18.21
C TYR C 42 15.79 32.16 19.00
N ARG C 43 16.98 32.06 18.42
CA ARG C 43 18.14 31.52 19.11
C ARG C 43 19.03 32.70 19.45
N LEU C 44 19.15 33.03 20.75
CA LEU C 44 19.97 34.12 21.28
C LEU C 44 21.28 33.58 21.79
N TYR C 45 22.37 33.93 21.08
CA TYR C 45 23.73 33.46 21.31
C TYR C 45 24.72 34.61 21.21
N GLY C 46 26.00 34.32 21.41
CA GLY C 46 27.09 35.28 21.26
C GLY C 46 27.25 36.34 22.34
N LYS C 47 26.53 36.22 23.48
CA LYS C 47 26.70 37.19 24.56
C LYS C 47 27.79 36.65 25.49
N PRO C 48 28.92 37.39 25.60
CA PRO C 48 30.03 36.94 26.47
C PRO C 48 29.59 36.70 27.91
N ASN C 49 30.06 35.56 28.48
CA ASN C 49 29.81 35.10 29.87
C ASN C 49 28.32 34.98 30.17
N ALA C 50 27.55 34.60 29.14
CA ALA C 50 26.09 34.42 29.21
C ALA C 50 25.62 33.17 28.44
N PRO C 51 24.61 32.43 28.97
CA PRO C 51 24.17 31.20 28.28
C PRO C 51 23.38 31.43 27.01
N GLU C 52 23.30 30.39 26.16
CA GLU C 52 22.48 30.38 24.95
C GLU C 52 21.03 30.38 25.47
N LEU C 53 20.17 31.21 24.87
CA LEU C 53 18.76 31.31 25.24
C LEU C 53 17.83 31.14 24.02
N PHE C 54 16.56 30.79 24.28
CA PHE C 54 15.53 30.64 23.26
C PHE C 54 14.31 31.50 23.62
N LEU C 55 13.83 32.31 22.65
CA LEU C 55 12.68 33.18 22.80
C LEU C 55 11.60 32.75 21.81
N LYS C 56 10.44 32.37 22.35
CA LYS C 56 9.29 31.88 21.60
C LYS C 56 8.22 32.95 21.62
N HIS C 57 7.74 33.38 20.45
CA HIS C 57 6.67 34.38 20.36
C HIS C 57 5.43 33.79 19.72
N GLY C 58 4.30 33.97 20.40
CA GLY C 58 2.98 33.53 19.96
C GLY C 58 2.06 34.72 19.87
N LYS C 59 1.39 34.87 18.71
CA LYS C 59 0.46 35.96 18.40
C LYS C 59 -0.93 35.34 18.14
N GLY C 60 -1.97 35.92 18.73
CA GLY C 60 -3.34 35.43 18.58
C GLY C 60 -3.54 34.05 19.17
N SER C 61 -4.06 33.09 18.38
CA SER C 61 -4.30 31.71 18.84
C SER C 61 -3.02 30.99 19.30
N VAL C 62 -1.91 31.25 18.60
CA VAL C 62 -0.56 30.73 18.85
C VAL C 62 -0.07 31.15 20.27
N ALA C 63 -0.52 32.34 20.79
CA ALA C 63 -0.19 32.82 22.14
C ALA C 63 -0.66 31.84 23.20
N ASN C 64 -1.77 31.13 22.93
CA ASN C 64 -2.31 30.10 23.83
C ASN C 64 -1.39 28.91 23.80
N ASP C 65 -0.87 28.55 22.61
CA ASP C 65 0.04 27.41 22.47
C ASP C 65 1.35 27.63 23.26
N VAL C 66 1.86 28.89 23.26
CA VAL C 66 3.07 29.34 23.96
C VAL C 66 2.80 29.35 25.47
N THR C 67 1.59 29.77 25.90
CA THR C 67 1.13 29.77 27.29
C THR C 67 1.07 28.30 27.83
N ASP C 68 0.51 27.38 27.01
CA ASP C 68 0.42 25.95 27.29
C ASP C 68 1.78 25.34 27.51
N GLU C 69 2.79 25.73 26.71
CA GLU C 69 4.15 25.19 26.85
C GLU C 69 4.77 25.68 28.14
N MSE C 70 4.56 26.98 28.45
CA MSE C 70 5.11 27.58 29.66
C MSE C 70 4.65 26.82 30.91
O MSE C 70 5.51 26.45 31.69
CB MSE C 70 4.78 29.08 29.73
CG MSE C 70 5.40 29.79 30.96
SE MSE C 70 4.37 29.56 32.62
CE MSE C 70 2.75 30.34 32.07
N VAL C 71 3.34 26.54 31.05
CA VAL C 71 2.84 25.82 32.24
C VAL C 71 3.33 24.41 32.37
N ARG C 72 3.44 23.76 31.24
CA ARG C 72 3.93 22.38 31.16
C ARG C 72 5.42 22.33 31.45
N LEU C 73 6.18 23.38 31.06
CA LEU C 73 7.61 23.53 31.35
C LEU C 73 7.77 23.68 32.84
N ASN C 74 6.98 24.59 33.42
CA ASN C 74 6.94 24.88 34.85
C ASN C 74 6.64 23.63 35.69
N TRP C 75 5.60 22.87 35.30
CA TRP C 75 5.21 21.67 36.00
C TRP C 75 6.25 20.55 35.82
N LEU C 76 6.52 20.14 34.55
CA LEU C 76 7.43 19.01 34.24
C LEU C 76 8.92 19.15 34.68
N THR C 77 9.41 20.39 34.87
CA THR C 77 10.80 20.61 35.30
C THR C 77 11.14 19.93 36.68
N ALA C 78 10.14 19.73 37.56
CA ALA C 78 10.32 19.04 38.85
C ALA C 78 10.60 17.52 38.65
N PHE C 79 10.35 16.99 37.43
CA PHE C 79 10.48 15.56 37.16
C PHE C 79 11.48 15.14 36.09
N MSE C 80 11.70 15.99 35.10
CA MSE C 80 12.57 15.66 33.97
C MSE C 80 13.51 16.82 33.64
O MSE C 80 13.20 17.96 34.02
CB MSE C 80 11.70 15.27 32.71
CG MSE C 80 10.82 14.02 32.92
SE MSE C 80 11.77 12.33 33.25
CE MSE C 80 12.07 11.94 31.48
N PRO C 81 14.63 16.57 32.88
CA PRO C 81 15.51 17.69 32.48
C PRO C 81 14.87 18.46 31.31
N LEU C 82 14.61 19.75 31.55
CA LEU C 82 13.95 20.64 30.58
C LEU C 82 14.64 21.99 30.54
N PRO C 83 14.43 22.81 29.48
CA PRO C 83 14.96 24.19 29.52
C PRO C 83 14.31 24.98 30.66
N THR C 84 15.03 25.92 31.29
CA THR C 84 14.40 26.68 32.37
C THR C 84 13.81 28.04 31.95
N ILE C 85 12.61 28.37 32.47
CA ILE C 85 11.92 29.63 32.21
C ILE C 85 12.70 30.80 32.86
N LYS C 86 13.28 31.69 32.03
CA LYS C 86 13.97 32.86 32.55
C LYS C 86 12.93 33.98 32.73
N HIS C 87 11.96 34.06 31.79
CA HIS C 87 10.93 35.09 31.72
C HIS C 87 9.81 34.69 30.78
N PHE C 88 8.56 35.02 31.17
CA PHE C 88 7.37 34.81 30.34
C PHE C 88 6.41 36.01 30.45
N ILE C 89 5.92 36.49 29.30
CA ILE C 89 4.95 37.59 29.23
C ILE C 89 3.73 37.17 28.41
N ARG C 90 2.53 37.46 28.95
CA ARG C 90 1.26 37.23 28.29
C ARG C 90 0.48 38.52 28.29
N THR C 91 0.23 39.08 27.10
CA THR C 91 -0.59 40.27 26.92
C THR C 91 -1.87 39.77 26.20
N PRO C 92 -2.95 40.57 26.04
CA PRO C 92 -4.16 40.04 25.36
C PRO C 92 -3.98 39.23 24.06
N ASP C 93 -3.10 39.70 23.14
CA ASP C 93 -2.88 39.05 21.85
C ASP C 93 -1.45 38.44 21.66
N ASP C 94 -0.60 38.46 22.72
CA ASP C 94 0.77 37.97 22.61
C ASP C 94 1.27 37.18 23.81
N ALA C 95 2.22 36.27 23.55
CA ALA C 95 2.90 35.45 24.56
C ALA C 95 4.35 35.35 24.18
N TRP C 96 5.23 35.67 25.13
CA TRP C 96 6.69 35.62 24.95
C TRP C 96 7.27 34.67 25.97
N LEU C 97 8.02 33.66 25.52
CA LEU C 97 8.60 32.67 26.42
C LEU C 97 10.10 32.58 26.26
N LEU C 98 10.83 33.19 27.20
CA LEU C 98 12.28 33.18 27.20
C LEU C 98 12.77 32.05 28.10
N THR C 99 13.59 31.16 27.54
CA THR C 99 14.10 29.97 28.22
C THR C 99 15.60 29.78 27.94
N THR C 100 16.27 28.99 28.78
CA THR C 100 17.66 28.59 28.57
C THR C 100 17.65 27.50 27.48
N ALA C 101 18.79 27.23 26.86
CA ALA C 101 18.91 26.16 25.89
C ALA C 101 19.46 24.95 26.61
N ILE C 102 19.16 23.77 26.07
CA ILE C 102 19.74 22.53 26.59
C ILE C 102 21.00 22.38 25.72
N PRO C 103 22.22 22.28 26.31
CA PRO C 103 23.42 22.17 25.47
C PRO C 103 23.41 20.90 24.62
N GLY C 104 23.85 21.02 23.38
CA GLY C 104 23.92 19.87 22.48
C GLY C 104 23.10 19.96 21.21
N LYS C 105 22.91 18.81 20.57
CA LYS C 105 22.18 18.67 19.31
C LYS C 105 20.98 17.78 19.46
N THR C 106 19.98 17.95 18.59
CA THR C 106 18.77 17.12 18.58
C THR C 106 19.15 15.69 18.18
N ALA C 107 18.33 14.70 18.57
CA ALA C 107 18.56 13.29 18.24
C ALA C 107 18.66 13.11 16.71
N PHE C 108 17.85 13.87 15.94
CA PHE C 108 17.82 13.87 14.48
C PHE C 108 19.16 14.30 13.92
N GLN C 109 19.70 15.48 14.38
CA GLN C 109 21.00 15.98 13.94
C GLN C 109 22.09 14.97 14.22
N VAL C 110 22.03 14.31 15.39
CA VAL C 110 23.03 13.33 15.82
C VAL C 110 22.97 12.07 14.98
N LEU C 111 21.75 11.59 14.70
CA LEU C 111 21.51 10.40 13.88
C LEU C 111 22.17 10.57 12.52
N GLU C 112 21.95 11.73 11.86
CA GLU C 112 22.50 12.08 10.55
C GLU C 112 24.02 12.23 10.59
N GLU C 113 24.56 12.82 11.65
CA GLU C 113 26.00 13.03 11.82
C GLU C 113 26.78 11.73 12.11
N TYR C 114 26.23 10.83 12.94
CA TYR C 114 26.86 9.58 13.35
C TYR C 114 25.86 8.45 13.09
N PRO C 115 25.74 7.93 11.84
CA PRO C 115 24.73 6.87 11.57
C PRO C 115 24.94 5.54 12.30
N ASP C 116 26.18 5.30 12.77
CA ASP C 116 26.55 4.09 13.50
C ASP C 116 26.12 4.15 14.98
N SER C 117 25.66 5.33 15.43
CA SER C 117 25.23 5.60 16.80
C SER C 117 23.73 5.41 16.99
N GLY C 118 23.03 5.08 15.90
CA GLY C 118 21.58 4.87 15.86
C GLY C 118 21.02 4.00 16.96
N GLU C 119 21.62 2.80 17.16
CA GLU C 119 21.27 1.79 18.18
C GLU C 119 21.43 2.38 19.57
N ASN C 120 22.51 3.12 19.80
CA ASN C 120 22.72 3.78 21.09
C ASN C 120 21.67 4.85 21.34
N ILE C 121 21.33 5.63 20.28
CA ILE C 121 20.36 6.72 20.33
C ILE C 121 18.98 6.17 20.67
N VAL C 122 18.56 5.11 19.97
CA VAL C 122 17.25 4.46 20.19
C VAL C 122 17.13 3.90 21.62
N ASP C 123 18.18 3.18 22.10
CA ASP C 123 18.24 2.66 23.47
C ASP C 123 18.09 3.80 24.50
N ALA C 124 18.86 4.89 24.33
CA ALA C 124 18.77 6.04 25.23
C ALA C 124 17.34 6.65 25.18
N LEU C 125 16.75 6.77 23.97
CA LEU C 125 15.40 7.32 23.74
C LEU C 125 14.34 6.53 24.48
N ALA C 126 14.40 5.18 24.37
CA ALA C 126 13.47 4.27 25.04
C ALA C 126 13.56 4.36 26.57
N VAL C 127 14.82 4.40 27.11
CA VAL C 127 15.10 4.51 28.54
C VAL C 127 14.51 5.83 29.10
N PHE C 128 14.61 6.92 28.33
CA PHE C 128 14.12 8.27 28.69
C PHE C 128 12.61 8.30 28.74
N LEU C 129 11.98 7.65 27.76
CA LEU C 129 10.53 7.56 27.64
C LEU C 129 9.93 6.76 28.77
N ARG C 130 10.59 5.64 29.15
CA ARG C 130 10.16 4.85 30.28
C ARG C 130 10.16 5.72 31.56
N ARG C 131 11.15 6.64 31.72
CA ARG C 131 11.25 7.52 32.88
C ARG C 131 10.06 8.49 32.90
N LEU C 132 9.76 9.08 31.74
CA LEU C 132 8.67 10.02 31.59
C LEU C 132 7.35 9.32 31.89
N HIS C 133 7.14 8.13 31.32
CA HIS C 133 5.95 7.31 31.50
C HIS C 133 5.79 6.77 32.93
N SER C 134 6.90 6.76 33.71
CA SER C 134 6.88 6.32 35.10
C SER C 134 6.42 7.38 36.10
N ILE C 135 6.41 8.68 35.72
CA ILE C 135 5.94 9.72 36.64
C ILE C 135 4.48 9.37 36.99
N PRO C 136 4.13 9.13 38.29
CA PRO C 136 2.73 8.79 38.59
C PRO C 136 1.75 9.86 38.11
N VAL C 137 0.63 9.42 37.50
CA VAL C 137 -0.40 10.30 36.95
C VAL C 137 -1.04 11.27 37.98
N CYS C 138 -1.00 10.89 39.27
CA CYS C 138 -1.51 11.68 40.39
C CYS C 138 -0.81 13.04 40.53
N ASN C 139 0.40 13.19 39.96
CA ASN C 139 1.20 14.40 39.97
C ASN C 139 0.86 15.30 38.79
N CYS C 140 0.23 14.74 37.74
CA CYS C 140 -0.04 15.50 36.52
C CYS C 140 -1.35 16.32 36.49
N PRO C 141 -1.28 17.66 36.37
CA PRO C 141 -2.51 18.46 36.33
C PRO C 141 -3.13 18.58 34.93
N PHE C 142 -2.45 18.04 33.88
CA PHE C 142 -2.85 18.10 32.45
C PHE C 142 -3.54 16.87 31.81
N ASN C 143 -4.62 17.15 31.11
CA ASN C 143 -5.40 16.18 30.36
C ASN C 143 -5.02 16.31 28.85
N SER C 144 -4.40 15.26 28.27
CA SER C 144 -4.04 15.24 26.83
C SER C 144 -4.58 13.95 26.22
N ASP C 145 -5.71 13.47 26.76
CA ASP C 145 -6.27 12.20 26.37
C ASP C 145 -6.88 12.19 24.97
N ARG C 146 -7.18 10.99 24.43
CA ARG C 146 -7.73 10.85 23.09
C ARG C 146 -9.03 11.60 22.84
N VAL C 147 -9.97 11.65 23.81
CA VAL C 147 -11.20 12.38 23.54
C VAL C 147 -10.93 13.88 23.44
N PHE C 148 -9.91 14.34 24.21
CA PHE C 148 -9.47 15.71 24.23
C PHE C 148 -8.80 16.06 22.91
N ARG C 149 -7.86 15.21 22.46
CA ARG C 149 -7.11 15.43 21.22
C ARG C 149 -7.97 15.28 19.97
N LEU C 150 -8.99 14.39 20.02
CA LEU C 150 -9.93 14.19 18.92
C LEU C 150 -10.80 15.43 18.70
N ALA C 151 -11.26 16.05 19.80
CA ALA C 151 -12.06 17.28 19.76
C ALA C 151 -11.21 18.42 19.19
N GLN C 152 -9.90 18.52 19.61
CA GLN C 152 -8.93 19.49 19.12
C GLN C 152 -8.69 19.31 17.61
N ALA C 153 -8.56 18.04 17.17
CA ALA C 153 -8.33 17.65 15.79
C ALA C 153 -9.55 18.05 14.95
N GLN C 154 -10.76 17.78 15.47
CA GLN C 154 -12.03 18.12 14.83
C GLN C 154 -12.09 19.62 14.56
N SER C 155 -11.74 20.43 15.56
CA SER C 155 -11.73 21.89 15.44
C SER C 155 -10.66 22.33 14.45
N ARG C 156 -9.48 21.70 14.45
CA ARG C 156 -8.41 22.05 13.50
C ARG C 156 -8.88 21.82 12.08
N MSE C 157 -9.47 20.64 11.84
CA MSE C 157 -10.03 20.27 10.55
C MSE C 157 -11.08 21.28 10.09
O MSE C 157 -10.97 21.79 8.97
CB MSE C 157 -10.61 18.85 10.60
CG MSE C 157 -11.24 18.41 9.28
SE MSE C 157 -11.97 16.65 9.35
CE MSE C 157 -13.17 16.87 10.83
N ASN C 158 -12.07 21.61 10.95
CA ASN C 158 -13.16 22.55 10.64
C ASN C 158 -12.71 23.98 10.39
N ASN C 159 -11.62 24.40 11.05
CA ASN C 159 -11.08 25.76 10.91
C ASN C 159 -10.19 25.91 9.68
N GLY C 160 -9.91 24.79 9.01
CA GLY C 160 -9.10 24.73 7.80
C GLY C 160 -7.60 24.76 8.04
N LEU C 161 -7.20 24.43 9.27
CA LEU C 161 -5.82 24.44 9.78
C LEU C 161 -4.96 23.19 9.50
N VAL C 162 -5.57 22.10 9.00
CA VAL C 162 -4.85 20.85 8.75
C VAL C 162 -3.99 20.93 7.48
N ASP C 163 -2.71 20.56 7.61
CA ASP C 163 -1.75 20.52 6.51
C ASP C 163 -1.83 19.17 5.74
N ALA C 164 -2.76 19.09 4.75
CA ALA C 164 -2.96 17.88 3.94
C ALA C 164 -1.75 17.44 3.08
N SER C 165 -0.77 18.34 2.90
CA SER C 165 0.46 18.04 2.17
C SER C 165 1.55 17.40 3.05
N ASP C 166 1.41 17.47 4.41
CA ASP C 166 2.37 16.94 5.38
C ASP C 166 2.01 15.56 5.94
N PHE C 167 1.03 14.89 5.35
CA PHE C 167 0.60 13.55 5.77
C PHE C 167 1.66 12.48 5.46
N ASP C 168 1.69 11.38 6.26
CA ASP C 168 2.57 10.24 6.02
C ASP C 168 2.29 9.60 4.61
N ASP C 169 3.23 8.77 4.11
CA ASP C 169 3.10 8.12 2.80
C ASP C 169 1.76 7.39 2.60
N GLU C 170 1.32 6.64 3.62
CA GLU C 170 0.07 5.87 3.65
C GLU C 170 -1.15 6.74 3.30
N ARG C 171 -1.13 8.01 3.74
CA ARG C 171 -2.24 8.95 3.57
C ARG C 171 -1.96 10.09 2.59
N ASN C 172 -0.92 9.95 1.77
CA ASN C 172 -0.55 10.98 0.81
C ASN C 172 -1.63 11.11 -0.27
N GLY C 173 -2.15 12.33 -0.42
CA GLY C 173 -3.21 12.66 -1.37
C GLY C 173 -4.61 12.55 -0.80
N TRP C 174 -4.75 11.86 0.37
CA TRP C 174 -6.04 11.71 1.06
C TRP C 174 -6.57 13.06 1.54
N PRO C 175 -7.86 13.37 1.32
CA PRO C 175 -8.41 14.60 1.90
C PRO C 175 -8.60 14.39 3.42
N VAL C 176 -8.37 15.45 4.23
CA VAL C 176 -8.49 15.42 5.72
C VAL C 176 -9.67 14.59 6.20
N GLU C 177 -10.85 14.84 5.63
N GLU C 177 -10.87 14.84 5.66
CA GLU C 177 -12.13 14.20 5.89
CA GLU C 177 -12.11 14.13 6.00
C GLU C 177 -12.06 12.66 5.79
C GLU C 177 -11.98 12.61 5.88
N GLN C 178 -11.21 12.12 4.87
CA GLN C 178 -11.00 10.67 4.69
C GLN C 178 -10.15 10.15 5.87
N VAL C 179 -9.08 10.89 6.26
CA VAL C 179 -8.24 10.54 7.40
C VAL C 179 -9.12 10.53 8.66
N TRP C 180 -10.00 11.54 8.81
CA TRP C 180 -10.90 11.65 9.97
C TRP C 180 -11.81 10.41 10.15
N LYS C 181 -12.53 10.01 9.08
CA LYS C 181 -13.43 8.86 9.05
C LYS C 181 -12.69 7.53 9.28
N GLU C 182 -11.59 7.29 8.55
CA GLU C 182 -10.78 6.05 8.68
C GLU C 182 -10.21 5.87 10.11
N MSE C 183 -9.75 6.96 10.72
CA MSE C 183 -9.23 6.92 12.10
C MSE C 183 -10.33 6.44 13.10
O MSE C 183 -10.03 5.62 13.96
CB MSE C 183 -8.68 8.30 12.48
CG MSE C 183 -8.13 8.40 13.88
SE MSE C 183 -7.44 10.17 14.19
CE MSE C 183 -8.84 11.19 13.73
N HIS C 184 -11.57 6.92 12.92
CA HIS C 184 -12.72 6.53 13.76
C HIS C 184 -13.06 5.03 13.70
N LYS C 185 -12.66 4.38 12.60
CA LYS C 185 -12.85 2.95 12.42
C LYS C 185 -11.92 2.11 13.32
N LEU C 186 -10.78 2.69 13.78
CA LEU C 186 -9.83 2.02 14.69
C LEU C 186 -10.32 2.07 16.18
N LEU C 187 -11.42 2.82 16.46
CA LEU C 187 -11.97 2.98 17.81
C LEU C 187 -13.07 1.95 18.16
N PRO C 188 -13.13 1.44 19.43
CA PRO C 188 -12.31 1.79 20.60
C PRO C 188 -11.10 0.87 20.83
N PHE C 189 -10.28 1.20 21.84
CA PHE C 189 -9.14 0.38 22.22
C PHE C 189 -8.91 0.38 23.71
N SER C 190 -8.09 -0.58 24.21
CA SER C 190 -7.73 -0.72 25.61
C SER C 190 -7.27 0.63 26.21
N PRO C 191 -7.88 1.06 27.34
CA PRO C 191 -7.49 2.36 27.91
C PRO C 191 -6.16 2.30 28.69
N ASP C 192 -5.26 3.25 28.39
CA ASP C 192 -3.93 3.34 29.02
C ASP C 192 -3.66 4.81 29.36
N SER C 193 -3.04 5.06 30.50
CA SER C 193 -2.82 6.43 30.89
C SER C 193 -1.51 6.58 31.57
N VAL C 194 -0.65 7.37 30.97
CA VAL C 194 0.67 7.71 31.48
C VAL C 194 0.87 9.21 31.23
N VAL C 195 1.88 9.79 31.84
CA VAL C 195 2.28 11.18 31.58
C VAL C 195 3.06 11.08 30.28
N THR C 196 2.61 11.80 29.25
CA THR C 196 3.23 11.79 27.93
C THR C 196 3.81 13.18 27.57
N HIS C 197 4.78 13.19 26.63
CA HIS C 197 5.42 14.38 26.06
C HIS C 197 4.43 15.06 25.06
N GLY C 198 3.90 14.28 24.10
CA GLY C 198 2.90 14.73 23.15
C GLY C 198 3.38 14.92 21.72
N ASP C 199 4.71 15.04 21.56
CA ASP C 199 5.41 15.22 20.30
C ASP C 199 6.81 14.66 20.45
N PHE C 200 6.89 13.40 20.80
CA PHE C 200 8.16 12.72 21.05
C PHE C 200 8.83 12.32 19.74
N SER C 201 9.34 13.35 19.04
CA SER C 201 10.04 13.27 17.75
C SER C 201 11.54 13.42 17.98
N LEU C 202 12.34 13.09 16.96
CA LEU C 202 13.79 13.16 16.97
C LEU C 202 14.34 14.59 17.07
N ASP C 203 13.49 15.59 16.79
CA ASP C 203 13.83 17.02 16.89
C ASP C 203 13.69 17.55 18.32
N ASN C 204 12.92 16.84 19.16
CA ASN C 204 12.62 17.31 20.50
C ASN C 204 13.36 16.72 21.63
N LEU C 205 14.38 15.91 21.34
CA LEU C 205 15.24 15.28 22.31
C LEU C 205 16.65 15.68 22.04
N ILE C 206 17.32 16.16 23.09
CA ILE C 206 18.66 16.74 22.98
C ILE C 206 19.74 15.83 23.58
N PHE C 207 20.72 15.53 22.71
CA PHE C 207 21.86 14.73 23.05
C PHE C 207 23.08 15.60 23.21
N ASP C 208 23.95 15.24 24.16
CA ASP C 208 25.24 15.90 24.39
C ASP C 208 26.24 14.90 24.93
N GLU C 209 27.36 14.74 24.19
CA GLU C 209 28.45 13.83 24.53
C GLU C 209 27.98 12.37 24.65
N GLY C 210 27.07 11.98 23.74
CA GLY C 210 26.52 10.62 23.66
C GLY C 210 25.32 10.36 24.54
N LYS C 211 25.09 11.22 25.54
CA LYS C 211 23.97 11.05 26.46
C LYS C 211 22.75 11.91 26.15
N LEU C 212 21.55 11.33 26.35
CA LEU C 212 20.30 12.07 26.23
C LEU C 212 20.20 12.99 27.45
N ILE C 213 20.37 14.28 27.20
CA ILE C 213 20.45 15.27 28.24
C ILE C 213 19.15 16.05 28.57
N GLY C 214 18.16 16.07 27.67
CA GLY C 214 16.88 16.74 27.89
C GLY C 214 15.87 16.69 26.75
N CYS C 215 14.68 17.19 27.02
CA CYS C 215 13.65 17.25 25.99
C CYS C 215 13.06 18.65 25.90
N ILE C 216 12.50 19.01 24.74
CA ILE C 216 11.95 20.33 24.47
C ILE C 216 10.57 20.21 23.86
N ASP C 217 9.91 21.36 23.47
CA ASP C 217 8.59 21.41 22.80
C ASP C 217 7.51 20.61 23.56
N VAL C 218 7.34 20.96 24.83
CA VAL C 218 6.47 20.28 25.81
C VAL C 218 5.02 20.78 25.87
N GLY C 219 4.62 21.58 24.87
CA GLY C 219 3.27 22.17 24.76
C GLY C 219 2.08 21.25 24.83
N ARG C 220 2.27 19.95 24.54
CA ARG C 220 1.21 18.94 24.58
C ARG C 220 1.36 17.94 25.73
N VAL C 221 2.22 18.22 26.73
CA VAL C 221 2.38 17.35 27.90
C VAL C 221 1.02 17.17 28.60
N GLY C 222 0.77 15.95 29.02
CA GLY C 222 -0.42 15.55 29.76
C GLY C 222 -0.62 14.06 29.77
N ILE C 223 -1.64 13.61 30.52
CA ILE C 223 -2.04 12.22 30.68
C ILE C 223 -2.69 11.77 29.36
N ALA C 224 -2.20 10.68 28.76
CA ALA C 224 -2.66 10.09 27.51
C ALA C 224 -2.11 8.65 27.40
N ASP C 225 -2.46 7.95 26.31
CA ASP C 225 -1.95 6.59 26.05
C ASP C 225 -0.45 6.69 25.66
N ARG C 226 0.39 5.79 26.20
CA ARG C 226 1.84 5.74 25.91
C ARG C 226 2.14 5.74 24.40
N TYR C 227 1.22 5.18 23.59
CA TYR C 227 1.40 5.12 22.17
C TYR C 227 1.41 6.51 21.54
N GLN C 228 0.95 7.56 22.29
CA GLN C 228 1.06 8.95 21.83
C GLN C 228 2.53 9.22 21.55
N ASP C 229 3.39 8.77 22.47
CA ASP C 229 4.83 8.96 22.36
C ASP C 229 5.51 7.93 21.49
N LEU C 230 5.22 6.62 21.70
CA LEU C 230 5.82 5.52 20.93
C LEU C 230 5.55 5.66 19.42
N ALA C 231 4.30 6.05 19.02
CA ALA C 231 3.94 6.19 17.62
C ALA C 231 4.71 7.26 16.91
N ILE C 232 4.74 8.52 17.46
CA ILE C 232 5.44 9.65 16.84
C ILE C 232 6.90 9.34 16.61
N LEU C 233 7.60 8.79 17.63
CA LEU C 233 9.00 8.41 17.53
C LEU C 233 9.24 7.26 16.53
N TRP C 234 8.41 6.19 16.57
CA TRP C 234 8.49 5.04 15.67
C TRP C 234 8.43 5.52 14.22
N ASN C 235 7.58 6.52 13.97
CA ASN C 235 7.42 7.08 12.64
C ASN C 235 8.67 7.83 12.21
N CYS C 236 9.30 8.61 13.11
CA CYS C 236 10.53 9.36 12.81
C CYS C 236 11.67 8.42 12.44
N LEU C 237 11.78 7.29 13.19
CA LEU C 237 12.78 6.23 13.02
C LEU C 237 12.61 5.45 11.72
N GLY C 238 11.41 5.45 11.17
CA GLY C 238 11.07 4.80 9.90
C GLY C 238 11.68 5.50 8.70
N GLU C 239 12.18 6.74 8.89
CA GLU C 239 12.85 7.51 7.84
C GLU C 239 14.26 6.92 7.64
N PHE C 240 14.78 6.27 8.70
CA PHE C 240 16.14 5.72 8.84
C PHE C 240 16.27 4.20 8.66
N SER C 241 15.59 3.39 9.51
CA SER C 241 15.74 1.93 9.49
C SER C 241 14.53 1.19 10.10
N PRO C 242 14.10 0.04 9.54
CA PRO C 242 12.99 -0.72 10.16
C PRO C 242 13.45 -1.46 11.43
N SER C 243 14.74 -1.83 11.51
CA SER C 243 15.34 -2.48 12.66
C SER C 243 15.50 -1.50 13.85
N LEU C 244 15.66 -0.19 13.57
CA LEU C 244 15.72 0.84 14.60
C LEU C 244 14.30 1.05 15.15
N GLN C 245 13.26 1.02 14.29
CA GLN C 245 11.85 1.13 14.67
C GLN C 245 11.44 0.02 15.67
N LYS C 246 11.91 -1.21 15.40
CA LYS C 246 11.68 -2.41 16.16
C LYS C 246 12.47 -2.31 17.47
N ARG C 247 13.75 -1.84 17.42
CA ARG C 247 14.57 -1.67 18.62
C ARG C 247 13.91 -0.75 19.65
N LEU C 248 13.12 0.24 19.18
CA LEU C 248 12.40 1.13 20.08
C LEU C 248 11.44 0.35 20.99
N PHE C 249 10.60 -0.53 20.40
CA PHE C 249 9.65 -1.32 21.17
C PHE C 249 10.33 -2.36 22.02
N GLN C 250 11.43 -2.89 21.51
CA GLN C 250 12.24 -3.89 22.18
C GLN C 250 12.91 -3.36 23.41
N LYS C 251 13.54 -2.18 23.32
CA LYS C 251 14.22 -1.61 24.47
C LYS C 251 13.21 -1.09 25.50
N TYR C 252 12.11 -0.45 25.02
CA TYR C 252 11.03 0.05 25.88
C TYR C 252 10.41 -1.15 26.68
N GLY C 253 10.32 -2.32 26.03
CA GLY C 253 9.81 -3.52 26.67
C GLY C 253 8.44 -4.03 26.26
N ILE C 254 7.94 -3.64 25.05
CA ILE C 254 6.67 -4.15 24.49
C ILE C 254 6.97 -5.30 23.51
N ASP C 255 6.50 -6.51 23.82
CA ASP C 255 6.73 -7.73 23.05
C ASP C 255 6.06 -7.72 21.69
N ASN C 256 4.79 -7.28 21.64
CA ASN C 256 3.97 -7.25 20.44
C ASN C 256 3.38 -5.86 20.27
N PRO C 257 4.09 -4.98 19.55
CA PRO C 257 3.56 -3.61 19.38
C PRO C 257 2.14 -3.61 18.81
N ASP C 258 1.27 -2.85 19.46
CA ASP C 258 -0.13 -2.73 19.10
C ASP C 258 -0.28 -1.86 17.83
N MSE C 259 -0.30 -2.49 16.65
CA MSE C 259 -0.41 -1.82 15.35
C MSE C 259 -1.66 -0.91 15.22
O MSE C 259 -1.56 0.17 14.63
CB MSE C 259 -0.28 -2.80 14.19
CG MSE C 259 1.05 -3.58 14.22
SE MSE C 259 2.55 -2.38 14.45
CE MSE C 259 4.03 -3.62 14.69
N ASN C 260 -2.78 -1.31 15.83
CA ASN C 260 -4.01 -0.52 15.87
C ASN C 260 -3.83 0.81 16.62
N LYS C 261 -3.24 0.79 17.83
CA LYS C 261 -2.96 1.96 18.64
C LYS C 261 -1.91 2.83 17.95
N LEU C 262 -0.91 2.18 17.35
CA LEU C 262 0.19 2.81 16.60
C LEU C 262 -0.39 3.64 15.44
N GLN C 263 -1.21 2.99 14.58
CA GLN C 263 -1.86 3.66 13.44
C GLN C 263 -2.80 4.72 13.93
N PHE C 264 -3.55 4.47 15.05
CA PHE C 264 -4.43 5.50 15.59
C PHE C 264 -3.69 6.82 15.89
N HIS C 265 -2.59 6.74 16.65
CA HIS C 265 -1.78 7.86 17.07
C HIS C 265 -1.02 8.54 15.95
N LEU C 266 -0.70 7.78 14.89
CA LEU C 266 -0.04 8.32 13.69
C LEU C 266 -1.04 9.13 12.87
N MSE C 267 -2.29 8.64 12.77
CA MSE C 267 -3.36 9.34 12.07
C MSE C 267 -3.81 10.59 12.81
O MSE C 267 -4.24 11.55 12.18
CB MSE C 267 -4.57 8.42 11.84
CG MSE C 267 -4.27 7.32 10.81
SE MSE C 267 -5.75 6.13 10.56
CE MSE C 267 -6.38 6.94 9.02
N LEU C 268 -3.78 10.56 14.14
CA LEU C 268 -4.26 11.69 14.92
C LEU C 268 -3.24 12.87 14.82
N ASP C 269 -1.93 12.57 14.74
CA ASP C 269 -0.89 13.58 14.60
C ASP C 269 -0.91 14.26 13.24
N GLU C 270 -1.67 13.69 12.27
CA GLU C 270 -1.85 14.25 10.92
C GLU C 270 -2.61 15.57 10.98
N PHE C 271 -3.39 15.75 12.06
CA PHE C 271 -4.28 16.88 12.28
C PHE C 271 -3.57 17.99 13.01
N PHE C 272 -2.35 17.76 13.50
CA PHE C 272 -1.62 18.76 14.26
C PHE C 272 -0.44 19.42 13.56
N GLY D 26 -0.28 55.62 36.72
CA GLY D 26 -0.24 55.45 38.17
C GLY D 26 -1.58 55.74 38.83
N TYR D 27 -2.15 54.73 39.50
CA TYR D 27 -3.45 54.83 40.18
C TYR D 27 -3.42 54.25 41.60
N ARG D 28 -4.40 54.63 42.45
CA ARG D 28 -4.51 54.23 43.86
C ARG D 28 -4.59 52.71 44.09
N TRP D 29 -3.62 52.18 44.87
CA TRP D 29 -3.50 50.76 45.22
C TRP D 29 -4.10 50.47 46.61
N ALA D 30 -4.55 49.20 46.84
CA ALA D 30 -5.13 48.73 48.11
C ALA D 30 -4.96 47.21 48.27
N ARG D 31 -4.61 46.76 49.49
CA ARG D 31 -4.40 45.33 49.82
C ARG D 31 -5.69 44.59 50.21
N ASP D 32 -6.78 44.79 49.45
CA ASP D 32 -8.08 44.17 49.70
C ASP D 32 -8.05 42.65 49.45
N GLY D 38 -3.86 33.69 50.22
CA GLY D 38 -2.48 33.26 50.08
C GLY D 38 -1.61 34.18 49.24
N ALA D 39 -2.23 34.89 48.26
CA ALA D 39 -1.56 35.80 47.33
C ALA D 39 -1.89 37.27 47.58
N THR D 40 -0.90 38.18 47.35
CA THR D 40 -1.06 39.63 47.52
C THR D 40 -1.94 40.22 46.41
N ILE D 41 -3.23 40.47 46.72
CA ILE D 41 -4.21 41.02 45.78
C ILE D 41 -4.24 42.56 45.90
N TYR D 42 -3.94 43.26 44.80
CA TYR D 42 -3.89 44.71 44.72
C TYR D 42 -4.98 45.29 43.82
N ARG D 43 -6.02 45.88 44.42
CA ARG D 43 -7.13 46.49 43.68
C ARG D 43 -6.74 47.88 43.18
N LEU D 44 -7.25 48.25 41.99
CA LEU D 44 -6.95 49.54 41.36
C LEU D 44 -8.17 50.46 41.21
N TYR D 45 -8.55 51.13 42.32
CA TYR D 45 -9.67 52.09 42.39
C TYR D 45 -9.19 53.49 42.03
N GLY D 46 -10.02 54.21 41.28
CA GLY D 46 -9.74 55.57 40.84
C GLY D 46 -8.99 55.60 39.53
N LYS D 47 -9.73 55.66 38.41
CA LYS D 47 -9.18 55.68 37.06
C LYS D 47 -10.01 56.60 36.15
N PRO D 48 -9.41 57.68 35.56
CA PRO D 48 -10.20 58.57 34.68
C PRO D 48 -10.75 57.88 33.43
N ASN D 49 -12.00 57.39 33.52
CA ASN D 49 -12.75 56.65 32.49
C ASN D 49 -12.06 55.37 31.96
N ALA D 50 -11.03 54.90 32.69
CA ALA D 50 -10.25 53.69 32.42
C ALA D 50 -10.83 52.56 33.30
N PRO D 51 -10.78 51.27 32.89
CA PRO D 51 -11.39 50.22 33.73
C PRO D 51 -10.60 49.89 35.00
N GLU D 52 -11.32 49.53 36.08
CA GLU D 52 -10.75 49.13 37.37
C GLU D 52 -10.03 47.79 37.19
N LEU D 53 -8.88 47.61 37.88
CA LEU D 53 -8.10 46.39 37.73
C LEU D 53 -7.75 45.72 39.06
N PHE D 54 -7.32 44.45 38.98
CA PHE D 54 -6.89 43.62 40.10
C PHE D 54 -5.52 43.05 39.78
N LEU D 55 -4.55 43.23 40.68
CA LEU D 55 -3.21 42.68 40.50
C LEU D 55 -2.91 41.61 41.55
N LYS D 56 -2.70 40.36 41.08
CA LYS D 56 -2.38 39.24 41.96
C LYS D 56 -0.88 38.95 41.85
N HIS D 57 -0.16 39.07 42.98
CA HIS D 57 1.27 38.77 43.04
C HIS D 57 1.50 37.44 43.76
N GLY D 58 2.44 36.65 43.25
CA GLY D 58 2.82 35.36 43.81
C GLY D 58 4.32 35.19 43.89
N LYS D 59 4.84 34.89 45.09
CA LYS D 59 6.27 34.65 45.35
C LYS D 59 6.49 33.18 45.71
N GLY D 60 7.62 32.62 45.26
CA GLY D 60 7.98 31.22 45.50
C GLY D 60 6.95 30.22 45.03
N SER D 61 6.34 29.48 45.98
CA SER D 61 5.32 28.46 45.75
C SER D 61 3.99 29.06 45.29
N VAL D 62 3.67 30.28 45.75
CA VAL D 62 2.44 31.04 45.45
C VAL D 62 2.48 31.51 43.98
N ALA D 63 3.68 31.66 43.38
CA ALA D 63 3.80 32.06 41.97
C ALA D 63 3.12 31.00 41.08
N ASN D 64 3.30 29.70 41.40
CA ASN D 64 2.69 28.58 40.69
C ASN D 64 1.16 28.59 40.81
N ASP D 65 0.63 28.90 42.02
CA ASP D 65 -0.81 29.03 42.27
C ASP D 65 -1.41 30.14 41.38
N VAL D 66 -0.71 31.31 41.28
CA VAL D 66 -1.07 32.45 40.43
C VAL D 66 -0.99 32.03 38.93
N THR D 67 0.09 31.29 38.56
CA THR D 67 0.31 30.75 37.22
C THR D 67 -0.81 29.79 36.80
N ASP D 68 -1.26 28.93 37.76
CA ASP D 68 -2.34 27.95 37.57
C ASP D 68 -3.69 28.63 37.30
N GLU D 69 -3.96 29.77 37.99
CA GLU D 69 -5.21 30.54 37.83
C GLU D 69 -5.25 31.22 36.47
N MSE D 70 -4.11 31.81 36.06
CA MSE D 70 -3.94 32.51 34.78
C MSE D 70 -4.30 31.58 33.59
O MSE D 70 -5.15 31.96 32.79
CB MSE D 70 -2.49 33.06 34.64
CG MSE D 70 -2.28 33.88 33.38
SE MSE D 70 -2.00 32.78 31.80
CE MSE D 70 -0.30 32.09 32.15
N VAL D 71 -3.71 30.37 33.54
CA VAL D 71 -4.00 29.39 32.47
C VAL D 71 -5.45 28.92 32.49
N ARG D 72 -6.05 28.88 33.69
CA ARG D 72 -7.43 28.44 33.79
C ARG D 72 -8.40 29.57 33.40
N LEU D 73 -7.98 30.84 33.62
CA LEU D 73 -8.73 32.05 33.26
C LEU D 73 -8.70 32.12 31.74
N ASN D 74 -7.48 32.00 31.16
CA ASN D 74 -7.21 32.02 29.73
C ASN D 74 -8.04 30.97 28.98
N TRP D 75 -8.18 29.77 29.56
CA TRP D 75 -8.97 28.70 28.94
C TRP D 75 -10.49 28.88 29.08
N LEU D 76 -11.00 28.95 30.31
CA LEU D 76 -12.42 29.03 30.63
C LEU D 76 -13.19 30.26 30.09
N THR D 77 -12.50 31.39 29.86
CA THR D 77 -13.08 32.63 29.35
C THR D 77 -13.87 32.52 28.02
N ALA D 78 -13.63 31.43 27.27
CA ALA D 78 -14.27 31.08 25.98
C ALA D 78 -15.63 30.38 26.20
N PHE D 79 -15.86 29.91 27.44
CA PHE D 79 -17.06 29.16 27.81
C PHE D 79 -17.90 29.79 28.93
N MSE D 80 -17.29 30.60 29.82
CA MSE D 80 -17.92 31.20 31.01
C MSE D 80 -17.57 32.65 31.16
O MSE D 80 -16.45 33.02 30.79
CB MSE D 80 -17.48 30.46 32.29
CG MSE D 80 -18.09 29.09 32.45
SE MSE D 80 -19.96 29.04 32.01
CE MSE D 80 -20.70 29.21 33.76
N PRO D 81 -18.45 33.50 31.75
CA PRO D 81 -18.06 34.92 31.94
C PRO D 81 -17.02 34.99 33.06
N LEU D 82 -15.81 35.47 32.70
CA LEU D 82 -14.66 35.48 33.60
C LEU D 82 -13.85 36.78 33.48
N PRO D 83 -13.11 37.19 34.56
CA PRO D 83 -12.26 38.41 34.45
C PRO D 83 -11.24 38.31 33.31
N THR D 84 -10.95 39.46 32.67
CA THR D 84 -10.01 39.51 31.55
C THR D 84 -8.57 39.79 31.97
N ILE D 85 -7.63 38.95 31.49
CA ILE D 85 -6.19 39.09 31.72
C ILE D 85 -5.71 40.23 30.83
N LYS D 86 -5.07 41.23 31.44
CA LYS D 86 -4.50 42.38 30.73
C LYS D 86 -3.00 42.19 30.65
N HIS D 87 -2.42 41.63 31.72
CA HIS D 87 -0.98 41.40 31.79
C HIS D 87 -0.67 40.27 32.74
N PHE D 88 0.18 39.34 32.29
CA PHE D 88 0.69 38.26 33.11
C PHE D 88 2.19 38.20 32.91
N ILE D 89 2.95 38.13 34.03
CA ILE D 89 4.41 38.03 34.03
C ILE D 89 4.86 36.84 34.89
N ARG D 90 5.88 36.09 34.41
CA ARG D 90 6.48 34.98 35.14
C ARG D 90 8.01 35.05 35.08
N THR D 91 8.65 35.04 36.24
CA THR D 91 10.11 35.00 36.39
C THR D 91 10.39 33.75 37.26
N PRO D 92 11.66 33.31 37.48
CA PRO D 92 11.86 32.08 38.25
C PRO D 92 11.09 31.99 39.58
N ASP D 93 11.06 33.07 40.39
CA ASP D 93 10.38 33.08 41.69
C ASP D 93 9.09 33.92 41.80
N ASP D 94 8.75 34.69 40.75
CA ASP D 94 7.60 35.60 40.79
C ASP D 94 6.59 35.47 39.64
N ALA D 95 5.30 35.63 39.98
CA ALA D 95 4.19 35.64 39.03
C ALA D 95 3.27 36.79 39.38
N TRP D 96 3.13 37.72 38.45
CA TRP D 96 2.25 38.88 38.59
C TRP D 96 1.10 38.68 37.63
N LEU D 97 -0.14 38.73 38.13
CA LEU D 97 -1.35 38.60 37.33
C LEU D 97 -2.17 39.91 37.36
N LEU D 98 -2.36 40.56 36.21
CA LEU D 98 -3.15 41.79 36.12
C LEU D 98 -4.46 41.52 35.36
N THR D 99 -5.57 41.46 36.12
CA THR D 99 -6.91 41.15 35.59
C THR D 99 -7.86 42.35 35.69
N THR D 100 -8.91 42.36 34.85
CA THR D 100 -9.96 43.39 34.84
C THR D 100 -10.90 43.11 36.01
N ALA D 101 -11.41 44.18 36.67
CA ALA D 101 -12.34 44.07 37.80
C ALA D 101 -13.72 43.56 37.38
N ILE D 102 -14.34 42.77 38.26
CA ILE D 102 -15.69 42.22 38.05
C ILE D 102 -16.71 43.08 38.83
N PRO D 103 -17.60 43.82 38.11
CA PRO D 103 -18.52 44.72 38.81
C PRO D 103 -19.65 44.04 39.57
N GLY D 104 -19.86 44.47 40.82
CA GLY D 104 -20.92 43.97 41.67
C GLY D 104 -20.54 43.49 43.05
N LYS D 105 -21.43 42.67 43.64
CA LYS D 105 -21.31 42.07 44.97
C LYS D 105 -21.26 40.54 44.86
N THR D 106 -20.63 39.85 45.85
CA THR D 106 -20.55 38.38 45.86
C THR D 106 -21.93 37.76 46.17
N ALA D 107 -22.09 36.44 45.89
CA ALA D 107 -23.34 35.70 46.17
C ALA D 107 -23.59 35.72 47.69
N PHE D 108 -22.50 35.71 48.48
CA PHE D 108 -22.48 35.83 49.94
C PHE D 108 -23.00 37.23 50.34
N GLN D 109 -22.50 38.31 49.67
CA GLN D 109 -22.90 39.70 49.89
C GLN D 109 -24.39 39.93 49.59
N VAL D 110 -24.89 39.39 48.44
CA VAL D 110 -26.29 39.51 48.00
C VAL D 110 -27.29 38.72 48.87
N LEU D 111 -26.87 37.58 49.43
CA LEU D 111 -27.75 36.79 50.30
C LEU D 111 -27.83 37.43 51.69
N GLU D 112 -26.77 38.18 52.08
CA GLU D 112 -26.72 38.91 53.36
C GLU D 112 -27.46 40.25 53.24
N GLU D 113 -27.17 41.03 52.17
CA GLU D 113 -27.81 42.32 51.86
C GLU D 113 -29.28 42.13 51.44
N TYR D 114 -29.56 41.16 50.56
CA TYR D 114 -30.93 40.87 50.11
C TYR D 114 -31.38 39.44 50.51
N PRO D 115 -31.78 39.20 51.79
CA PRO D 115 -32.20 37.84 52.18
C PRO D 115 -33.62 37.47 51.76
N ASP D 116 -34.52 38.47 51.68
CA ASP D 116 -35.94 38.39 51.31
C ASP D 116 -36.24 37.58 50.04
N SER D 117 -35.26 37.47 49.11
CA SER D 117 -35.36 36.73 47.85
C SER D 117 -34.19 35.73 47.70
N GLY D 118 -34.02 34.87 48.70
CA GLY D 118 -32.98 33.85 48.74
C GLY D 118 -33.12 32.78 47.69
N GLU D 119 -34.38 32.40 47.37
CA GLU D 119 -34.72 31.38 46.37
C GLU D 119 -34.24 31.78 44.97
N ASN D 120 -34.35 33.08 44.64
CA ASN D 120 -33.96 33.71 43.37
C ASN D 120 -32.44 33.69 43.18
N ILE D 121 -31.67 33.85 44.28
CA ILE D 121 -30.20 33.83 44.25
C ILE D 121 -29.75 32.41 43.85
N VAL D 122 -30.34 31.39 44.52
CA VAL D 122 -30.10 29.95 44.33
C VAL D 122 -30.50 29.51 42.90
N ASP D 123 -31.54 30.17 42.31
CA ASP D 123 -32.04 29.94 40.94
C ASP D 123 -30.90 30.17 39.96
N ALA D 124 -30.27 31.37 40.05
CA ALA D 124 -29.15 31.83 39.25
C ALA D 124 -27.91 30.98 39.49
N LEU D 125 -27.71 30.51 40.74
CA LEU D 125 -26.57 29.67 41.12
C LEU D 125 -26.68 28.27 40.55
N ALA D 126 -27.92 27.77 40.32
CA ALA D 126 -28.16 26.44 39.75
C ALA D 126 -28.00 26.46 38.23
N VAL D 127 -28.63 27.47 37.55
CA VAL D 127 -28.55 27.68 36.10
C VAL D 127 -27.08 27.85 35.68
N PHE D 128 -26.33 28.72 36.40
CA PHE D 128 -24.91 28.98 36.14
C PHE D 128 -24.06 27.70 36.33
N LEU D 129 -24.38 26.86 37.35
CA LEU D 129 -23.67 25.61 37.59
C LEU D 129 -23.99 24.52 36.55
N ARG D 130 -25.24 24.50 36.03
CA ARG D 130 -25.67 23.59 34.96
C ARG D 130 -24.96 24.00 33.67
N ARG D 131 -24.68 25.31 33.51
CA ARG D 131 -23.99 25.89 32.35
C ARG D 131 -22.51 25.47 32.32
N LEU D 132 -21.82 25.59 33.47
CA LEU D 132 -20.41 25.20 33.60
C LEU D 132 -20.24 23.67 33.39
N HIS D 133 -21.13 22.87 34.01
CA HIS D 133 -21.12 21.41 33.91
C HIS D 133 -21.59 20.88 32.56
N SER D 134 -22.10 21.78 31.69
CA SER D 134 -22.55 21.45 30.34
C SER D 134 -21.44 21.53 29.29
N ILE D 135 -20.32 22.23 29.62
CA ILE D 135 -19.15 22.33 28.76
C ILE D 135 -18.66 20.90 28.49
N PRO D 136 -18.61 20.46 27.20
CA PRO D 136 -18.16 19.08 26.93
C PRO D 136 -16.75 18.88 27.47
N VAL D 137 -16.54 17.80 28.28
CA VAL D 137 -15.23 17.50 28.91
C VAL D 137 -14.07 17.34 27.92
N CYS D 138 -14.39 17.11 26.63
CA CYS D 138 -13.40 16.98 25.56
C CYS D 138 -12.68 18.31 25.26
N ASN D 139 -13.18 19.42 25.84
CA ASN D 139 -12.61 20.75 25.68
C ASN D 139 -11.66 21.11 26.80
N CYS D 140 -11.71 20.40 27.94
CA CYS D 140 -10.89 20.72 29.10
C CYS D 140 -9.49 20.06 29.16
N PRO D 141 -8.40 20.87 29.13
CA PRO D 141 -7.05 20.29 29.22
C PRO D 141 -6.58 20.11 30.66
N PHE D 142 -7.45 20.37 31.64
CA PHE D 142 -7.08 20.30 33.05
C PHE D 142 -7.64 19.11 33.80
N ASN D 143 -6.76 18.46 34.58
CA ASN D 143 -7.11 17.33 35.42
C ASN D 143 -7.27 17.76 36.90
N SER D 144 -8.49 17.59 37.46
CA SER D 144 -8.82 17.90 38.86
C SER D 144 -9.50 16.70 39.53
N ASP D 145 -9.33 15.49 38.95
CA ASP D 145 -9.92 14.25 39.47
C ASP D 145 -9.48 13.90 40.92
N ARG D 146 -10.24 13.02 41.59
CA ARG D 146 -9.96 12.65 42.98
C ARG D 146 -8.56 12.09 43.29
N VAL D 147 -7.97 11.29 42.37
CA VAL D 147 -6.63 10.72 42.51
C VAL D 147 -5.60 11.88 42.68
N PHE D 148 -5.71 12.91 41.80
CA PHE D 148 -4.86 14.10 41.78
C PHE D 148 -5.03 14.96 43.06
N ARG D 149 -6.30 15.18 43.48
CA ARG D 149 -6.61 15.99 44.66
C ARG D 149 -6.27 15.27 45.96
N LEU D 150 -6.47 13.93 46.03
CA LEU D 150 -6.13 13.11 47.21
C LEU D 150 -4.63 13.16 47.48
N ALA D 151 -3.83 13.10 46.39
CA ALA D 151 -2.36 13.21 46.46
C ALA D 151 -1.96 14.60 47.03
N GLN D 152 -2.67 15.69 46.65
CA GLN D 152 -2.39 17.02 47.21
C GLN D 152 -2.77 17.09 48.65
N ALA D 153 -3.96 16.52 48.98
CA ALA D 153 -4.50 16.46 50.33
C ALA D 153 -3.52 15.73 51.25
N GLN D 154 -2.98 14.57 50.81
CA GLN D 154 -2.01 13.80 51.58
C GLN D 154 -0.72 14.63 51.82
N SER D 155 -0.27 15.34 50.77
CA SER D 155 0.95 16.17 50.83
C SER D 155 0.79 17.31 51.82
N ARG D 156 -0.39 18.00 51.80
CA ARG D 156 -0.75 19.10 52.69
C ARG D 156 -0.86 18.66 54.14
N MSE D 157 -1.38 17.43 54.36
CA MSE D 157 -1.56 16.83 55.69
C MSE D 157 -0.20 16.50 56.32
O MSE D 157 0.02 16.78 57.52
CB MSE D 157 -2.48 15.58 55.63
CG MSE D 157 -2.57 14.83 56.97
SE MSE D 157 -3.58 13.19 56.94
CE MSE D 157 -2.51 12.21 55.56
N ASN D 158 0.70 15.88 55.53
CA ASN D 158 2.05 15.48 55.94
C ASN D 158 2.95 16.68 56.18
N ASN D 159 2.76 17.76 55.40
CA ASN D 159 3.54 19.00 55.52
C ASN D 159 3.00 20.01 56.56
N GLY D 160 1.99 19.60 57.33
CA GLY D 160 1.37 20.40 58.38
C GLY D 160 0.69 21.67 57.91
N LEU D 161 0.03 21.60 56.73
CA LEU D 161 -0.65 22.76 56.13
C LEU D 161 -2.18 22.82 56.31
N VAL D 162 -2.80 21.72 56.76
CA VAL D 162 -4.25 21.63 56.96
C VAL D 162 -4.69 22.46 58.16
N ASP D 163 -5.66 23.35 57.91
CA ASP D 163 -6.27 24.21 58.92
C ASP D 163 -7.36 23.43 59.68
N ALA D 164 -6.96 22.72 60.75
CA ALA D 164 -7.82 21.91 61.60
C ALA D 164 -8.93 22.74 62.32
N SER D 165 -8.69 24.05 62.53
CA SER D 165 -9.65 24.94 63.17
C SER D 165 -10.75 25.45 62.19
N ASP D 166 -10.56 25.23 60.87
CA ASP D 166 -11.51 25.64 59.83
C ASP D 166 -12.33 24.44 59.33
N PHE D 167 -12.30 23.32 60.08
CA PHE D 167 -13.10 22.15 59.74
C PHE D 167 -14.57 22.45 59.90
N ASP D 168 -15.42 21.74 59.14
CA ASP D 168 -16.88 21.86 59.25
C ASP D 168 -17.33 21.37 60.62
N ASP D 169 -18.46 21.90 61.12
CA ASP D 169 -19.06 21.55 62.43
C ASP D 169 -19.15 20.06 62.70
N GLU D 170 -19.36 19.27 61.63
CA GLU D 170 -19.46 17.80 61.59
C GLU D 170 -18.17 17.15 62.11
N ARG D 171 -17.02 17.84 61.93
CA ARG D 171 -15.65 17.39 62.24
C ARG D 171 -14.89 18.35 63.17
N ASN D 172 -15.63 19.05 64.04
CA ASN D 172 -15.12 20.05 64.99
C ASN D 172 -14.12 19.44 65.98
N GLY D 173 -12.84 19.80 65.82
CA GLY D 173 -11.77 19.35 66.69
C GLY D 173 -11.17 18.00 66.35
N TRP D 174 -11.60 17.39 65.24
CA TRP D 174 -11.08 16.10 64.78
C TRP D 174 -9.62 16.30 64.37
N PRO D 175 -8.69 15.38 64.73
CA PRO D 175 -7.31 15.51 64.19
C PRO D 175 -7.34 15.29 62.67
N VAL D 176 -6.37 15.85 61.94
CA VAL D 176 -6.34 15.70 60.47
C VAL D 176 -6.41 14.24 60.02
N GLU D 177 -5.56 13.38 60.63
CA GLU D 177 -5.49 11.93 60.38
C GLU D 177 -6.86 11.23 60.47
N GLN D 178 -7.77 11.72 61.32
CA GLN D 178 -9.13 11.18 61.46
C GLN D 178 -9.94 11.50 60.20
N VAL D 179 -9.98 12.78 59.74
CA VAL D 179 -10.68 13.20 58.52
C VAL D 179 -10.15 12.38 57.33
N TRP D 180 -8.83 12.23 57.26
CA TRP D 180 -8.13 11.47 56.22
C TRP D 180 -8.61 10.01 56.17
N LYS D 181 -8.55 9.31 57.30
CA LYS D 181 -8.94 7.91 57.43
C LYS D 181 -10.42 7.70 57.15
N GLU D 182 -11.29 8.53 57.74
CA GLU D 182 -12.74 8.45 57.59
C GLU D 182 -13.21 8.75 56.17
N MSE D 183 -12.57 9.70 55.48
CA MSE D 183 -12.91 10.03 54.11
C MSE D 183 -12.63 8.81 53.17
O MSE D 183 -13.35 8.60 52.18
CB MSE D 183 -12.16 11.30 53.68
CG MSE D 183 -12.24 11.64 52.20
SE MSE D 183 -11.15 13.18 51.75
CE MSE D 183 -9.41 12.48 52.13
N HIS D 184 -11.64 7.96 53.53
CA HIS D 184 -11.26 6.76 52.78
C HIS D 184 -12.27 5.59 52.82
N LYS D 185 -13.08 5.50 53.91
CA LYS D 185 -14.11 4.47 54.03
C LYS D 185 -15.41 4.80 53.24
N LEU D 186 -15.34 5.87 52.41
CA LEU D 186 -16.37 6.34 51.48
C LEU D 186 -15.93 6.05 50.01
N LEU D 187 -14.68 5.54 49.84
CA LEU D 187 -14.10 5.18 48.54
C LEU D 187 -14.23 3.66 48.30
N PRO D 188 -14.46 3.20 47.04
CA PRO D 188 -14.60 3.98 45.80
C PRO D 188 -16.03 4.31 45.44
N PHE D 189 -16.20 5.14 44.39
CA PHE D 189 -17.49 5.55 43.83
C PHE D 189 -17.31 5.86 42.32
N SER D 190 -18.36 5.68 41.52
CA SER D 190 -18.26 5.98 40.08
C SER D 190 -18.27 7.49 39.83
N PRO D 191 -17.22 8.03 39.19
CA PRO D 191 -17.17 9.49 38.97
C PRO D 191 -18.09 9.98 37.84
N ASP D 192 -18.80 11.07 38.12
CA ASP D 192 -19.67 11.71 37.14
C ASP D 192 -18.92 12.98 36.72
N SER D 193 -17.89 12.75 35.89
CA SER D 193 -16.94 13.72 35.42
C SER D 193 -17.51 14.83 34.55
N VAL D 194 -17.24 16.06 34.98
CA VAL D 194 -17.62 17.31 34.32
C VAL D 194 -16.47 18.33 34.44
N VAL D 195 -16.65 19.52 33.83
CA VAL D 195 -15.72 20.64 33.95
C VAL D 195 -16.16 21.37 35.25
N THR D 196 -15.36 21.20 36.33
CA THR D 196 -15.65 21.81 37.64
C THR D 196 -14.83 23.08 37.85
N HIS D 197 -15.32 23.94 38.75
CA HIS D 197 -14.69 25.18 39.17
C HIS D 197 -13.56 24.89 40.22
N GLY D 198 -13.83 23.99 41.17
CA GLY D 198 -12.87 23.60 42.21
C GLY D 198 -13.00 24.31 43.55
N ASP D 199 -13.66 25.48 43.57
CA ASP D 199 -13.94 26.27 44.77
C ASP D 199 -15.22 27.07 44.58
N PHE D 200 -16.29 26.35 44.24
CA PHE D 200 -17.62 26.90 43.95
C PHE D 200 -18.38 27.37 45.23
N SER D 201 -17.77 28.33 45.94
CA SER D 201 -18.29 28.93 47.15
C SER D 201 -19.04 30.25 46.82
N LEU D 202 -19.90 30.72 47.75
CA LEU D 202 -20.67 31.97 47.62
C LEU D 202 -19.78 33.23 47.48
N ASP D 203 -18.51 33.15 47.93
CA ASP D 203 -17.55 34.27 47.84
C ASP D 203 -16.94 34.41 46.44
N ASN D 204 -17.02 33.34 45.62
CA ASN D 204 -16.45 33.29 44.28
C ASN D 204 -17.41 33.63 43.14
N LEU D 205 -18.71 33.76 43.43
CA LEU D 205 -19.72 34.10 42.42
C LEU D 205 -20.16 35.54 42.59
N ILE D 206 -20.06 36.35 41.52
CA ILE D 206 -20.36 37.79 41.48
C ILE D 206 -21.68 38.12 40.77
N PHE D 207 -22.53 38.94 41.43
CA PHE D 207 -23.83 39.42 40.94
C PHE D 207 -23.82 40.91 40.62
N ASP D 208 -24.79 41.35 39.80
CA ASP D 208 -25.11 42.73 39.44
C ASP D 208 -26.46 42.75 38.74
N GLU D 209 -27.38 43.61 39.23
CA GLU D 209 -28.76 43.79 38.72
C GLU D 209 -29.61 42.49 38.70
N GLY D 210 -29.41 41.65 39.72
CA GLY D 210 -30.10 40.37 39.87
C GLY D 210 -29.59 39.26 38.99
N LYS D 211 -28.53 39.53 38.22
CA LYS D 211 -27.94 38.55 37.30
C LYS D 211 -26.52 38.13 37.71
N LEU D 212 -26.20 36.84 37.53
CA LEU D 212 -24.88 36.28 37.84
C LEU D 212 -23.93 36.64 36.69
N ILE D 213 -23.16 37.73 36.90
CA ILE D 213 -22.23 38.31 35.92
C ILE D 213 -21.02 37.41 35.61
N GLY D 214 -20.53 36.67 36.60
CA GLY D 214 -19.39 35.79 36.43
C GLY D 214 -18.75 35.34 37.73
N CYS D 215 -17.79 34.41 37.63
CA CYS D 215 -17.08 33.86 38.79
C CYS D 215 -15.59 34.18 38.85
N ILE D 216 -15.02 34.08 40.05
CA ILE D 216 -13.60 34.32 40.32
C ILE D 216 -12.96 33.08 40.97
N ASP D 217 -11.64 33.13 41.28
CA ASP D 217 -10.83 32.10 41.94
C ASP D 217 -10.88 30.73 41.19
N VAL D 218 -10.52 30.75 39.88
CA VAL D 218 -10.58 29.60 38.99
C VAL D 218 -9.31 28.70 38.96
N GLY D 219 -8.41 28.88 39.93
CA GLY D 219 -7.15 28.13 40.02
C GLY D 219 -7.25 26.63 40.20
N ARG D 220 -8.41 26.13 40.64
CA ARG D 220 -8.67 24.71 40.84
C ARG D 220 -9.54 24.13 39.73
N VAL D 221 -9.79 24.91 38.65
CA VAL D 221 -10.60 24.45 37.49
C VAL D 221 -10.02 23.17 36.85
N GLY D 222 -10.90 22.24 36.50
CA GLY D 222 -10.48 21.00 35.85
C GLY D 222 -11.54 19.94 35.88
N ILE D 223 -11.30 18.85 35.14
CA ILE D 223 -12.22 17.72 35.06
C ILE D 223 -12.25 17.01 36.44
N ALA D 224 -13.43 17.02 37.09
CA ALA D 224 -13.65 16.35 38.38
C ALA D 224 -15.12 15.86 38.46
N ASP D 225 -15.49 15.20 39.55
CA ASP D 225 -16.88 14.77 39.75
C ASP D 225 -17.71 16.04 39.98
N ARG D 226 -18.95 16.09 39.43
CA ARG D 226 -19.86 17.23 39.56
C ARG D 226 -20.08 17.69 41.01
N TYR D 227 -20.08 16.74 41.97
CA TYR D 227 -20.21 16.96 43.42
C TYR D 227 -19.08 17.79 44.04
N GLN D 228 -17.98 18.00 43.30
CA GLN D 228 -16.88 18.84 43.78
C GLN D 228 -17.38 20.29 43.89
N ASP D 229 -18.30 20.67 42.98
CA ASP D 229 -18.88 22.00 42.93
C ASP D 229 -20.18 22.04 43.68
N LEU D 230 -20.99 20.97 43.56
CA LEU D 230 -22.25 20.86 44.28
C LEU D 230 -22.00 20.86 45.81
N ALA D 231 -21.12 19.97 46.32
CA ALA D 231 -20.79 19.87 47.75
C ALA D 231 -20.37 21.19 48.44
N ILE D 232 -19.42 21.94 47.83
CA ILE D 232 -18.94 23.20 48.39
C ILE D 232 -20.05 24.27 48.51
N LEU D 233 -20.85 24.45 47.43
CA LEU D 233 -21.97 25.38 47.39
C LEU D 233 -23.07 24.94 48.35
N TRP D 234 -23.37 23.62 48.37
CA TRP D 234 -24.35 23.05 49.29
C TRP D 234 -23.96 23.42 50.72
N ASN D 235 -22.69 23.20 51.08
CA ASN D 235 -22.12 23.54 52.39
C ASN D 235 -22.27 25.03 52.71
N CYS D 236 -21.99 25.93 51.73
CA CYS D 236 -22.06 27.38 51.90
C CYS D 236 -23.50 27.85 52.20
N LEU D 237 -24.48 27.16 51.57
CA LEU D 237 -25.90 27.45 51.73
C LEU D 237 -26.48 27.10 53.10
N GLY D 238 -25.80 26.20 53.83
CA GLY D 238 -26.15 25.75 55.17
C GLY D 238 -26.29 26.85 56.20
N GLU D 239 -25.46 27.91 56.09
CA GLU D 239 -25.45 29.07 56.99
C GLU D 239 -26.72 29.93 56.84
N PHE D 240 -27.20 30.09 55.59
CA PHE D 240 -28.36 30.89 55.22
C PHE D 240 -29.68 30.18 55.44
N SER D 241 -29.81 28.89 55.04
CA SER D 241 -31.03 28.08 55.20
C SER D 241 -30.85 26.62 54.74
N PRO D 242 -31.45 25.62 55.44
CA PRO D 242 -31.35 24.23 54.96
C PRO D 242 -32.34 23.95 53.82
N SER D 243 -33.33 24.85 53.61
CA SER D 243 -34.31 24.79 52.52
C SER D 243 -33.66 25.26 51.21
N LEU D 244 -32.67 26.18 51.30
CA LEU D 244 -31.91 26.72 50.17
C LEU D 244 -30.92 25.67 49.65
N GLN D 245 -30.49 24.74 50.55
CA GLN D 245 -29.59 23.64 50.22
C GLN D 245 -30.31 22.65 49.31
N LYS D 246 -31.58 22.33 49.64
CA LYS D 246 -32.45 21.41 48.90
C LYS D 246 -32.79 22.02 47.53
N ARG D 247 -33.06 23.35 47.49
CA ARG D 247 -33.39 24.09 46.26
C ARG D 247 -32.27 24.10 45.22
N LEU D 248 -31.00 24.13 45.67
CA LEU D 248 -29.82 24.06 44.79
C LEU D 248 -29.83 22.78 43.96
N PHE D 249 -29.92 21.61 44.63
CA PHE D 249 -29.99 20.29 44.00
C PHE D 249 -31.23 20.18 43.10
N GLN D 250 -32.40 20.68 43.59
CA GLN D 250 -33.68 20.68 42.89
C GLN D 250 -33.59 21.36 41.52
N LYS D 251 -33.10 22.62 41.50
CA LYS D 251 -32.96 23.43 40.30
C LYS D 251 -31.84 22.94 39.38
N TYR D 252 -30.79 22.33 39.95
CA TYR D 252 -29.66 21.76 39.19
C TYR D 252 -30.13 20.53 38.42
N GLY D 253 -31.12 19.82 38.97
CA GLY D 253 -31.69 18.63 38.34
C GLY D 253 -31.74 17.40 39.22
N ILE D 254 -30.98 17.38 40.34
CA ILE D 254 -30.93 16.25 41.26
C ILE D 254 -32.05 16.28 42.31
N ASP D 255 -33.00 15.34 42.19
CA ASP D 255 -34.11 15.21 43.15
C ASP D 255 -33.62 14.59 44.47
N ASN D 256 -32.80 13.52 44.40
CA ASN D 256 -32.23 12.89 45.59
C ASN D 256 -30.68 12.92 45.56
N PRO D 257 -30.05 13.88 46.28
CA PRO D 257 -28.58 13.97 46.26
C PRO D 257 -27.82 12.76 46.82
N ASP D 258 -26.70 12.39 46.16
CA ASP D 258 -25.83 11.29 46.56
C ASP D 258 -25.04 11.75 47.78
N MSE D 259 -25.58 11.45 48.97
CA MSE D 259 -25.07 11.79 50.29
C MSE D 259 -23.59 11.45 50.46
O MSE D 259 -22.83 12.28 50.94
CB MSE D 259 -25.92 11.16 51.38
CG MSE D 259 -27.28 11.83 51.55
SE MSE D 259 -27.13 13.77 51.60
CE MSE D 259 -26.14 13.93 53.34
N ASN D 260 -23.19 10.23 50.01
CA ASN D 260 -21.82 9.73 50.05
C ASN D 260 -20.87 10.63 49.23
N LYS D 261 -21.25 10.95 47.97
CA LYS D 261 -20.48 11.82 47.07
C LYS D 261 -20.29 13.22 47.65
N LEU D 262 -21.40 13.82 48.13
CA LEU D 262 -21.46 15.12 48.80
C LEU D 262 -20.50 15.13 50.01
N GLN D 263 -20.61 14.08 50.89
CA GLN D 263 -19.77 13.92 52.08
C GLN D 263 -18.27 13.75 51.74
N PHE D 264 -17.95 12.96 50.69
CA PHE D 264 -16.56 12.80 50.28
C PHE D 264 -15.93 14.16 49.90
N HIS D 265 -16.68 15.01 49.18
CA HIS D 265 -16.16 16.28 48.71
C HIS D 265 -16.00 17.34 49.77
N LEU D 266 -16.89 17.33 50.77
CA LEU D 266 -16.83 18.21 51.92
C LEU D 266 -15.57 17.90 52.73
N MSE D 267 -15.31 16.60 52.95
CA MSE D 267 -14.12 16.11 53.64
C MSE D 267 -12.83 16.40 52.86
O MSE D 267 -11.85 16.81 53.46
CB MSE D 267 -14.27 14.62 53.96
CG MSE D 267 -15.39 14.34 54.94
SE MSE D 267 -15.47 12.49 55.48
CE MSE D 267 -14.30 12.59 57.07
N LEU D 268 -12.84 16.24 51.51
CA LEU D 268 -11.67 16.57 50.68
C LEU D 268 -11.31 18.07 50.78
N ASP D 269 -12.32 18.97 50.74
CA ASP D 269 -12.13 20.41 50.89
C ASP D 269 -11.53 20.82 52.26
N GLU D 270 -11.67 19.96 53.30
CA GLU D 270 -11.10 20.17 54.66
C GLU D 270 -9.57 20.31 54.61
N PHE D 271 -8.96 19.70 53.58
CA PHE D 271 -7.51 19.64 53.35
C PHE D 271 -6.94 20.84 52.61
N PHE D 272 -7.81 21.71 52.03
CA PHE D 272 -7.38 22.85 51.23
C PHE D 272 -7.67 24.24 51.81
N ARG E 7 12.52 7.34 3.14
CA ARG E 7 13.36 6.79 2.09
C ARG E 7 14.81 7.26 2.19
N GLU E 8 15.10 8.54 1.87
CA GLU E 8 16.46 9.07 1.89
C GLU E 8 16.66 10.33 2.75
N THR E 9 17.67 10.27 3.64
CA THR E 9 18.07 11.38 4.52
C THR E 9 19.54 11.74 4.25
N SER E 10 19.93 12.99 4.52
CA SER E 10 21.33 13.40 4.36
C SER E 10 22.13 12.85 5.54
N CYS E 11 23.43 12.56 5.36
CA CYS E 11 24.30 12.06 6.43
C CYS E 11 25.78 12.36 6.19
N SER E 12 26.58 12.32 7.27
CA SER E 12 28.03 12.47 7.22
C SER E 12 28.57 11.07 6.94
N ARG E 13 29.89 10.89 6.73
CA ARG E 13 30.40 9.56 6.45
C ARG E 13 30.51 8.68 7.71
N PRO E 14 30.08 7.39 7.65
CA PRO E 14 30.21 6.51 8.83
C PRO E 14 31.64 6.12 9.19
N ARG E 15 31.84 5.60 10.43
CA ARG E 15 33.13 5.11 10.91
C ARG E 15 33.52 3.89 10.07
N LEU E 16 34.80 3.86 9.60
CA LEU E 16 35.44 2.83 8.76
C LEU E 16 34.82 2.76 7.35
N ASN E 19 39.97 3.23 6.07
CA ASN E 19 39.76 1.99 5.33
C ASN E 19 39.90 2.18 3.80
N LEU E 20 38.76 2.29 3.09
CA LEU E 20 38.64 2.49 1.64
C LEU E 20 38.50 3.99 1.29
N ASP E 21 39.23 4.84 2.06
CA ASP E 21 39.25 6.30 2.01
C ASP E 21 39.46 6.96 0.67
N ALA E 22 40.34 6.39 -0.19
CA ALA E 22 40.65 6.92 -1.53
C ALA E 22 39.44 6.85 -2.47
N ASP E 23 38.68 5.75 -2.39
CA ASP E 23 37.50 5.49 -3.21
C ASP E 23 36.34 6.45 -2.85
N LEU E 24 36.03 6.61 -1.53
CA LEU E 24 34.93 7.44 -1.00
C LEU E 24 35.23 8.94 -0.90
N TYR E 25 36.47 9.35 -1.26
CA TYR E 25 36.93 10.73 -1.18
C TYR E 25 36.17 11.75 -2.03
N GLY E 26 35.67 12.79 -1.36
CA GLY E 26 34.99 13.93 -1.98
C GLY E 26 33.55 13.71 -2.41
N TYR E 27 32.90 12.71 -1.86
CA TYR E 27 31.52 12.39 -2.18
C TYR E 27 30.57 12.93 -1.14
N ARG E 28 29.34 13.26 -1.56
CA ARG E 28 28.24 13.63 -0.66
C ARG E 28 27.60 12.30 -0.26
N TRP E 29 27.16 12.21 0.99
CA TRP E 29 26.58 11.00 1.53
C TRP E 29 25.10 11.15 1.77
N ALA E 30 24.35 10.10 1.48
CA ALA E 30 22.91 10.07 1.64
C ALA E 30 22.54 8.69 2.15
N ARG E 31 21.56 8.60 3.07
CA ARG E 31 21.19 7.31 3.63
C ARG E 31 19.94 6.80 2.94
N ASP E 32 19.99 5.59 2.39
CA ASP E 32 18.82 4.98 1.75
C ASP E 32 18.15 3.94 2.62
N ASN E 33 16.83 4.01 2.67
CA ASN E 33 15.96 3.08 3.37
C ASN E 33 15.04 2.55 2.28
N VAL E 34 15.45 1.42 1.67
CA VAL E 34 14.71 0.81 0.57
C VAL E 34 13.74 -0.26 1.06
N GLY E 35 14.29 -1.38 1.54
CA GLY E 35 13.53 -2.47 2.13
C GLY E 35 13.67 -2.40 3.64
N GLN E 36 14.84 -2.80 4.18
CA GLN E 36 15.95 -3.44 3.45
C GLN E 36 16.14 -4.80 4.06
N SER E 37 17.21 -5.49 3.63
CA SER E 37 17.60 -6.77 4.20
C SER E 37 18.72 -6.51 5.24
N GLY E 38 18.40 -5.60 6.17
CA GLY E 38 19.22 -5.18 7.30
C GLY E 38 20.29 -4.12 7.06
N ALA E 39 20.99 -4.20 5.92
CA ALA E 39 22.11 -3.32 5.58
C ALA E 39 21.77 -1.85 5.42
N THR E 40 22.66 -0.97 5.91
CA THR E 40 22.54 0.47 5.72
C THR E 40 23.06 0.73 4.29
N ILE E 41 22.22 1.34 3.46
CA ILE E 41 22.61 1.65 2.09
C ILE E 41 22.92 3.11 2.00
N TYR E 42 24.15 3.43 1.62
CA TYR E 42 24.57 4.82 1.43
C TYR E 42 24.71 5.12 -0.05
N ARG E 43 24.11 6.23 -0.49
CA ARG E 43 24.28 6.68 -1.86
C ARG E 43 25.37 7.79 -1.86
N LEU E 44 26.46 7.60 -2.62
CA LEU E 44 27.55 8.57 -2.76
C LEU E 44 27.31 9.32 -4.08
N TYR E 45 27.14 10.64 -4.02
CA TYR E 45 26.81 11.48 -5.18
C TYR E 45 27.50 12.84 -5.01
N GLY E 46 27.24 13.77 -5.92
CA GLY E 46 27.76 15.14 -5.85
C GLY E 46 29.20 15.37 -6.23
N LYS E 47 29.98 14.30 -6.45
CA LYS E 47 31.38 14.44 -6.84
C LYS E 47 31.49 14.76 -8.35
N PRO E 48 32.11 15.92 -8.70
CA PRO E 48 32.26 16.25 -10.14
C PRO E 48 33.28 15.32 -10.80
N ASN E 49 33.11 15.04 -12.11
CA ASN E 49 34.00 14.16 -12.92
C ASN E 49 34.07 12.73 -12.31
N ALA E 50 32.99 12.33 -11.62
CA ALA E 50 32.91 11.04 -10.96
C ALA E 50 31.48 10.51 -10.99
N PRO E 51 31.27 9.20 -11.22
CA PRO E 51 29.89 8.68 -11.22
C PRO E 51 29.30 8.54 -9.81
N GLU E 52 28.03 8.17 -9.72
CA GLU E 52 27.34 7.92 -8.45
C GLU E 52 27.76 6.53 -7.99
N LEU E 53 27.95 6.34 -6.66
CA LEU E 53 28.30 5.05 -6.09
C LEU E 53 27.33 4.65 -4.99
N PHE E 54 27.33 3.37 -4.61
CA PHE E 54 26.49 2.84 -3.53
C PHE E 54 27.38 2.08 -2.56
N LEU E 55 27.16 2.28 -1.25
CA LEU E 55 27.93 1.59 -0.20
C LEU E 55 27.00 0.88 0.74
N LYS E 56 27.10 -0.45 0.81
CA LYS E 56 26.29 -1.25 1.71
C LYS E 56 27.13 -1.53 2.93
N HIS E 57 26.54 -1.31 4.12
CA HIS E 57 27.19 -1.60 5.38
C HIS E 57 26.32 -2.56 6.20
N GLY E 58 26.90 -3.70 6.48
CA GLY E 58 26.33 -4.75 7.31
C GLY E 58 27.16 -4.93 8.57
N LYS E 59 26.53 -4.76 9.73
CA LYS E 59 27.09 -4.93 11.08
C LYS E 59 26.51 -6.22 11.72
N GLY E 60 27.32 -6.96 12.44
CA GLY E 60 26.91 -8.19 13.12
C GLY E 60 26.43 -9.26 12.18
N SER E 61 25.20 -9.79 12.40
CA SER E 61 24.64 -10.82 11.51
C SER E 61 24.56 -10.31 10.05
N VAL E 62 24.21 -9.03 9.86
CA VAL E 62 24.05 -8.41 8.55
C VAL E 62 25.32 -8.35 7.72
N ALA E 63 26.49 -8.43 8.37
CA ALA E 63 27.77 -8.49 7.67
C ALA E 63 27.82 -9.74 6.77
N ASN E 64 27.25 -10.86 7.25
CA ASN E 64 27.15 -12.12 6.53
C ASN E 64 26.33 -11.97 5.26
N ASP E 65 25.23 -11.20 5.33
CA ASP E 65 24.34 -10.90 4.21
C ASP E 65 25.02 -10.05 3.11
N VAL E 66 25.83 -9.07 3.55
CA VAL E 66 26.58 -8.17 2.67
C VAL E 66 27.70 -8.96 1.95
N THR E 67 28.29 -9.95 2.67
CA THR E 67 29.33 -10.85 2.17
C THR E 67 28.69 -11.77 1.13
N ASP E 68 27.44 -12.25 1.40
CA ASP E 68 26.69 -13.12 0.49
C ASP E 68 26.44 -12.40 -0.82
N GLU E 69 26.00 -11.13 -0.75
CA GLU E 69 25.75 -10.33 -1.94
C GLU E 69 27.01 -10.12 -2.77
N MSE E 70 28.12 -9.72 -2.14
CA MSE E 70 29.40 -9.53 -2.83
C MSE E 70 29.81 -10.75 -3.71
O MSE E 70 30.09 -10.58 -4.88
CB MSE E 70 30.50 -9.17 -1.81
CG MSE E 70 31.84 -8.85 -2.44
SE MSE E 70 32.98 -10.38 -2.83
CE MSE E 70 33.26 -11.02 -1.07
N VAL E 71 29.87 -11.96 -3.11
CA VAL E 71 30.27 -13.16 -3.83
C VAL E 71 29.33 -13.54 -5.00
N ARG E 72 28.03 -13.24 -4.86
CA ARG E 72 27.00 -13.46 -5.87
C ARG E 72 27.09 -12.41 -6.97
N LEU E 73 27.43 -11.18 -6.56
CA LEU E 73 27.68 -10.04 -7.45
C LEU E 73 28.91 -10.36 -8.33
N ASN E 74 29.96 -10.92 -7.72
CA ASN E 74 31.21 -11.32 -8.36
C ASN E 74 31.00 -12.45 -9.37
N TRP E 75 30.25 -13.48 -8.98
CA TRP E 75 29.96 -14.59 -9.85
C TRP E 75 29.07 -14.16 -11.05
N LEU E 76 27.84 -13.66 -10.80
CA LEU E 76 26.86 -13.28 -11.80
C LEU E 76 27.26 -12.22 -12.84
N THR E 77 28.23 -11.34 -12.55
CA THR E 77 28.76 -10.33 -13.47
C THR E 77 29.16 -10.93 -14.87
N ALA E 78 29.63 -12.19 -14.91
CA ALA E 78 30.00 -12.88 -16.14
C ALA E 78 28.81 -13.27 -17.02
N PHE E 79 27.58 -13.18 -16.47
CA PHE E 79 26.39 -13.59 -17.21
C PHE E 79 25.34 -12.49 -17.31
N MSE E 80 25.19 -11.65 -16.28
CA MSE E 80 24.13 -10.64 -16.25
C MSE E 80 24.62 -9.20 -15.91
O MSE E 80 25.70 -9.04 -15.29
CB MSE E 80 23.01 -11.03 -15.26
CG MSE E 80 22.32 -12.38 -15.57
SE MSE E 80 21.32 -12.42 -17.24
CE MSE E 80 19.84 -11.37 -16.74
N PRO E 81 23.85 -8.15 -16.35
CA PRO E 81 24.24 -6.77 -16.02
C PRO E 81 23.84 -6.46 -14.57
N LEU E 82 24.86 -6.25 -13.74
CA LEU E 82 24.80 -6.05 -12.29
C LEU E 82 25.72 -4.85 -11.91
N PRO E 83 25.60 -4.24 -10.69
CA PRO E 83 26.58 -3.19 -10.32
C PRO E 83 28.00 -3.79 -10.28
N THR E 84 29.03 -2.99 -10.54
CA THR E 84 30.41 -3.47 -10.54
C THR E 84 30.98 -3.28 -9.11
N ILE E 85 31.69 -4.30 -8.57
CA ILE E 85 32.36 -4.23 -7.25
C ILE E 85 33.59 -3.37 -7.41
N LYS E 86 33.70 -2.30 -6.65
CA LYS E 86 34.85 -1.39 -6.68
C LYS E 86 35.78 -1.68 -5.52
N HIS E 87 35.22 -2.02 -4.36
CA HIS E 87 35.95 -2.29 -3.13
C HIS E 87 35.05 -3.05 -2.15
N PHE E 88 35.55 -4.16 -1.59
CA PHE E 88 34.83 -4.88 -0.56
C PHE E 88 35.78 -5.06 0.62
N ILE E 89 35.26 -4.92 1.86
CA ILE E 89 36.02 -5.10 3.11
C ILE E 89 35.20 -5.94 4.09
N ARG E 90 35.83 -6.93 4.72
CA ARG E 90 35.20 -7.77 5.74
C ARG E 90 36.10 -7.85 6.96
N THR E 91 35.59 -7.37 8.08
CA THR E 91 36.25 -7.48 9.37
C THR E 91 35.36 -8.42 10.23
N PRO E 92 35.79 -8.94 11.41
CA PRO E 92 34.94 -9.90 12.14
C PRO E 92 33.49 -9.50 12.43
N ASP E 93 33.20 -8.20 12.66
CA ASP E 93 31.86 -7.71 12.95
C ASP E 93 31.21 -6.83 11.87
N ASP E 94 31.93 -6.56 10.77
CA ASP E 94 31.46 -5.62 9.73
C ASP E 94 31.83 -6.04 8.36
N ALA E 95 31.01 -5.62 7.39
CA ALA E 95 31.21 -5.83 5.95
C ALA E 95 30.82 -4.54 5.25
N TRP E 96 31.66 -4.11 4.29
CA TRP E 96 31.52 -2.88 3.51
C TRP E 96 31.63 -3.23 2.04
N LEU E 97 30.60 -2.92 1.25
CA LEU E 97 30.51 -3.22 -0.18
C LEU E 97 30.24 -1.96 -0.97
N LEU E 98 31.27 -1.51 -1.69
CA LEU E 98 31.24 -0.35 -2.56
C LEU E 98 31.12 -0.84 -4.01
N THR E 99 30.04 -0.44 -4.65
CA THR E 99 29.74 -0.76 -6.04
C THR E 99 29.34 0.51 -6.77
N THR E 100 29.25 0.42 -8.08
CA THR E 100 28.78 1.49 -8.94
C THR E 100 27.22 1.51 -8.87
N ALA E 101 26.64 2.62 -9.30
CA ALA E 101 25.20 2.75 -9.42
C ALA E 101 24.84 2.42 -10.85
N ILE E 102 23.79 1.63 -11.03
CA ILE E 102 23.25 1.34 -12.35
C ILE E 102 22.38 2.58 -12.64
N PRO E 103 22.65 3.40 -13.68
CA PRO E 103 21.80 4.60 -13.90
C PRO E 103 20.33 4.30 -14.26
N GLY E 104 19.48 5.28 -13.99
CA GLY E 104 18.04 5.19 -14.22
C GLY E 104 17.23 5.01 -12.96
N LYS E 105 16.00 4.45 -13.13
CA LYS E 105 15.05 4.28 -12.04
C LYS E 105 14.55 2.86 -11.95
N THR E 106 14.02 2.48 -10.78
CA THR E 106 13.50 1.13 -10.57
C THR E 106 12.29 0.93 -11.47
N ALA E 107 12.06 -0.33 -11.90
CA ALA E 107 10.91 -0.71 -12.73
C ALA E 107 9.60 -0.21 -12.08
N PHE E 108 9.52 -0.20 -10.72
CA PHE E 108 8.38 0.32 -9.95
C PHE E 108 8.18 1.81 -10.22
N GLN E 109 9.24 2.66 -10.08
CA GLN E 109 9.17 4.12 -10.34
C GLN E 109 8.76 4.41 -11.79
N VAL E 110 9.36 3.67 -12.74
CA VAL E 110 9.11 3.79 -14.17
C VAL E 110 7.66 3.39 -14.52
N LEU E 111 7.15 2.31 -13.90
CA LEU E 111 5.77 1.86 -14.11
C LEU E 111 4.76 2.93 -13.64
N GLU E 112 5.01 3.54 -12.46
CA GLU E 112 4.19 4.64 -11.93
C GLU E 112 4.29 5.91 -12.79
N GLU E 113 5.46 6.18 -13.37
CA GLU E 113 5.69 7.37 -14.22
C GLU E 113 5.12 7.23 -15.64
N TYR E 114 5.10 6.03 -16.17
CA TYR E 114 4.59 5.74 -17.51
C TYR E 114 3.57 4.58 -17.42
N PRO E 115 2.35 4.84 -16.89
CA PRO E 115 1.38 3.75 -16.74
C PRO E 115 0.95 3.09 -18.05
N ASP E 116 1.00 3.86 -19.16
CA ASP E 116 0.69 3.39 -20.51
C ASP E 116 1.76 2.40 -21.03
N SER E 117 2.95 2.37 -20.40
CA SER E 117 4.09 1.52 -20.77
C SER E 117 4.21 0.18 -20.02
N GLY E 118 3.21 -0.13 -19.20
CA GLY E 118 3.13 -1.37 -18.43
C GLY E 118 3.44 -2.64 -19.21
N GLU E 119 2.86 -2.80 -20.41
CA GLU E 119 3.06 -3.98 -21.25
C GLU E 119 4.49 -4.08 -21.76
N ASN E 120 5.09 -2.96 -22.16
CA ASN E 120 6.48 -2.91 -22.61
C ASN E 120 7.47 -3.21 -21.50
N ILE E 121 7.12 -2.84 -20.25
CA ILE E 121 7.93 -3.07 -19.05
C ILE E 121 7.87 -4.55 -18.66
N VAL E 122 6.67 -5.18 -18.75
CA VAL E 122 6.50 -6.61 -18.45
C VAL E 122 7.24 -7.45 -19.52
N ASP E 123 7.15 -7.03 -20.81
CA ASP E 123 7.87 -7.66 -21.91
C ASP E 123 9.38 -7.69 -21.62
N ALA E 124 9.96 -6.53 -21.25
CA ALA E 124 11.38 -6.36 -20.91
C ALA E 124 11.78 -7.23 -19.70
N LEU E 125 10.95 -7.27 -18.67
CA LEU E 125 11.14 -8.09 -17.46
C LEU E 125 11.20 -9.58 -17.77
N ALA E 126 10.28 -10.08 -18.64
CA ALA E 126 10.15 -11.49 -19.02
C ALA E 126 11.37 -11.95 -19.83
N VAL E 127 11.80 -11.10 -20.80
CA VAL E 127 13.00 -11.34 -21.63
C VAL E 127 14.17 -11.48 -20.67
N PHE E 128 14.34 -10.51 -19.76
CA PHE E 128 15.43 -10.48 -18.78
C PHE E 128 15.38 -11.70 -17.87
N LEU E 129 14.17 -12.10 -17.44
CA LEU E 129 14.00 -13.25 -16.58
C LEU E 129 14.29 -14.57 -17.30
N ARG E 130 13.89 -14.69 -18.58
CA ARG E 130 14.20 -15.88 -19.40
C ARG E 130 15.70 -16.05 -19.64
N ARG E 131 16.42 -14.92 -19.71
CA ARG E 131 17.87 -14.79 -19.88
C ARG E 131 18.56 -15.28 -18.61
N LEU E 132 18.14 -14.83 -17.44
CA LEU E 132 18.71 -15.29 -16.16
C LEU E 132 18.51 -16.82 -16.03
N HIS E 133 17.28 -17.31 -16.35
CA HIS E 133 16.85 -18.70 -16.28
C HIS E 133 17.43 -19.63 -17.34
N SER E 134 18.18 -19.08 -18.29
CA SER E 134 18.86 -19.83 -19.36
C SER E 134 20.33 -20.07 -19.04
N ILE E 135 20.84 -19.52 -17.91
CA ILE E 135 22.22 -19.76 -17.50
C ILE E 135 22.34 -21.24 -17.08
N PRO E 136 23.21 -22.07 -17.71
CA PRO E 136 23.33 -23.45 -17.26
C PRO E 136 23.66 -23.56 -15.77
N VAL E 137 22.89 -24.38 -15.05
CA VAL E 137 23.07 -24.55 -13.59
C VAL E 137 24.43 -25.09 -13.20
N CYS E 138 25.13 -25.71 -14.14
CA CYS E 138 26.46 -26.29 -13.98
C CYS E 138 27.53 -25.19 -13.78
N ASN E 139 27.16 -23.91 -13.96
CA ASN E 139 28.05 -22.78 -13.79
C ASN E 139 27.86 -22.18 -12.43
N CYS E 140 26.75 -22.54 -11.73
CA CYS E 140 26.36 -21.92 -10.47
C CYS E 140 26.81 -22.59 -9.19
N PRO E 141 27.68 -21.87 -8.44
CA PRO E 141 28.20 -22.44 -7.19
C PRO E 141 27.31 -22.23 -5.96
N PHE E 142 26.13 -21.64 -6.15
CA PHE E 142 25.24 -21.30 -5.03
C PHE E 142 23.97 -22.14 -4.95
N ASN E 143 23.66 -22.58 -3.73
CA ASN E 143 22.44 -23.30 -3.40
C ASN E 143 21.43 -22.33 -2.77
N SER E 144 20.24 -22.20 -3.40
CA SER E 144 19.12 -21.39 -2.88
C SER E 144 17.85 -22.21 -2.96
N ASP E 145 17.93 -23.53 -2.88
CA ASP E 145 16.75 -24.40 -2.97
C ASP E 145 15.80 -24.34 -1.78
N ARG E 146 14.60 -24.91 -1.99
CA ARG E 146 13.46 -25.05 -1.08
C ARG E 146 13.94 -25.41 0.33
N VAL E 147 14.63 -26.56 0.45
CA VAL E 147 15.22 -27.12 1.69
C VAL E 147 16.10 -26.09 2.41
N PHE E 148 17.00 -25.40 1.69
CA PHE E 148 17.88 -24.38 2.24
C PHE E 148 17.09 -23.16 2.76
N ARG E 149 16.16 -22.65 1.94
CA ARG E 149 15.32 -21.48 2.23
C ARG E 149 14.37 -21.72 3.38
N LEU E 150 13.73 -22.92 3.42
CA LEU E 150 12.83 -23.33 4.51
C LEU E 150 13.57 -23.32 5.86
N ALA E 151 14.82 -23.80 5.88
CA ALA E 151 15.67 -23.78 7.07
C ALA E 151 16.06 -22.34 7.45
N GLN E 152 16.29 -21.45 6.46
CA GLN E 152 16.56 -20.02 6.72
C GLN E 152 15.29 -19.37 7.33
N ALA E 153 14.12 -19.70 6.77
CA ALA E 153 12.80 -19.22 7.18
C ALA E 153 12.46 -19.70 8.59
N GLN E 154 12.80 -20.95 8.90
CA GLN E 154 12.55 -21.50 10.23
C GLN E 154 13.36 -20.78 11.29
N SER E 155 14.69 -20.60 11.06
CA SER E 155 15.57 -19.90 12.00
C SER E 155 15.13 -18.45 12.22
N ARG E 156 14.72 -17.76 11.14
CA ARG E 156 14.20 -16.39 11.12
C ARG E 156 12.98 -16.28 11.97
N MSE E 157 12.06 -17.24 11.87
CA MSE E 157 10.86 -17.27 12.71
C MSE E 157 11.26 -17.50 14.19
O MSE E 157 10.79 -16.77 15.05
CB MSE E 157 9.87 -18.34 12.21
CG MSE E 157 8.62 -18.51 13.09
SE MSE E 157 7.39 -19.85 12.38
CE MSE E 157 8.64 -21.30 12.23
N ASN E 158 12.14 -18.48 14.48
CA ASN E 158 12.58 -18.81 15.84
C ASN E 158 13.30 -17.66 16.54
N ASN E 159 14.10 -16.87 15.79
CA ASN E 159 14.81 -15.70 16.30
C ASN E 159 13.90 -14.46 16.36
N GLY E 160 12.67 -14.60 15.85
CA GLY E 160 11.62 -13.58 15.83
C GLY E 160 11.81 -12.46 14.82
N LEU E 161 12.38 -12.78 13.64
CA LEU E 161 12.72 -11.82 12.60
C LEU E 161 11.70 -11.63 11.49
N VAL E 162 10.64 -12.43 11.47
CA VAL E 162 9.60 -12.29 10.46
C VAL E 162 8.81 -11.01 10.71
N ASP E 163 8.53 -10.23 9.64
CA ASP E 163 7.71 -9.03 9.72
C ASP E 163 6.27 -9.46 9.42
N ALA E 164 5.48 -9.72 10.49
CA ALA E 164 4.07 -10.17 10.41
C ALA E 164 3.11 -9.07 9.99
N SER E 165 3.55 -7.81 10.03
CA SER E 165 2.75 -6.67 9.61
C SER E 165 2.91 -6.43 8.09
N ASP E 166 3.84 -7.16 7.43
CA ASP E 166 4.18 -7.01 6.01
C ASP E 166 3.69 -8.16 5.12
N PHE E 167 2.85 -9.05 5.64
CA PHE E 167 2.28 -10.18 4.91
C PHE E 167 1.33 -9.76 3.77
N ASP E 168 1.13 -10.64 2.77
CA ASP E 168 0.21 -10.40 1.67
C ASP E 168 -1.23 -10.32 2.20
N ASP E 169 -2.13 -9.67 1.44
CA ASP E 169 -3.55 -9.51 1.81
C ASP E 169 -4.24 -10.76 2.28
N GLU E 170 -4.03 -11.90 1.58
CA GLU E 170 -4.66 -13.18 1.96
C GLU E 170 -4.19 -13.76 3.29
N ARG E 171 -3.08 -13.22 3.84
CA ARG E 171 -2.46 -13.67 5.09
C ARG E 171 -2.35 -12.55 6.16
N ASN E 172 -2.94 -11.37 5.88
CA ASN E 172 -2.95 -10.21 6.75
C ASN E 172 -3.57 -10.56 8.10
N GLY E 173 -2.81 -10.33 9.17
CA GLY E 173 -3.25 -10.60 10.53
C GLY E 173 -3.00 -12.01 11.04
N TRP E 174 -2.57 -12.93 10.15
CA TRP E 174 -2.28 -14.32 10.53
C TRP E 174 -1.04 -14.36 11.43
N PRO E 175 -0.98 -15.30 12.43
CA PRO E 175 0.28 -15.49 13.17
C PRO E 175 1.31 -16.12 12.21
N VAL E 176 2.62 -15.85 12.42
CA VAL E 176 3.72 -16.38 11.58
C VAL E 176 3.64 -17.90 11.52
N GLU E 177 3.42 -18.51 12.69
CA GLU E 177 3.26 -19.95 12.90
C GLU E 177 2.17 -20.58 11.98
N GLN E 178 1.07 -19.81 11.72
CA GLN E 178 -0.02 -20.25 10.84
C GLN E 178 0.45 -20.23 9.37
N VAL E 179 1.25 -19.21 9.00
CA VAL E 179 1.82 -19.11 7.65
C VAL E 179 2.75 -20.31 7.43
N TRP E 180 3.57 -20.65 8.45
CA TRP E 180 4.50 -21.77 8.49
C TRP E 180 3.77 -23.14 8.38
N LYS E 181 2.68 -23.34 9.15
CA LYS E 181 1.90 -24.57 9.16
C LYS E 181 1.16 -24.78 7.85
N GLU E 182 0.53 -23.71 7.32
CA GLU E 182 -0.23 -23.77 6.04
C GLU E 182 0.68 -23.94 4.82
N MSE E 183 1.92 -23.40 4.88
CA MSE E 183 2.89 -23.53 3.79
C MSE E 183 3.29 -24.99 3.60
O MSE E 183 3.29 -25.48 2.46
CB MSE E 183 4.13 -22.69 4.04
CG MSE E 183 5.04 -22.62 2.82
SE MSE E 183 6.49 -21.41 3.09
CE MSE E 183 6.98 -21.96 4.83
N HIS E 184 3.58 -25.70 4.71
CA HIS E 184 3.96 -27.11 4.71
C HIS E 184 2.81 -28.00 4.27
N LYS E 185 1.56 -27.49 4.39
CA LYS E 185 0.35 -28.21 3.95
C LYS E 185 0.26 -28.16 2.44
N LEU E 186 0.99 -27.21 1.80
CA LEU E 186 1.01 -27.11 0.34
C LEU E 186 1.62 -28.33 -0.30
N LEU E 187 1.02 -28.72 -1.42
CA LEU E 187 1.44 -29.88 -2.20
C LEU E 187 2.94 -29.78 -2.55
N PRO E 188 3.76 -30.83 -2.23
CA PRO E 188 5.18 -30.80 -2.63
C PRO E 188 5.25 -30.88 -4.16
N PHE E 189 6.32 -30.33 -4.73
CA PHE E 189 6.47 -30.31 -6.17
C PHE E 189 7.88 -30.72 -6.53
N SER E 190 8.05 -31.27 -7.73
CA SER E 190 9.36 -31.63 -8.27
C SER E 190 9.97 -30.32 -8.72
N PRO E 191 11.15 -29.95 -8.21
CA PRO E 191 11.74 -28.66 -8.63
C PRO E 191 12.18 -28.63 -10.08
N ASP E 192 11.98 -27.46 -10.68
CA ASP E 192 12.38 -27.12 -12.05
C ASP E 192 13.46 -26.05 -11.82
N SER E 193 14.65 -26.55 -11.43
CA SER E 193 15.82 -25.80 -10.98
C SER E 193 16.57 -25.01 -12.03
N VAL E 194 16.80 -23.75 -11.75
CA VAL E 194 17.49 -22.79 -12.60
C VAL E 194 18.28 -21.82 -11.68
N VAL E 195 19.09 -20.93 -12.25
CA VAL E 195 19.77 -19.87 -11.52
C VAL E 195 18.69 -18.80 -11.31
N THR E 196 18.37 -18.53 -10.04
CA THR E 196 17.37 -17.54 -9.67
C THR E 196 18.03 -16.31 -9.08
N HIS E 197 17.29 -15.17 -9.07
CA HIS E 197 17.71 -13.90 -8.49
C HIS E 197 17.48 -13.97 -6.97
N GLY E 198 16.33 -14.52 -6.56
CA GLY E 198 15.99 -14.65 -5.15
C GLY E 198 15.03 -13.59 -4.61
N ASP E 199 15.13 -12.34 -5.12
CA ASP E 199 14.25 -11.20 -4.77
C ASP E 199 13.95 -10.36 -6.04
N PHE E 200 13.28 -10.99 -7.02
CA PHE E 200 12.96 -10.43 -8.34
C PHE E 200 11.69 -9.58 -8.36
N SER E 201 11.78 -8.45 -7.71
CA SER E 201 10.68 -7.51 -7.55
C SER E 201 10.93 -6.29 -8.42
N LEU E 202 9.92 -5.40 -8.55
CA LEU E 202 10.00 -4.15 -9.31
C LEU E 202 11.01 -3.12 -8.76
N ASP E 203 11.44 -3.26 -7.48
CA ASP E 203 12.42 -2.35 -6.85
C ASP E 203 13.87 -2.72 -7.19
N ASN E 204 14.07 -3.98 -7.59
CA ASN E 204 15.35 -4.60 -7.90
C ASN E 204 15.76 -4.61 -9.35
N LEU E 205 14.92 -4.06 -10.25
CA LEU E 205 15.26 -4.08 -11.67
C LEU E 205 15.32 -2.70 -12.20
N ILE E 206 16.45 -2.35 -12.83
CA ILE E 206 16.68 -0.96 -13.24
C ILE E 206 16.42 -0.65 -14.70
N PHE E 207 15.55 0.36 -14.93
CA PHE E 207 15.23 0.86 -16.26
C PHE E 207 15.88 2.22 -16.45
N ASP E 208 16.50 2.41 -17.63
CA ASP E 208 17.17 3.65 -18.04
C ASP E 208 16.88 3.92 -19.52
N GLU E 209 16.36 5.12 -19.84
CA GLU E 209 16.01 5.56 -21.20
C GLU E 209 15.09 4.53 -21.93
N GLY E 210 14.17 3.92 -21.17
CA GLY E 210 13.21 2.93 -21.65
C GLY E 210 13.68 1.49 -21.66
N LYS E 211 14.97 1.25 -21.40
CA LYS E 211 15.52 -0.12 -21.40
C LYS E 211 15.90 -0.64 -20.02
N LEU E 212 15.72 -1.96 -19.81
CA LEU E 212 16.09 -2.67 -18.59
C LEU E 212 17.59 -2.93 -18.73
N ILE E 213 18.40 -2.18 -17.96
CA ILE E 213 19.86 -2.28 -18.06
C ILE E 213 20.58 -3.09 -16.99
N GLY E 214 19.87 -3.58 -15.98
CA GLY E 214 20.47 -4.39 -14.94
C GLY E 214 19.63 -4.68 -13.71
N CYS E 215 20.11 -5.58 -12.84
CA CYS E 215 19.45 -5.94 -11.58
C CYS E 215 20.37 -5.66 -10.41
N ILE E 216 19.78 -5.44 -9.23
CA ILE E 216 20.48 -5.15 -7.96
C ILE E 216 19.97 -6.14 -6.90
N ASP E 217 20.54 -6.09 -5.68
CA ASP E 217 20.11 -6.88 -4.52
C ASP E 217 20.16 -8.40 -4.79
N VAL E 218 21.34 -8.87 -5.15
CA VAL E 218 21.59 -10.26 -5.55
C VAL E 218 22.06 -11.21 -4.41
N GLY E 219 21.90 -10.81 -3.15
CA GLY E 219 22.32 -11.62 -1.99
C GLY E 219 21.68 -12.99 -1.86
N ARG E 220 20.57 -13.22 -2.59
CA ARG E 220 19.80 -14.49 -2.57
C ARG E 220 19.93 -15.31 -3.88
N VAL E 221 20.87 -14.94 -4.77
CA VAL E 221 21.15 -15.63 -6.04
C VAL E 221 21.59 -17.08 -5.75
N GLY E 222 21.09 -18.00 -6.58
CA GLY E 222 21.42 -19.41 -6.51
C GLY E 222 20.41 -20.31 -7.19
N ILE E 223 20.75 -21.58 -7.33
CA ILE E 223 19.87 -22.55 -7.95
C ILE E 223 18.65 -22.75 -7.05
N ALA E 224 17.45 -22.60 -7.63
CA ALA E 224 16.14 -22.78 -6.99
C ALA E 224 15.13 -22.97 -8.13
N ASP E 225 13.86 -23.22 -7.79
CA ASP E 225 12.78 -23.37 -8.76
C ASP E 225 12.53 -22.01 -9.44
N ARG E 226 12.22 -22.03 -10.76
CA ARG E 226 11.98 -20.82 -11.54
C ARG E 226 10.92 -19.91 -10.91
N TYR E 227 9.94 -20.49 -10.20
CA TYR E 227 8.83 -19.81 -9.55
C TYR E 227 9.24 -18.93 -8.41
N GLN E 228 10.47 -19.08 -7.94
CA GLN E 228 11.04 -18.22 -6.92
C GLN E 228 11.05 -16.78 -7.48
N ASP E 229 11.48 -16.62 -8.75
CA ASP E 229 11.51 -15.29 -9.35
C ASP E 229 10.17 -14.89 -9.90
N LEU E 230 9.45 -15.83 -10.58
CA LEU E 230 8.12 -15.59 -11.16
C LEU E 230 7.10 -15.12 -10.13
N ALA E 231 7.02 -15.77 -8.94
CA ALA E 231 6.07 -15.41 -7.87
C ALA E 231 6.28 -14.02 -7.31
N ILE E 232 7.54 -13.64 -7.00
CA ILE E 232 7.82 -12.30 -6.45
C ILE E 232 7.41 -11.19 -7.44
N LEU E 233 7.79 -11.31 -8.72
CA LEU E 233 7.43 -10.35 -9.76
C LEU E 233 5.91 -10.33 -9.97
N TRP E 234 5.27 -11.53 -10.00
CA TRP E 234 3.81 -11.68 -10.16
C TRP E 234 3.04 -10.93 -9.08
N ASN E 235 3.46 -11.07 -7.81
CA ASN E 235 2.85 -10.42 -6.66
C ASN E 235 3.02 -8.89 -6.76
N CYS E 236 4.18 -8.42 -7.22
CA CYS E 236 4.43 -6.99 -7.43
C CYS E 236 3.46 -6.40 -8.45
N LEU E 237 3.29 -7.09 -9.61
CA LEU E 237 2.41 -6.66 -10.69
C LEU E 237 0.94 -6.74 -10.31
N GLY E 238 0.63 -7.43 -9.22
CA GLY E 238 -0.72 -7.56 -8.68
C GLY E 238 -1.24 -6.28 -8.08
N GLU E 239 -0.33 -5.36 -7.71
CA GLU E 239 -0.69 -4.05 -7.19
C GLU E 239 -1.21 -3.19 -8.35
N PHE E 240 -0.73 -3.51 -9.57
CA PHE E 240 -1.01 -2.73 -10.78
C PHE E 240 -2.11 -3.26 -11.69
N SER E 241 -2.03 -4.52 -12.14
CA SER E 241 -2.97 -5.07 -13.10
C SER E 241 -2.94 -6.62 -13.16
N PRO E 242 -4.11 -7.29 -13.28
CA PRO E 242 -4.13 -8.76 -13.42
C PRO E 242 -3.72 -9.15 -14.84
N SER E 243 -3.87 -8.21 -15.80
CA SER E 243 -3.50 -8.35 -17.22
C SER E 243 -1.97 -8.35 -17.31
N LEU E 244 -1.28 -7.49 -16.52
CA LEU E 244 0.19 -7.43 -16.45
C LEU E 244 0.74 -8.69 -15.78
N GLN E 245 0.06 -9.19 -14.71
CA GLN E 245 0.46 -10.44 -14.04
C GLN E 245 0.42 -11.61 -15.03
N LYS E 246 -0.69 -11.76 -15.76
CA LYS E 246 -0.89 -12.81 -16.76
C LYS E 246 0.12 -12.69 -17.93
N ARG E 247 0.39 -11.43 -18.37
CA ARG E 247 1.33 -11.09 -19.44
C ARG E 247 2.76 -11.54 -19.13
N LEU E 248 3.19 -11.40 -17.86
CA LEU E 248 4.51 -11.85 -17.40
C LEU E 248 4.68 -13.32 -17.73
N PHE E 249 3.72 -14.16 -17.29
CA PHE E 249 3.72 -15.60 -17.50
C PHE E 249 3.69 -15.97 -18.96
N GLN E 250 2.90 -15.22 -19.76
CA GLN E 250 2.73 -15.45 -21.20
C GLN E 250 4.03 -15.19 -21.96
N LYS E 251 4.63 -14.01 -21.76
CA LYS E 251 5.87 -13.61 -22.42
C LYS E 251 7.07 -14.40 -21.96
N TYR E 252 7.04 -14.89 -20.71
CA TYR E 252 8.09 -15.74 -20.15
C TYR E 252 8.03 -17.10 -20.84
N GLY E 253 6.84 -17.56 -21.23
CA GLY E 253 6.66 -18.80 -21.97
C GLY E 253 5.92 -19.92 -21.27
N ILE E 254 5.06 -19.58 -20.28
CA ILE E 254 4.23 -20.51 -19.52
C ILE E 254 2.75 -20.19 -19.79
N ASP E 255 2.09 -21.07 -20.56
CA ASP E 255 0.66 -20.89 -20.87
C ASP E 255 -0.24 -21.23 -19.68
N ASN E 256 0.18 -22.20 -18.85
CA ASN E 256 -0.58 -22.71 -17.70
C ASN E 256 0.23 -22.61 -16.40
N PRO E 257 0.11 -21.48 -15.67
CA PRO E 257 0.93 -21.31 -14.44
C PRO E 257 0.58 -22.27 -13.32
N ASP E 258 1.61 -22.80 -12.63
CA ASP E 258 1.39 -23.75 -11.54
C ASP E 258 1.06 -22.96 -10.27
N MSE E 259 -0.22 -22.91 -9.93
CA MSE E 259 -0.80 -22.19 -8.77
C MSE E 259 -0.24 -22.64 -7.44
O MSE E 259 -0.12 -21.82 -6.54
CB MSE E 259 -2.33 -22.26 -8.79
CG MSE E 259 -2.94 -21.49 -9.95
SE MSE E 259 -2.29 -19.67 -9.97
CE MSE E 259 -1.49 -19.67 -11.63
N ASN E 260 0.14 -23.92 -7.33
CA ASN E 260 0.74 -24.49 -6.14
C ASN E 260 2.18 -23.97 -5.95
N LYS E 261 2.97 -23.96 -7.04
CA LYS E 261 4.35 -23.49 -7.04
C LYS E 261 4.36 -22.00 -6.71
N LEU E 262 3.42 -21.26 -7.29
CA LEU E 262 3.19 -19.84 -7.08
C LEU E 262 2.84 -19.56 -5.62
N GLN E 263 1.84 -20.29 -5.04
CA GLN E 263 1.44 -20.06 -3.64
C GLN E 263 2.59 -20.33 -2.73
N PHE E 264 3.29 -21.44 -2.94
CA PHE E 264 4.43 -21.82 -2.12
C PHE E 264 5.50 -20.73 -2.03
N HIS E 265 5.89 -20.13 -3.16
CA HIS E 265 6.97 -19.13 -3.19
C HIS E 265 6.49 -17.77 -2.66
N LEU E 266 5.18 -17.53 -2.71
CA LEU E 266 4.61 -16.33 -2.12
C LEU E 266 4.59 -16.44 -0.60
N MSE E 267 4.21 -17.64 -0.08
CA MSE E 267 4.23 -17.88 1.35
C MSE E 267 5.67 -17.87 1.85
O MSE E 267 5.95 -17.24 2.86
CB MSE E 267 3.52 -19.19 1.72
CG MSE E 267 2.07 -19.19 1.30
SE MSE E 267 1.09 -20.81 1.74
CE MSE E 267 0.77 -20.44 3.60
N LEU E 268 6.59 -18.51 1.11
CA LEU E 268 8.00 -18.56 1.50
C LEU E 268 8.62 -17.18 1.67
N ASP E 269 8.35 -16.23 0.74
CA ASP E 269 8.84 -14.85 0.81
C ASP E 269 8.32 -14.04 2.00
N GLU E 270 7.27 -14.53 2.68
CA GLU E 270 6.73 -13.88 3.88
C GLU E 270 7.73 -13.93 5.06
N PHE E 271 8.67 -14.91 5.05
CA PHE E 271 9.65 -15.13 6.12
C PHE E 271 10.90 -14.29 5.99
N PHE E 272 11.01 -13.54 4.85
CA PHE E 272 12.18 -12.72 4.49
C PHE E 272 11.89 -11.21 4.38
N ALA F 22 40.80 -0.56 9.62
CA ALA F 22 41.94 -0.44 8.72
C ALA F 22 43.10 -1.40 9.10
N ASP F 23 44.10 -1.54 8.21
CA ASP F 23 45.28 -2.42 8.36
C ASP F 23 46.25 -2.01 9.49
N LEU F 24 46.43 -2.92 10.47
CA LEU F 24 47.33 -2.74 11.62
C LEU F 24 48.22 -3.97 11.82
N TYR F 25 49.56 -3.78 11.71
CA TYR F 25 50.56 -4.85 11.85
C TYR F 25 51.86 -4.42 12.57
N GLY F 26 52.60 -5.42 13.01
CA GLY F 26 53.91 -5.33 13.67
C GLY F 26 54.48 -6.72 13.71
N TYR F 27 54.69 -7.30 12.51
CA TYR F 27 55.15 -8.68 12.29
C TYR F 27 56.34 -8.77 11.34
N ARG F 28 56.93 -9.98 11.24
CA ARG F 28 58.04 -10.33 10.34
C ARG F 28 57.47 -11.22 9.22
N TRP F 29 57.73 -10.86 7.95
CA TRP F 29 57.20 -11.56 6.77
C TRP F 29 58.07 -12.73 6.29
N ALA F 30 57.41 -13.78 5.74
CA ALA F 30 58.05 -14.99 5.19
C ALA F 30 57.17 -15.65 4.11
N ARG F 31 57.59 -15.54 2.83
CA ARG F 31 56.88 -16.07 1.66
C ARG F 31 56.87 -17.62 1.63
N ASP F 32 55.86 -18.21 0.96
CA ASP F 32 55.69 -19.66 0.81
C ASP F 32 55.61 -20.06 -0.67
N GLY F 38 47.57 -20.34 -7.52
CA GLY F 38 48.90 -19.87 -7.17
C GLY F 38 48.90 -18.49 -6.52
N ALA F 39 48.51 -18.43 -5.23
CA ALA F 39 48.44 -17.19 -4.45
C ALA F 39 49.71 -16.93 -3.62
N THR F 40 50.07 -15.63 -3.46
CA THR F 40 51.23 -15.16 -2.67
C THR F 40 50.87 -15.33 -1.16
N ILE F 41 51.39 -16.41 -0.54
CA ILE F 41 51.14 -16.71 0.87
C ILE F 41 52.28 -16.23 1.75
N TYR F 42 51.98 -15.36 2.73
CA TYR F 42 52.92 -14.79 3.70
C TYR F 42 52.69 -15.44 5.08
N ARG F 43 53.77 -15.58 5.86
CA ARG F 43 53.76 -16.08 7.23
C ARG F 43 54.16 -14.91 8.12
N LEU F 44 53.21 -14.41 8.89
CA LEU F 44 53.43 -13.29 9.80
C LEU F 44 53.65 -13.80 11.22
N TYR F 45 54.77 -13.40 11.84
CA TYR F 45 55.19 -13.80 13.19
C TYR F 45 56.07 -12.73 13.83
N GLY F 46 56.12 -12.70 15.17
CA GLY F 46 56.93 -11.75 15.91
C GLY F 46 56.23 -10.98 17.02
N LYS F 47 54.93 -10.67 16.82
CA LYS F 47 54.11 -9.92 17.77
C LYS F 47 53.99 -10.64 19.13
N PRO F 48 54.23 -9.95 20.27
CA PRO F 48 54.15 -10.63 21.59
C PRO F 48 52.78 -11.24 21.93
N ASN F 49 52.80 -12.50 22.40
CA ASN F 49 51.66 -13.33 22.82
C ASN F 49 50.56 -13.50 21.78
N PRO F 51 50.13 -13.64 18.01
CA PRO F 51 49.54 -14.79 17.28
C PRO F 51 49.94 -14.84 15.81
N GLU F 52 50.44 -16.00 15.36
CA GLU F 52 50.87 -16.25 13.99
C GLU F 52 49.69 -16.12 13.01
N LEU F 53 49.94 -15.45 11.87
CA LEU F 53 48.93 -15.19 10.83
C LEU F 53 49.40 -15.60 9.45
N PHE F 54 48.42 -15.95 8.59
CA PHE F 54 48.61 -16.24 7.18
C PHE F 54 47.93 -15.13 6.40
N LEU F 55 48.62 -14.57 5.41
CA LEU F 55 48.09 -13.57 4.48
C LEU F 55 48.15 -14.22 3.09
N LYS F 56 46.99 -14.35 2.43
CA LYS F 56 46.86 -14.96 1.11
C LYS F 56 46.48 -13.86 0.14
N HIS F 57 47.24 -13.77 -0.97
CA HIS F 57 46.97 -12.75 -1.99
C HIS F 57 46.76 -13.40 -3.34
N GLY F 58 45.60 -13.14 -3.92
CA GLY F 58 45.24 -13.62 -5.25
C GLY F 58 45.08 -12.48 -6.23
N LYS F 59 45.69 -12.61 -7.42
CA LYS F 59 45.60 -11.64 -8.53
C LYS F 59 44.84 -12.28 -9.68
N GLY F 60 44.11 -11.45 -10.42
CA GLY F 60 43.32 -11.89 -11.58
C GLY F 60 42.29 -12.96 -11.24
N SER F 61 42.45 -14.14 -11.84
CA SER F 61 41.56 -15.28 -11.61
C SER F 61 41.75 -15.88 -10.21
N VAL F 62 42.97 -15.76 -9.64
CA VAL F 62 43.31 -16.25 -8.30
C VAL F 62 42.56 -15.45 -7.20
N ALA F 63 42.15 -14.18 -7.51
CA ALA F 63 41.37 -13.35 -6.60
C ALA F 63 39.99 -13.96 -6.36
N ASN F 64 39.40 -14.62 -7.40
CA ASN F 64 38.11 -15.31 -7.25
C ASN F 64 38.30 -16.54 -6.33
N ASP F 65 39.44 -17.25 -6.47
CA ASP F 65 39.79 -18.41 -5.65
C ASP F 65 39.89 -18.02 -4.16
N VAL F 66 40.55 -16.89 -3.88
CA VAL F 66 40.71 -16.36 -2.53
C VAL F 66 39.35 -15.91 -1.96
N THR F 67 38.47 -15.32 -2.82
CA THR F 67 37.12 -14.92 -2.45
C THR F 67 36.28 -16.14 -2.08
N ASP F 68 36.34 -17.20 -2.92
CA ASP F 68 35.66 -18.48 -2.73
C ASP F 68 36.08 -19.12 -1.42
N GLU F 69 37.40 -19.07 -1.08
CA GLU F 69 37.86 -19.62 0.19
C GLU F 69 37.31 -18.86 1.41
N MSE F 70 37.34 -17.51 1.34
CA MSE F 70 36.85 -16.62 2.39
C MSE F 70 35.39 -16.87 2.80
O MSE F 70 35.11 -17.05 4.00
CB MSE F 70 37.07 -15.15 1.99
CG MSE F 70 36.68 -14.15 3.11
SE MSE F 70 34.80 -13.63 3.15
CE MSE F 70 34.63 -12.97 1.43
N VAL F 71 34.47 -16.88 1.81
CA VAL F 71 33.04 -17.09 2.08
C VAL F 71 32.80 -18.44 2.69
N ARG F 72 33.47 -19.48 2.18
CA ARG F 72 33.38 -20.82 2.73
C ARG F 72 33.94 -20.89 4.17
N LEU F 73 35.00 -20.11 4.49
CA LEU F 73 35.60 -20.03 5.82
C LEU F 73 34.58 -19.35 6.72
N ASN F 74 34.06 -18.18 6.29
CA ASN F 74 33.06 -17.39 7.04
C ASN F 74 31.83 -18.24 7.36
N TRP F 75 31.39 -19.10 6.42
CA TRP F 75 30.24 -19.97 6.62
C TRP F 75 30.53 -21.19 7.52
N LEU F 76 31.51 -22.00 7.14
CA LEU F 76 31.84 -23.25 7.84
C LEU F 76 32.31 -23.10 9.29
N THR F 77 32.95 -21.97 9.65
CA THR F 77 33.42 -21.70 11.02
C THR F 77 32.35 -21.87 12.13
N ALA F 78 31.07 -21.74 11.78
CA ALA F 78 29.95 -21.91 12.69
C ALA F 78 29.72 -23.39 13.02
N PHE F 79 30.38 -24.32 12.30
CA PHE F 79 30.20 -25.77 12.51
C PHE F 79 31.47 -26.58 12.80
N MSE F 80 32.65 -26.11 12.33
CA MSE F 80 33.94 -26.81 12.39
C MSE F 80 35.05 -25.90 12.85
O MSE F 80 34.95 -24.69 12.62
CB MSE F 80 34.33 -27.33 10.97
CG MSE F 80 33.38 -28.38 10.40
SE MSE F 80 33.17 -29.88 11.58
CE MSE F 80 34.61 -30.88 10.97
N PRO F 81 36.17 -26.44 13.42
CA PRO F 81 37.30 -25.57 13.79
C PRO F 81 38.05 -25.19 12.52
N LEU F 82 38.14 -23.87 12.27
CA LEU F 82 38.75 -23.28 11.08
C LEU F 82 39.59 -22.05 11.39
N PRO F 83 40.53 -21.61 10.49
CA PRO F 83 41.22 -20.34 10.71
C PRO F 83 40.20 -19.16 10.81
N THR F 84 40.41 -18.24 11.77
CA THR F 84 39.52 -17.07 11.95
C THR F 84 39.90 -16.00 10.93
N ILE F 85 38.90 -15.37 10.29
CA ILE F 85 39.16 -14.29 9.32
C ILE F 85 39.34 -13.02 10.13
N LYS F 86 40.50 -12.39 10.01
CA LYS F 86 40.79 -11.14 10.70
C LYS F 86 40.45 -9.97 9.78
N HIS F 87 40.80 -10.10 8.49
CA HIS F 87 40.57 -9.07 7.49
C HIS F 87 40.50 -9.69 6.10
N PHE F 88 39.57 -9.19 5.28
CA PHE F 88 39.41 -9.59 3.89
C PHE F 88 39.19 -8.35 3.04
N ILE F 89 39.96 -8.20 1.98
CA ILE F 89 39.83 -7.06 1.07
C ILE F 89 39.64 -7.59 -0.35
N ARG F 90 38.68 -7.06 -1.09
CA ARG F 90 38.51 -7.40 -2.49
C ARG F 90 38.42 -6.09 -3.30
N THR F 91 39.26 -5.99 -4.32
CA THR F 91 39.27 -4.89 -5.29
C THR F 91 39.07 -5.55 -6.67
N PRO F 92 38.85 -4.82 -7.79
CA PRO F 92 38.63 -5.52 -9.08
C PRO F 92 39.61 -6.63 -9.48
N ASP F 93 40.93 -6.43 -9.30
CA ASP F 93 41.87 -7.48 -9.69
C ASP F 93 42.65 -8.14 -8.55
N ASP F 94 42.30 -7.82 -7.30
CA ASP F 94 43.00 -8.34 -6.12
C ASP F 94 42.08 -8.71 -4.95
N ALA F 95 42.48 -9.75 -4.20
CA ALA F 95 41.85 -10.23 -2.98
C ALA F 95 42.95 -10.50 -1.99
N TRP F 96 42.81 -9.98 -0.77
CA TRP F 96 43.75 -10.15 0.33
C TRP F 96 42.96 -10.78 1.50
N LEU F 97 43.40 -11.95 1.96
CA LEU F 97 42.74 -12.66 3.06
C LEU F 97 43.71 -12.93 4.21
N LEU F 98 43.46 -12.27 5.36
CA LEU F 98 44.24 -12.37 6.58
C LEU F 98 43.51 -13.24 7.59
N THR F 99 44.11 -14.39 7.93
CA THR F 99 43.55 -15.36 8.88
C THR F 99 44.55 -15.68 10.00
N THR F 100 44.06 -16.28 11.08
CA THR F 100 44.83 -16.74 12.24
C THR F 100 45.39 -18.10 11.87
N ALA F 101 46.60 -18.41 12.31
CA ALA F 101 47.20 -19.72 12.02
C ALA F 101 46.73 -20.77 13.04
N ILE F 102 46.35 -21.95 12.57
CA ILE F 102 45.95 -23.08 13.42
C ILE F 102 47.30 -23.73 13.79
N PRO F 103 47.70 -23.71 15.08
CA PRO F 103 49.01 -24.27 15.43
C PRO F 103 49.06 -25.79 15.37
N GLY F 104 50.22 -26.31 15.02
CA GLY F 104 50.45 -27.74 14.94
C GLY F 104 51.07 -28.21 13.66
N LYS F 105 50.97 -29.53 13.42
CA LYS F 105 51.51 -30.20 12.23
C LYS F 105 50.35 -30.76 11.43
N THR F 106 50.59 -31.10 10.15
CA THR F 106 49.52 -31.69 9.34
C THR F 106 49.41 -33.17 9.72
N ALA F 107 48.30 -33.82 9.37
CA ALA F 107 48.06 -35.25 9.55
C ALA F 107 49.14 -36.05 8.84
N PHE F 108 49.65 -35.56 7.69
CA PHE F 108 50.75 -36.21 6.96
C PHE F 108 52.00 -36.24 7.87
N GLN F 109 52.39 -35.06 8.40
CA GLN F 109 53.55 -34.91 9.29
C GLN F 109 53.47 -35.77 10.53
N VAL F 110 52.29 -35.85 11.16
CA VAL F 110 52.04 -36.63 12.38
C VAL F 110 52.07 -38.16 12.10
N LEU F 111 51.49 -38.60 10.99
CA LEU F 111 51.49 -39.99 10.53
C LEU F 111 52.97 -40.48 10.27
N GLU F 112 53.84 -39.59 9.78
CA GLU F 112 55.26 -39.87 9.50
C GLU F 112 56.09 -39.89 10.78
N GLU F 113 55.77 -38.99 11.71
CA GLU F 113 56.50 -38.89 12.96
C GLU F 113 56.03 -39.96 13.98
N TYR F 114 54.73 -40.31 13.96
CA TYR F 114 54.11 -41.30 14.86
C TYR F 114 53.51 -42.48 14.09
N PRO F 115 54.34 -43.28 13.36
CA PRO F 115 53.77 -44.38 12.56
C PRO F 115 53.04 -45.47 13.34
N ASP F 116 53.44 -45.74 14.59
CA ASP F 116 52.77 -46.73 15.43
C ASP F 116 51.40 -46.25 15.91
N SER F 117 51.08 -44.96 15.68
CA SER F 117 49.80 -44.32 16.03
C SER F 117 48.90 -44.24 14.79
N GLY F 118 49.31 -44.91 13.72
CA GLY F 118 48.60 -44.92 12.44
C GLY F 118 47.12 -45.21 12.55
N GLU F 119 46.77 -46.22 13.34
CA GLU F 119 45.38 -46.62 13.55
C GLU F 119 44.58 -45.59 14.33
N ASN F 120 45.15 -45.02 15.40
CA ASN F 120 44.51 -43.98 16.18
C ASN F 120 44.33 -42.69 15.36
N ILE F 121 45.34 -42.35 14.52
CA ILE F 121 45.34 -41.17 13.64
C ILE F 121 44.20 -41.29 12.65
N VAL F 122 44.03 -42.50 12.05
CA VAL F 122 42.96 -42.79 11.09
C VAL F 122 41.60 -42.74 11.78
N ASP F 123 41.50 -43.23 13.02
CA ASP F 123 40.27 -43.22 13.82
C ASP F 123 39.84 -41.77 14.03
N ALA F 124 40.82 -40.90 14.37
CA ALA F 124 40.60 -39.48 14.63
C ALA F 124 40.12 -38.73 13.36
N LEU F 125 40.60 -39.15 12.19
CA LEU F 125 40.25 -38.60 10.88
C LEU F 125 38.83 -38.96 10.48
N ALA F 126 38.39 -40.20 10.75
CA ALA F 126 37.04 -40.68 10.43
C ALA F 126 35.99 -39.95 11.29
N VAL F 127 36.31 -39.73 12.59
CA VAL F 127 35.45 -39.02 13.55
C VAL F 127 35.27 -37.57 13.08
N PHE F 128 36.38 -36.91 12.68
CA PHE F 128 36.37 -35.54 12.22
C PHE F 128 35.59 -35.41 10.91
N LEU F 129 35.76 -36.40 10.00
CA LEU F 129 35.04 -36.46 8.72
C LEU F 129 33.54 -36.72 8.96
N ARG F 130 33.19 -37.58 9.95
CA ARG F 130 31.79 -37.85 10.33
C ARG F 130 31.16 -36.55 10.84
N ARG F 131 31.94 -35.77 11.66
CA ARG F 131 31.53 -34.48 12.23
C ARG F 131 31.13 -33.51 11.11
N LEU F 132 31.95 -33.44 10.04
CA LEU F 132 31.72 -32.63 8.85
C LEU F 132 30.49 -33.08 8.07
N HIS F 133 30.36 -34.38 7.82
CA HIS F 133 29.24 -34.96 7.05
C HIS F 133 27.90 -34.99 7.72
N SER F 134 27.87 -34.73 9.04
CA SER F 134 26.68 -34.71 9.90
C SER F 134 25.97 -33.36 9.88
N ILE F 135 26.66 -32.30 9.37
CA ILE F 135 26.09 -30.95 9.28
C ILE F 135 24.90 -31.02 8.34
N PRO F 136 23.71 -30.57 8.77
CA PRO F 136 22.56 -30.61 7.85
C PRO F 136 22.80 -29.82 6.56
N VAL F 137 22.54 -30.48 5.42
CA VAL F 137 22.69 -30.00 4.02
C VAL F 137 21.96 -28.66 3.82
N CYS F 138 20.79 -28.48 4.47
CA CYS F 138 19.91 -27.31 4.48
C CYS F 138 20.55 -26.03 5.06
N ASN F 139 21.75 -26.15 5.63
CA ASN F 139 22.50 -25.03 6.22
C ASN F 139 23.52 -24.51 5.21
N CYS F 140 23.88 -25.35 4.22
CA CYS F 140 24.89 -25.05 3.20
C CYS F 140 24.41 -24.27 1.95
N PRO F 141 24.99 -23.06 1.72
CA PRO F 141 24.59 -22.26 0.54
C PRO F 141 25.49 -22.51 -0.67
N PHE F 142 26.38 -23.50 -0.58
CA PHE F 142 27.33 -23.80 -1.62
C PHE F 142 27.08 -25.11 -2.31
N ASN F 143 27.16 -25.09 -3.65
CA ASN F 143 27.01 -26.21 -4.57
C ASN F 143 28.38 -26.71 -5.05
N SER F 144 28.66 -28.00 -4.77
CA SER F 144 29.90 -28.64 -5.20
C SER F 144 29.58 -29.96 -5.89
N ASP F 145 28.34 -30.13 -6.41
CA ASP F 145 27.84 -31.36 -7.05
C ASP F 145 28.56 -31.77 -8.31
N ARG F 146 28.34 -33.05 -8.69
CA ARG F 146 28.91 -33.78 -9.83
C ARG F 146 28.88 -32.88 -11.09
N VAL F 147 27.68 -32.39 -11.44
CA VAL F 147 27.41 -31.53 -12.59
C VAL F 147 28.29 -30.26 -12.63
N PHE F 148 28.37 -29.56 -11.51
CA PHE F 148 29.15 -28.34 -11.37
C PHE F 148 30.66 -28.63 -11.55
N ARG F 149 31.19 -29.65 -10.86
CA ARG F 149 32.60 -30.10 -10.91
C ARG F 149 33.03 -30.69 -12.25
N LEU F 150 32.16 -31.51 -12.91
CA LEU F 150 32.43 -32.04 -14.25
C LEU F 150 32.58 -30.90 -15.27
N ALA F 151 31.78 -29.83 -15.15
CA ALA F 151 31.88 -28.68 -16.06
C ALA F 151 33.20 -27.93 -15.83
N GLN F 152 33.67 -27.86 -14.58
CA GLN F 152 34.97 -27.23 -14.28
C GLN F 152 36.12 -28.07 -14.85
N ALA F 153 36.02 -29.39 -14.67
CA ALA F 153 37.00 -30.38 -15.11
C ALA F 153 37.08 -30.36 -16.64
N GLN F 154 35.92 -30.30 -17.33
CA GLN F 154 35.85 -30.21 -18.80
C GLN F 154 36.58 -28.98 -19.30
N SER F 155 36.38 -27.84 -18.61
CA SER F 155 37.00 -26.55 -18.89
C SER F 155 38.51 -26.61 -18.70
N ARG F 156 38.98 -27.23 -17.59
CA ARG F 156 40.40 -27.42 -17.28
C ARG F 156 41.12 -28.28 -18.31
N MSE F 157 40.42 -29.32 -18.81
CA MSE F 157 40.92 -30.20 -19.86
C MSE F 157 41.06 -29.44 -21.18
O MSE F 157 42.12 -29.50 -21.80
CB MSE F 157 40.01 -31.45 -20.00
CG MSE F 157 40.27 -32.24 -21.27
SE MSE F 157 39.24 -33.87 -21.33
CE MSE F 157 37.53 -33.16 -21.78
N ASN F 158 39.98 -28.72 -21.61
CA ASN F 158 39.94 -27.91 -22.84
C ASN F 158 40.92 -26.72 -22.83
N ASN F 159 41.35 -26.27 -21.65
CA ASN F 159 42.32 -25.19 -21.52
C ASN F 159 43.76 -25.64 -21.25
N GLY F 160 44.01 -26.94 -21.29
CA GLY F 160 45.35 -27.49 -21.08
C GLY F 160 45.89 -27.33 -19.67
N LEU F 161 44.98 -27.22 -18.68
CA LEU F 161 45.34 -27.00 -17.26
C LEU F 161 45.42 -28.26 -16.40
N VAL F 162 44.99 -29.42 -16.93
CA VAL F 162 45.05 -30.69 -16.17
C VAL F 162 46.52 -31.12 -16.00
N ASP F 163 46.94 -31.47 -14.77
CA ASP F 163 48.32 -31.90 -14.52
C ASP F 163 48.43 -33.40 -14.80
N ALA F 164 48.69 -33.72 -16.07
CA ALA F 164 48.81 -35.10 -16.58
C ALA F 164 49.93 -35.91 -15.92
N SER F 165 50.96 -35.21 -15.40
CA SER F 165 52.10 -35.80 -14.69
C SER F 165 51.76 -36.28 -13.28
N ASP F 166 50.66 -35.80 -12.73
CA ASP F 166 50.25 -36.07 -11.34
C ASP F 166 49.11 -37.09 -11.18
N PHE F 167 48.82 -37.89 -12.21
CA PHE F 167 47.75 -38.89 -12.09
C PHE F 167 48.13 -40.00 -11.14
N ASP F 168 47.12 -40.76 -10.66
CA ASP F 168 47.32 -41.90 -9.77
C ASP F 168 47.96 -43.00 -10.58
N ASP F 169 48.77 -43.88 -9.95
CA ASP F 169 49.48 -44.98 -10.64
C ASP F 169 48.69 -45.71 -11.71
N GLU F 170 47.43 -46.03 -11.43
CA GLU F 170 46.54 -46.77 -12.34
C GLU F 170 46.20 -45.99 -13.60
N ARG F 171 46.51 -44.68 -13.62
CA ARG F 171 46.23 -43.80 -14.76
C ARG F 171 47.52 -43.11 -15.24
N ASN F 172 48.68 -43.63 -14.82
CA ASN F 172 49.96 -43.07 -15.21
C ASN F 172 50.23 -43.10 -16.72
N GLY F 173 50.54 -41.93 -17.27
CA GLY F 173 50.84 -41.76 -18.68
C GLY F 173 49.62 -41.83 -19.58
N TRP F 174 48.40 -41.75 -19.00
CA TRP F 174 47.17 -41.76 -19.78
C TRP F 174 46.96 -40.36 -20.29
N PRO F 175 46.50 -40.19 -21.55
CA PRO F 175 46.10 -38.84 -21.99
C PRO F 175 44.91 -38.38 -21.15
N VAL F 176 44.78 -37.05 -20.96
CA VAL F 176 43.66 -36.42 -20.24
C VAL F 176 42.30 -36.91 -20.79
N GLU F 177 42.17 -36.98 -22.12
N GLU F 177 42.14 -36.96 -22.11
CA GLU F 177 40.97 -37.41 -22.86
CA GLU F 177 40.90 -37.39 -22.80
C GLU F 177 40.54 -38.81 -22.46
C GLU F 177 40.52 -38.83 -22.43
N GLN F 178 41.52 -39.74 -22.29
CA GLN F 178 41.29 -41.15 -21.88
C GLN F 178 40.70 -41.18 -20.44
N VAL F 179 41.20 -40.32 -19.52
CA VAL F 179 40.71 -40.28 -18.13
C VAL F 179 39.24 -39.85 -18.12
N TRP F 180 38.94 -38.81 -18.94
CA TRP F 180 37.65 -38.17 -19.14
C TRP F 180 36.58 -39.18 -19.63
N LYS F 181 36.85 -39.89 -20.76
CA LYS F 181 35.95 -40.89 -21.35
C LYS F 181 35.71 -42.07 -20.39
N GLU F 182 36.77 -42.61 -19.79
CA GLU F 182 36.68 -43.74 -18.87
C GLU F 182 35.86 -43.41 -17.62
N MSE F 183 36.03 -42.17 -17.10
CA MSE F 183 35.28 -41.68 -15.93
C MSE F 183 33.77 -41.58 -16.22
O MSE F 183 32.97 -41.93 -15.35
CB MSE F 183 35.87 -40.37 -15.44
CG MSE F 183 35.05 -39.71 -14.32
SE MSE F 183 35.74 -38.05 -13.76
CE MSE F 183 35.68 -37.09 -15.34
N HIS F 184 33.38 -41.11 -17.42
CA HIS F 184 31.96 -41.00 -17.78
C HIS F 184 31.21 -42.33 -17.85
N LYS F 185 31.97 -43.44 -18.04
CA LYS F 185 31.46 -44.82 -18.06
C LYS F 185 30.99 -45.29 -16.68
N LEU F 186 31.40 -44.57 -15.60
CA LEU F 186 30.97 -44.84 -14.21
C LEU F 186 29.67 -44.11 -13.82
N LEU F 187 29.17 -43.22 -14.69
CA LEU F 187 27.94 -42.47 -14.45
C LEU F 187 26.74 -43.09 -15.19
N PRO F 188 25.51 -43.01 -14.64
CA PRO F 188 25.13 -42.36 -13.38
C PRO F 188 25.21 -43.26 -12.14
N PHE F 189 25.06 -42.63 -10.98
CA PHE F 189 24.94 -43.19 -9.63
C PHE F 189 24.07 -42.22 -8.80
N SER F 190 23.43 -42.71 -7.74
CA SER F 190 22.60 -41.85 -6.89
C SER F 190 23.47 -41.10 -5.91
N PRO F 191 23.51 -39.75 -5.97
CA PRO F 191 24.32 -39.02 -5.01
C PRO F 191 23.80 -39.20 -3.59
N ASP F 192 24.72 -39.25 -2.63
CA ASP F 192 24.42 -39.36 -1.21
C ASP F 192 25.04 -38.08 -0.64
N SER F 193 24.30 -36.97 -0.86
CA SER F 193 24.71 -35.61 -0.54
C SER F 193 24.90 -35.24 0.92
N VAL F 194 26.07 -34.64 1.20
CA VAL F 194 26.50 -34.15 2.50
C VAL F 194 27.30 -32.87 2.23
N VAL F 195 27.70 -32.19 3.30
CA VAL F 195 28.55 -31.00 3.31
C VAL F 195 30.01 -31.57 3.19
N THR F 196 30.67 -31.31 2.06
CA THR F 196 32.01 -31.83 1.83
C THR F 196 33.06 -30.72 1.91
N HIS F 197 34.31 -31.10 2.22
CA HIS F 197 35.45 -30.20 2.30
C HIS F 197 35.92 -29.89 0.89
N GLY F 198 36.02 -30.92 0.04
CA GLY F 198 36.43 -30.77 -1.36
C GLY F 198 37.86 -31.14 -1.67
N ASP F 199 38.71 -31.14 -0.66
CA ASP F 199 40.13 -31.53 -0.70
C ASP F 199 40.53 -32.06 0.68
N PHE F 200 39.82 -33.10 1.13
CA PHE F 200 40.04 -33.74 2.42
C PHE F 200 41.32 -34.63 2.38
N SER F 201 42.48 -33.96 2.26
CA SER F 201 43.80 -34.58 2.15
C SER F 201 44.53 -34.55 3.48
N LEU F 202 45.60 -35.34 3.65
CA LEU F 202 46.41 -35.35 4.90
C LEU F 202 47.14 -34.03 5.18
N ASP F 203 47.33 -33.21 4.14
CA ASP F 203 48.01 -31.93 4.27
C ASP F 203 47.09 -30.85 4.80
N ASN F 204 45.76 -31.09 4.74
CA ASN F 204 44.76 -30.08 5.08
C ASN F 204 44.07 -30.30 6.40
N LEU F 205 44.57 -31.25 7.19
CA LEU F 205 44.05 -31.58 8.50
C LEU F 205 45.15 -31.35 9.50
N ILE F 206 44.86 -30.49 10.52
CA ILE F 206 45.81 -30.03 11.52
C ILE F 206 45.66 -30.72 12.85
N PHE F 207 46.79 -31.24 13.34
CA PHE F 207 46.92 -31.94 14.63
C PHE F 207 47.75 -31.13 15.61
N ASP F 208 47.31 -31.10 16.87
CA ASP F 208 48.01 -30.42 17.97
C ASP F 208 47.68 -31.17 19.24
N GLU F 209 48.72 -31.56 19.99
CA GLU F 209 48.62 -32.34 21.24
C GLU F 209 47.80 -33.65 21.04
N GLY F 210 48.05 -34.34 19.92
CA GLY F 210 47.42 -35.60 19.55
C GLY F 210 45.96 -35.56 19.14
N LYS F 211 45.36 -34.35 19.14
CA LYS F 211 43.95 -34.17 18.79
C LYS F 211 43.77 -33.36 17.51
N LEU F 212 42.92 -33.86 16.59
CA LEU F 212 42.59 -33.24 15.32
C LEU F 212 41.78 -32.00 15.66
N ILE F 213 42.41 -30.83 15.50
CA ILE F 213 41.86 -29.55 15.91
C ILE F 213 41.51 -28.55 14.80
N GLY F 214 41.47 -29.00 13.56
CA GLY F 214 41.15 -28.13 12.45
C GLY F 214 41.55 -28.60 11.07
N CYS F 215 40.91 -28.00 10.09
CA CYS F 215 41.19 -28.24 8.71
C CYS F 215 41.31 -26.89 8.02
N ILE F 216 42.02 -26.86 6.90
CA ILE F 216 42.32 -25.66 6.14
C ILE F 216 41.99 -25.95 4.67
N ASP F 217 42.31 -25.01 3.75
CA ASP F 217 42.10 -25.14 2.30
C ASP F 217 40.63 -25.52 1.94
N VAL F 218 39.70 -24.65 2.35
CA VAL F 218 38.25 -24.85 2.22
C VAL F 218 37.58 -24.25 0.98
N GLY F 219 38.35 -23.73 0.03
CA GLY F 219 37.83 -23.15 -1.21
C GLY F 219 36.81 -23.97 -2.00
N ARG F 220 36.87 -25.31 -1.92
N ARG F 220 36.86 -25.32 -1.91
CA ARG F 220 35.96 -26.24 -2.60
CA ARG F 220 35.95 -26.24 -2.61
C ARG F 220 34.79 -26.75 -1.72
C ARG F 220 34.77 -26.74 -1.73
N VAL F 221 34.54 -26.10 -0.56
CA VAL F 221 33.42 -26.50 0.34
C VAL F 221 32.02 -26.32 -0.33
N GLY F 222 31.17 -27.32 -0.11
CA GLY F 222 29.82 -27.33 -0.65
C GLY F 222 29.17 -28.69 -0.63
N ILE F 223 27.90 -28.75 -1.08
CA ILE F 223 27.14 -30.01 -1.12
C ILE F 223 27.65 -30.89 -2.26
N ALA F 224 28.09 -32.11 -1.94
CA ALA F 224 28.50 -33.16 -2.88
C ALA F 224 28.37 -34.54 -2.22
N ASP F 225 28.63 -35.59 -3.01
CA ASP F 225 28.56 -36.97 -2.53
C ASP F 225 29.62 -37.15 -1.47
N ARG F 226 29.29 -37.89 -0.38
CA ARG F 226 30.23 -38.14 0.73
C ARG F 226 31.59 -38.64 0.29
N TYR F 227 31.63 -39.42 -0.84
CA TYR F 227 32.84 -40.01 -1.42
C TYR F 227 33.79 -38.99 -1.98
N GLN F 228 33.33 -37.71 -2.13
CA GLN F 228 34.21 -36.64 -2.55
C GLN F 228 35.37 -36.55 -1.52
N ASP F 229 35.03 -36.56 -0.24
CA ASP F 229 35.98 -36.51 0.88
C ASP F 229 36.65 -37.85 1.21
N LEU F 230 35.90 -38.95 1.16
CA LEU F 230 36.44 -40.28 1.44
C LEU F 230 37.48 -40.73 0.40
N ALA F 231 37.24 -40.45 -0.87
CA ALA F 231 38.17 -40.82 -1.95
C ALA F 231 39.52 -40.10 -1.84
N ILE F 232 39.53 -38.79 -1.60
CA ILE F 232 40.78 -38.03 -1.46
C ILE F 232 41.61 -38.51 -0.26
N LEU F 233 40.96 -38.73 0.90
CA LEU F 233 41.63 -39.18 2.12
C LEU F 233 42.14 -40.62 1.98
N TRP F 234 41.27 -41.48 1.39
CA TRP F 234 41.58 -42.87 1.13
C TRP F 234 42.80 -42.94 0.22
N ASN F 235 42.87 -42.07 -0.82
CA ASN F 235 44.02 -42.01 -1.75
C ASN F 235 45.34 -41.73 -1.01
N CYS F 236 45.36 -40.69 -0.15
CA CYS F 236 46.47 -40.27 0.73
C CYS F 236 46.98 -41.42 1.65
N LEU F 237 46.06 -42.22 2.24
CA LEU F 237 46.39 -43.35 3.12
C LEU F 237 47.08 -44.50 2.38
N GLY F 238 47.06 -44.45 1.04
CA GLY F 238 47.75 -45.42 0.18
C GLY F 238 49.25 -45.35 0.30
N GLU F 239 49.81 -44.17 0.70
CA GLU F 239 51.25 -44.01 0.94
C GLU F 239 51.58 -44.60 2.30
N PHE F 240 50.56 -44.95 3.08
CA PHE F 240 50.76 -45.52 4.40
C PHE F 240 50.49 -47.02 4.38
N SER F 241 49.27 -47.45 4.12
CA SER F 241 49.00 -48.89 4.04
C SER F 241 47.61 -49.16 3.52
N PRO F 242 47.37 -50.34 2.87
CA PRO F 242 46.00 -50.67 2.46
C PRO F 242 45.07 -50.95 3.68
N SER F 243 45.65 -51.38 4.84
CA SER F 243 44.85 -51.61 6.06
C SER F 243 44.32 -50.29 6.63
N LEU F 244 45.14 -49.21 6.60
CA LEU F 244 44.71 -47.88 7.06
C LEU F 244 43.63 -47.35 6.10
N GLN F 245 43.80 -47.60 4.79
CA GLN F 245 42.81 -47.21 3.77
C GLN F 245 41.45 -47.84 4.12
N LYS F 246 41.47 -49.17 4.39
CA LYS F 246 40.32 -49.98 4.77
C LYS F 246 39.73 -49.46 6.10
N ARG F 247 40.61 -49.11 7.06
CA ARG F 247 40.24 -48.62 8.38
C ARG F 247 39.40 -47.35 8.33
N LEU F 248 39.77 -46.39 7.46
CA LEU F 248 39.01 -45.14 7.25
C LEU F 248 37.54 -45.42 6.97
N PHE F 249 37.22 -46.35 6.05
CA PHE F 249 35.83 -46.68 5.75
C PHE F 249 35.10 -47.32 6.91
N GLN F 250 35.74 -48.28 7.61
CA GLN F 250 35.10 -48.98 8.72
C GLN F 250 34.78 -48.04 9.88
N LYS F 251 35.76 -47.21 10.28
CA LYS F 251 35.60 -46.24 11.38
C LYS F 251 34.63 -45.12 11.03
N TYR F 252 34.53 -44.77 9.75
CA TYR F 252 33.59 -43.75 9.27
C TYR F 252 32.17 -44.34 9.33
N GLY F 253 32.07 -45.66 9.17
CA GLY F 253 30.80 -46.37 9.24
C GLY F 253 30.35 -47.06 7.98
N ILE F 254 31.25 -47.23 6.99
CA ILE F 254 30.93 -47.92 5.74
C ILE F 254 31.62 -49.29 5.74
N ASP F 255 30.82 -50.37 5.84
CA ASP F 255 31.31 -51.74 5.89
C ASP F 255 31.57 -52.32 4.50
N ASN F 256 30.73 -51.94 3.52
CA ASN F 256 30.84 -52.36 2.12
C ASN F 256 31.02 -51.13 1.21
N PRO F 257 32.28 -50.64 1.12
CA PRO F 257 32.55 -49.43 0.32
C PRO F 257 32.22 -49.51 -1.16
N ASP F 258 31.51 -48.51 -1.65
CA ASP F 258 31.08 -48.37 -3.04
C ASP F 258 32.31 -48.04 -3.93
N MSE F 259 32.78 -49.06 -4.65
CA MSE F 259 33.96 -49.02 -5.51
C MSE F 259 33.78 -48.10 -6.73
O MSE F 259 34.72 -47.40 -7.11
CB MSE F 259 34.40 -50.45 -5.93
CG MSE F 259 34.92 -51.30 -4.75
SE MSE F 259 36.49 -50.52 -3.88
CE MSE F 259 35.89 -50.39 -2.14
N ASN F 260 32.55 -48.08 -7.29
CA ASN F 260 32.22 -47.24 -8.43
C ASN F 260 32.31 -45.73 -8.07
N LYS F 261 31.78 -45.35 -6.89
CA LYS F 261 31.78 -44.00 -6.34
C LYS F 261 33.19 -43.57 -5.91
N LEU F 262 33.97 -44.53 -5.40
CA LEU F 262 35.34 -44.24 -5.00
C LEU F 262 36.15 -43.92 -6.24
N GLN F 263 36.07 -44.79 -7.26
CA GLN F 263 36.72 -44.67 -8.57
C GLN F 263 36.31 -43.38 -9.25
N PHE F 264 35.03 -43.01 -9.19
CA PHE F 264 34.58 -41.77 -9.83
C PHE F 264 35.28 -40.56 -9.24
N HIS F 265 35.28 -40.43 -7.90
CA HIS F 265 35.84 -39.27 -7.22
C HIS F 265 37.35 -39.19 -7.32
N LEU F 266 38.05 -40.36 -7.31
CA LEU F 266 39.50 -40.47 -7.51
C LEU F 266 39.82 -39.93 -8.93
N MSE F 267 39.05 -40.37 -9.96
CA MSE F 267 39.26 -39.89 -11.33
C MSE F 267 38.89 -38.43 -11.51
O MSE F 267 39.53 -37.73 -12.30
CB MSE F 267 38.56 -40.76 -12.36
CG MSE F 267 39.00 -42.20 -12.32
SE MSE F 267 38.01 -43.30 -13.57
CE MSE F 267 39.05 -42.97 -15.11
N LEU F 268 37.83 -37.97 -10.80
CA LEU F 268 37.41 -36.57 -10.86
C LEU F 268 38.51 -35.68 -10.29
N ASP F 269 39.20 -36.12 -9.21
CA ASP F 269 40.28 -35.31 -8.63
C ASP F 269 41.50 -35.17 -9.55
N GLU F 270 41.63 -36.06 -10.58
CA GLU F 270 42.73 -35.99 -11.55
C GLU F 270 42.75 -34.67 -12.31
N PHE F 271 41.59 -34.05 -12.46
CA PHE F 271 41.36 -32.81 -13.21
C PHE F 271 41.62 -31.53 -12.42
N PHE F 272 41.90 -31.67 -11.14
CA PHE F 272 42.07 -30.53 -10.26
C PHE F 272 43.45 -30.26 -9.72
C1 KAN G . -14.42 -11.55 -11.33
C2 KAN G . -15.02 -10.12 -11.31
C3 KAN G . -15.30 -9.61 -12.74
C4 KAN G . -14.09 -9.76 -13.65
C5 KAN G . -13.54 -11.20 -13.57
C6 KAN G . -12.24 -11.29 -14.39
C7 KAN G . -15.85 -16.61 -10.59
C8 KAN G . -15.14 -15.78 -9.53
C9 KAN G . -15.40 -14.30 -9.90
C10 KAN G . -14.96 -13.94 -11.34
C11 KAN G . -15.61 -14.95 -12.31
C12 KAN G . -15.21 -16.36 -11.93
C13 KAN G . -14.97 -15.88 -7.14
C14 KAN G . -15.34 -16.92 -6.08
C15 KAN G . -16.74 -16.67 -5.54
C16 KAN G . -16.87 -15.22 -5.04
C17 KAN G . -16.51 -14.24 -6.16
C18 KAN G . -16.66 -12.80 -5.62
N1 KAN G . -11.88 -12.71 -14.55
N2 KAN G . -15.21 -14.70 -13.71
N3 KAN G . -15.84 -18.04 -10.27
N4 KAN G . -17.03 -17.60 -4.43
O5 KAN G . -13.28 -11.62 -12.22
O6 KAN G . -16.25 -10.13 -10.55
O7 KAN G . -15.65 -8.22 -12.75
O8 KAN G . -14.52 -9.49 -15.00
O9 KAN G . -15.35 -12.59 -11.71
O10 KAN G . -14.73 -13.43 -8.97
O11 KAN G . -15.79 -16.13 -8.30
O12 KAN G . -15.17 -14.54 -6.63
O13 KAN G . -15.25 -18.24 -6.65
O14 KAN G . -18.18 -14.96 -4.54
O15 KAN G . -16.72 -11.86 -6.71
C1 537 H . -17.09 4.84 -13.37
C2 537 H . -17.49 4.90 -12.04
C3 537 H . -16.90 4.07 -11.11
C4 537 H . -15.85 3.19 -11.52
C5 537 H . -15.50 3.09 -12.86
C6 537 H . -16.11 3.93 -13.79
C11 537 H . -16.58 3.31 -8.88
C12 537 H . -17.04 3.53 -7.62
C13 537 H . -16.51 2.76 -6.58
C14 537 H . -15.52 1.81 -6.89
C15 537 H . -15.06 1.63 -8.22
C16 537 H . -15.56 2.44 -9.24
C20 537 H . -15.17 2.40 -10.58
C21 537 H . -17.25 4.13 -9.75
O22 537 H . -14.30 1.62 -10.98
N23 537 H . -18.09 4.81 -8.97
N24 537 H . -17.96 4.50 -7.76
C ACT I . -31.92 7.69 -13.49
O ACT I . -31.26 7.69 -14.53
OXT ACT I . -33.06 7.27 -13.49
CH3 ACT I . -31.32 8.24 -12.22
C1 KAN J . -35.89 6.00 -47.81
C2 KAN J . -34.39 5.67 -47.82
C3 KAN J . -33.88 5.44 -46.40
C4 KAN J . -34.25 6.62 -45.48
C5 KAN J . -35.75 6.91 -45.56
C6 KAN J . -35.93 8.19 -44.72
C7 KAN J . -40.26 3.20 -48.72
C8 KAN J . -39.49 4.05 -49.75
C9 KAN J . -38.00 4.13 -49.31
C10 KAN J . -37.91 4.73 -47.89
C11 KAN J . -38.69 3.90 -46.89
C12 KAN J . -40.17 3.78 -47.29
C13 KAN J . -39.79 4.19 -52.10
C14 KAN J . -40.73 3.63 -53.17
C15 KAN J . -40.24 2.27 -53.66
C16 KAN J . -38.82 2.42 -54.19
C17 KAN J . -37.90 3.07 -53.15
C18 KAN J . -36.55 3.50 -53.80
N1 KAN J . -37.35 8.43 -44.38
N2 KAN J . -38.59 4.57 -45.59
N3 KAN J . -41.65 3.05 -49.17
N4 KAN J . -41.11 1.75 -54.71
O5 KAN J . -36.09 7.16 -46.97
O6 KAN J . -34.14 4.50 -48.61
O7 KAN J . -32.46 5.29 -46.47
O8 KAN J . -33.95 6.28 -44.11
O9 KAN J . -36.61 4.82 -47.41
O10 KAN J . -37.27 4.95 -50.22
O11 KAN J . -39.64 3.31 -50.98
O12 KAN J . -38.48 4.29 -52.61
O13 KAN J . -42.07 3.53 -52.63
O14 KAN J . -38.31 1.14 -54.55
O15 KAN J . -35.61 3.76 -52.75
C ACT K . -13.98 -8.10 -45.39
O ACT K . -13.69 -6.97 -45.06
OXT ACT K . -14.41 -8.30 -46.54
CH3 ACT K . -13.79 -9.24 -44.41
C1 KAN L . 5.50 18.23 12.53
C2 KAN L . 6.31 18.59 13.80
C3 KAN L . 5.42 19.15 14.92
C4 KAN L . 4.52 20.27 14.39
C5 KAN L . 3.77 19.83 13.13
C6 KAN L . 2.95 21.09 12.73
C7 KAN L . 3.32 13.81 10.21
C8 KAN L . 4.64 14.47 9.89
C9 KAN L . 5.11 15.27 11.13
C10 KAN L . 4.13 16.38 11.52
C11 KAN L . 2.77 15.71 11.81
C12 KAN L . 2.27 14.84 10.65
C13 KAN L . 6.47 13.71 8.52
C14 KAN L . 6.72 12.54 7.54
C15 KAN L . 7.19 11.31 8.33
C16 KAN L . 8.53 11.66 9.01
C17 KAN L . 8.35 12.91 9.86
C18 KAN L . 9.66 13.33 10.50
N1 KAN L . 2.11 20.81 11.54
N2 KAN L . 1.76 16.74 12.02
N3 KAN L . 2.87 13.11 9.01
N4 KAN L . 7.36 10.15 7.44
O5 KAN L . 4.76 19.40 12.14
O6 KAN L . 6.97 17.44 14.33
O7 KAN L . 6.22 19.62 16.00
O8 KAN L . 3.59 20.67 15.39
O9 KAN L . 4.63 17.05 12.69
O10 KAN L . 6.39 15.82 10.88
O11 KAN L . 5.52 13.37 9.56
O12 KAN L . 7.75 14.02 9.12
O13 KAN L . 5.56 12.26 6.77
O14 KAN L . 8.97 10.58 9.82
O15 KAN L . 9.37 14.06 11.71
C1 537 M . 13.96 25.92 23.89
C2 537 M . 15.14 25.18 23.91
C3 537 M . 15.63 24.65 22.70
C4 537 M . 14.94 24.86 21.48
C5 537 M . 13.75 25.59 21.49
C6 537 M . 13.28 26.13 22.69
C11 537 M . 17.32 23.49 21.49
C12 537 M . 18.43 22.74 21.72
C13 537 M . 19.07 22.18 20.62
C14 537 M . 18.49 22.32 19.34
C15 537 M . 17.27 23.02 19.17
C16 537 M . 16.64 23.59 20.28
C20 537 M . 15.45 24.33 20.26
C21 537 M . 16.82 23.92 22.70
O22 537 M . 14.86 24.51 19.19
N23 537 M . 17.72 23.50 23.60
N24 537 M . 18.65 22.86 23.04
C ACT N . -10.12 21.61 4.43
O ACT N . -10.36 22.29 3.45
OXT ACT N . -9.07 21.01 4.47
CH3 ACT N . -11.09 21.56 5.58
C ACT O . 15.46 16.75 36.56
O ACT O . 15.51 17.79 35.92
OXT ACT O . 14.62 16.61 37.47
CH3 ACT O . 16.46 15.69 36.22
C1 KAN P . -11.98 28.26 52.37
C2 KAN P . -12.13 29.11 51.09
C3 KAN P . -11.06 28.77 50.04
C4 KAN P . -9.67 28.74 50.69
C5 KAN P . -9.61 27.80 51.90
C6 KAN P . -8.21 27.95 52.53
C7 KAN P . -14.32 24.38 55.00
C8 KAN P . -14.52 25.87 55.37
C9 KAN P . -14.21 26.64 54.06
C10 KAN P . -12.79 26.40 53.52
C11 KAN P . -12.55 24.89 53.30
C12 KAN P . -12.88 24.07 54.56
C13 KAN P . -16.31 27.10 56.53
C14 KAN P . -17.46 26.59 57.41
C15 KAN P . -18.68 26.29 56.53
C16 KAN P . -19.06 27.56 55.77
C17 KAN P . -17.84 28.01 54.93
C18 KAN P . -18.07 29.17 53.98
N1 KAN P . -8.11 27.26 53.82
N2 KAN P . -11.16 24.67 52.87
N3 KAN P . -14.72 23.49 56.10
N4 KAN P . -19.81 25.81 57.33
O5 KAN P . -10.62 28.17 52.89
O6 KAN P . -13.45 28.98 50.54
O7 KAN P . -11.09 29.77 49.02
O8 KAN P . -8.69 28.37 49.73
O9 KAN P . -12.67 27.01 52.25
O10 KAN P . -14.42 28.04 54.23
O11 KAN P . -15.95 26.02 55.62
O12 KAN P . -16.71 28.28 55.79
O13 KAN P . -17.04 25.41 58.11
O14 KAN P . -20.19 27.34 54.93
O15 KAN P . -16.89 29.35 53.17
C ACT Q . -18.31 34.22 27.29
O ACT Q . -17.96 34.52 26.17
OXT ACT Q . -18.10 34.96 28.23
CH3 ACT Q . -19.01 32.92 27.49
C1 KAN R . 10.09 -6.76 1.26
C2 KAN R . 11.22 -6.39 0.25
C3 KAN R . 12.39 -7.35 0.38
C4 KAN R . 12.95 -7.34 1.81
C5 KAN R . 11.84 -7.67 2.83
C6 KAN R . 12.34 -7.48 4.28
C7 KAN R . 5.61 -9.69 0.91
C8 KAN R . 5.72 -8.18 0.64
C9 KAN R . 7.17 -7.83 0.28
C10 KAN R . 8.16 -8.26 1.35
C11 KAN R . 8.03 -9.77 1.51
C12 KAN R . 6.61 -10.14 1.97
C13 KAN R . 4.30 -6.51 -0.34
C14 KAN R . 2.78 -6.66 -0.02
C15 KAN R . 1.97 -7.15 -1.22
C16 KAN R . 2.30 -6.39 -2.51
C17 KAN R . 3.81 -6.23 -2.71
C18 KAN R . 4.01 -5.37 -3.93
N1 KAN R . 11.26 -7.82 5.24
N2 KAN R . 9.00 -10.24 2.51
N3 KAN R . 4.25 -10.03 1.32
N4 KAN R . 0.53 -7.05 -0.93
O5 KAN R . 10.63 -6.91 2.65
O6 KAN R . 10.77 -6.54 -1.10
O7 KAN R . 13.39 -6.95 -0.57
O8 KAN R . 13.95 -8.33 1.89
O9 KAN R . 9.48 -8.01 0.84
O10 KAN R . 7.27 -6.43 0.07
O11 KAN R . 4.87 -7.83 -0.47
O12 KAN R . 4.54 -5.71 -1.54
O13 KAN R . 2.59 -7.60 1.06
O14 KAN R . 1.72 -7.09 -3.63
O15 KAN R . 5.42 -5.24 -4.18
C1 537 S . 23.83 -0.99 -5.52
C2 537 S . 23.30 -0.36 -6.65
C3 537 S . 22.06 0.27 -6.58
C4 537 S . 21.34 0.30 -5.36
C5 537 S . 21.89 -0.30 -4.23
C6 537 S . 23.13 -0.94 -4.30
C11 537 S . 20.28 1.48 -7.59
C12 537 S . 19.97 2.09 -8.78
C13 537 S . 18.75 2.76 -8.88
C14 537 S . 17.94 2.85 -7.73
C15 537 S . 18.30 2.23 -6.50
C16 537 S . 19.54 1.58 -6.42
C20 537 S . 20.08 0.94 -5.29
C21 537 S . 21.53 0.89 -7.71
O22 537 S . 19.45 0.92 -4.22
N23 537 S . 21.86 1.07 -8.98
N24 537 S . 20.97 1.72 -9.59
C1 KAN T . 47.24 -32.24 -5.71
C2 KAN T . 47.05 -31.58 -4.33
C3 KAN T . 45.88 -30.58 -4.41
C4 KAN T . 46.16 -29.54 -5.50
C5 KAN T . 46.43 -30.23 -6.85
C6 KAN T . 46.84 -29.17 -7.90
C7 KAN T . 45.87 -36.90 -7.70
C8 KAN T . 47.12 -36.53 -6.90
C9 KAN T . 46.84 -35.34 -5.98
C10 KAN T . 46.36 -34.13 -6.80
C11 KAN T . 45.07 -34.51 -7.55
C12 KAN T . 45.31 -35.70 -8.48
C13 KAN T . 48.91 -37.92 -6.05
C14 KAN T . 49.26 -39.41 -6.09
C15 KAN T . 48.56 -40.17 -4.94
C16 KAN T . 48.78 -39.48 -3.59
C17 KAN T . 48.49 -37.98 -3.65
C18 KAN T . 49.07 -37.31 -2.40
N1 KAN T . 46.79 -29.76 -9.26
N2 KAN T . 44.55 -33.36 -8.32
N3 KAN T . 46.29 -37.95 -8.64
N4 KAN T . 49.04 -41.56 -4.89
O5 KAN T . 47.46 -31.27 -6.78
O6 KAN T . 46.77 -32.56 -3.32
O7 KAN T . 45.73 -29.95 -3.14
O8 KAN T . 45.03 -28.68 -5.62
O9 KAN T . 46.05 -33.00 -5.98
O10 KAN T . 48.07 -35.01 -5.34
O11 KAN T . 47.49 -37.71 -6.19
O12 KAN T . 49.29 -37.46 -4.74
O13 KAN T . 48.90 -39.97 -7.37
O14 KAN T . 48.01 -40.07 -2.57
O15 KAN T . 48.12 -36.36 -1.91
C ACT U . 33.49 -24.79 16.18
O ACT U . 34.36 -24.02 15.76
OXT ACT U . 33.87 -25.87 16.53
CH3 ACT U . 32.01 -24.41 16.25
#